data_5KPE
#
_entry.id   5KPE
#
_entity_poly.entity_id   1
_entity_poly.type   'polypeptide(L)'
_entity_poly.pdbx_seq_one_letter_code
;MQDIVEAAKQAAIAIFQLWKNPTDPEAQELLNKILSPDVLDQVREHARELQKQGIHFEVKRVEVTTDGNTVNVTVELEET
TGGTTTNTTYELRFEVDGDTIRRVTVTQNGGSLEHHHHHH
;
_entity_poly.pdbx_strand_id   A
#
# COMPACT_ATOMS: atom_id res chain seq x y z
N MET A 1 -17.65 -10.08 3.90
CA MET A 1 -16.41 -10.62 4.47
C MET A 1 -16.19 -10.09 5.90
N GLN A 2 -15.79 -11.00 6.81
CA GLN A 2 -15.22 -10.64 8.13
C GLN A 2 -13.68 -10.74 8.05
N ASP A 3 -13.19 -11.24 6.90
CA ASP A 3 -11.76 -11.50 6.64
C ASP A 3 -11.07 -10.22 6.17
N ILE A 4 -11.16 -9.19 7.02
CA ILE A 4 -10.66 -7.83 6.72
C ILE A 4 -9.12 -7.81 6.71
N VAL A 5 -8.49 -8.64 7.57
CA VAL A 5 -7.03 -8.77 7.68
C VAL A 5 -6.44 -9.37 6.39
N GLU A 6 -7.09 -10.46 5.93
CA GLU A 6 -6.70 -11.19 4.71
C GLU A 6 -6.86 -10.28 3.48
N ALA A 7 -8.02 -9.60 3.43
CA ALA A 7 -8.39 -8.70 2.34
C ALA A 7 -7.48 -7.47 2.29
N ALA A 8 -7.05 -6.97 3.45
CA ALA A 8 -6.19 -5.79 3.56
C ALA A 8 -4.78 -6.07 3.04
N LYS A 9 -4.30 -7.31 3.30
CA LYS A 9 -3.02 -7.78 2.78
C LYS A 9 -3.05 -7.77 1.24
N GLN A 10 -4.06 -8.46 0.68
CA GLN A 10 -4.26 -8.58 -0.77
C GLN A 10 -4.45 -7.21 -1.41
N ALA A 11 -5.14 -6.31 -0.68
CA ALA A 11 -5.40 -4.93 -1.11
C ALA A 11 -4.10 -4.14 -1.24
N ALA A 12 -3.27 -4.22 -0.19
CA ALA A 12 -2.00 -3.47 -0.11
C ALA A 12 -1.07 -3.87 -1.26
N ILE A 13 -0.84 -5.19 -1.39
CA ILE A 13 0.06 -5.75 -2.42
C ILE A 13 -0.45 -5.43 -3.83
N ALA A 14 -1.79 -5.50 -4.02
CA ALA A 14 -2.46 -5.21 -5.32
C ALA A 14 -2.29 -3.74 -5.74
N ILE A 15 -2.26 -2.84 -4.75
CA ILE A 15 -1.96 -1.41 -4.97
C ILE A 15 -0.54 -1.24 -5.56
N PHE A 16 0.44 -1.99 -5.01
CA PHE A 16 1.83 -2.01 -5.52
C PHE A 16 1.90 -2.67 -6.92
N GLN A 17 1.00 -3.65 -7.17
CA GLN A 17 0.89 -4.31 -8.48
C GLN A 17 0.40 -3.31 -9.55
N LEU A 18 -0.47 -2.36 -9.13
CA LEU A 18 -0.94 -1.30 -10.02
C LEU A 18 0.18 -0.26 -10.28
N TRP A 19 1.02 0.03 -9.27
CA TRP A 19 2.11 1.03 -9.39
C TRP A 19 3.15 0.62 -10.46
N LYS A 20 3.34 -0.70 -10.63
CA LYS A 20 4.24 -1.27 -11.66
C LYS A 20 3.45 -1.57 -12.96
N ASN A 21 2.15 -1.92 -12.83
CA ASN A 21 1.31 -2.35 -13.96
C ASN A 21 -0.20 -2.14 -13.60
N PRO A 22 -0.78 -0.92 -13.85
CA PRO A 22 -2.20 -0.57 -13.47
C PRO A 22 -3.26 -1.32 -14.29
N THR A 23 -2.81 -2.10 -15.28
CA THR A 23 -3.67 -2.91 -16.14
C THR A 23 -3.77 -4.38 -15.63
N ASP A 24 -3.20 -4.65 -14.42
CA ASP A 24 -3.21 -6.01 -13.83
C ASP A 24 -4.65 -6.44 -13.50
N PRO A 25 -5.19 -7.54 -14.13
CA PRO A 25 -6.60 -7.95 -13.97
C PRO A 25 -6.95 -8.40 -12.55
N GLU A 26 -6.02 -9.13 -11.91
CA GLU A 26 -6.24 -9.72 -10.57
C GLU A 26 -6.27 -8.61 -9.51
N ALA A 27 -5.26 -7.72 -9.60
CA ALA A 27 -5.07 -6.60 -8.66
C ALA A 27 -6.28 -5.67 -8.67
N GLN A 28 -6.63 -5.15 -9.86
CA GLN A 28 -7.73 -4.17 -10.02
C GLN A 28 -9.09 -4.76 -9.60
N GLU A 29 -9.27 -6.08 -9.85
CA GLU A 29 -10.54 -6.78 -9.59
C GLU A 29 -10.78 -6.92 -8.09
N LEU A 30 -9.77 -7.46 -7.38
CA LEU A 30 -9.88 -7.75 -5.94
C LEU A 30 -10.11 -6.45 -5.16
N LEU A 31 -9.41 -5.36 -5.58
CA LEU A 31 -9.55 -4.01 -5.00
C LEU A 31 -10.98 -3.48 -5.16
N ASN A 32 -11.62 -3.82 -6.29
CA ASN A 32 -12.99 -3.38 -6.62
C ASN A 32 -14.03 -4.11 -5.75
N LYS A 33 -13.69 -5.35 -5.35
CA LYS A 33 -14.56 -6.23 -4.56
C LYS A 33 -14.50 -5.89 -3.07
N ILE A 34 -13.29 -5.63 -2.55
CA ILE A 34 -13.05 -5.51 -1.08
C ILE A 34 -12.98 -4.03 -0.60
N LEU A 35 -12.37 -3.17 -1.44
CA LEU A 35 -12.28 -1.72 -1.17
C LEU A 35 -13.37 -0.99 -1.96
N SER A 36 -13.45 0.34 -1.80
CA SER A 36 -14.31 1.19 -2.61
C SER A 36 -13.79 1.24 -4.08
N PRO A 37 -14.69 1.31 -5.10
CA PRO A 37 -14.30 1.51 -6.52
C PRO A 37 -13.51 2.84 -6.73
N ASP A 38 -13.72 3.78 -5.81
CA ASP A 38 -13.00 5.07 -5.77
C ASP A 38 -11.50 4.86 -5.48
N VAL A 39 -11.19 3.87 -4.62
CA VAL A 39 -9.82 3.60 -4.17
C VAL A 39 -8.94 3.07 -5.32
N LEU A 40 -9.44 2.04 -6.05
CA LEU A 40 -8.68 1.44 -7.18
C LEU A 40 -8.39 2.50 -8.26
N ASP A 41 -9.35 3.45 -8.42
CA ASP A 41 -9.30 4.49 -9.45
C ASP A 41 -8.21 5.51 -9.13
N GLN A 42 -8.23 6.05 -7.90
CA GLN A 42 -7.21 7.04 -7.45
C GLN A 42 -5.80 6.42 -7.44
N VAL A 43 -5.72 5.10 -7.12
CA VAL A 43 -4.45 4.36 -7.13
C VAL A 43 -3.87 4.27 -8.56
N ARG A 44 -4.71 3.87 -9.54
CA ARG A 44 -4.25 3.62 -10.93
C ARG A 44 -3.78 4.92 -11.64
N GLU A 45 -4.40 6.07 -11.27
CA GLU A 45 -4.03 7.40 -11.82
C GLU A 45 -2.58 7.74 -11.44
N HIS A 46 -2.30 7.63 -10.13
CA HIS A 46 -0.97 7.93 -9.55
C HIS A 46 0.04 6.83 -9.90
N ALA A 47 -0.47 5.62 -10.18
CA ALA A 47 0.33 4.44 -10.52
C ALA A 47 1.06 4.64 -11.85
N ARG A 48 0.36 5.27 -12.81
CA ARG A 48 0.92 5.66 -14.11
C ARG A 48 2.07 6.67 -13.93
N GLU A 49 1.92 7.55 -12.92
CA GLU A 49 2.87 8.62 -12.63
C GLU A 49 4.15 8.06 -11.96
N LEU A 50 3.97 7.07 -11.05
CA LEU A 50 5.08 6.41 -10.34
C LEU A 50 5.84 5.44 -11.28
N GLN A 51 5.10 4.89 -12.25
CA GLN A 51 5.67 4.07 -13.34
C GLN A 51 6.49 4.95 -14.29
N LYS A 52 5.98 6.17 -14.55
CA LYS A 52 6.64 7.18 -15.40
C LYS A 52 7.83 7.84 -14.68
N GLN A 53 7.79 7.82 -13.33
CA GLN A 53 8.95 8.16 -12.49
C GLN A 53 10.02 7.07 -12.65
N GLY A 54 9.57 5.82 -12.78
CA GLY A 54 10.45 4.66 -12.90
C GLY A 54 10.91 4.16 -11.54
N ILE A 55 10.05 4.35 -10.53
CA ILE A 55 10.32 3.91 -9.15
C ILE A 55 10.30 2.38 -9.10
N HIS A 56 11.49 1.76 -9.15
CA HIS A 56 11.62 0.33 -8.97
C HIS A 56 11.66 0.04 -7.47
N PHE A 57 10.59 -0.56 -6.97
CA PHE A 57 10.49 -1.02 -5.58
C PHE A 57 10.49 -2.55 -5.58
N GLU A 58 10.78 -3.14 -4.43
CA GLU A 58 10.85 -4.60 -4.28
C GLU A 58 10.28 -4.96 -2.90
N VAL A 59 9.12 -5.64 -2.90
CA VAL A 59 8.37 -6.00 -1.68
C VAL A 59 9.13 -7.08 -0.89
N LYS A 60 9.71 -6.68 0.26
CA LYS A 60 10.56 -7.55 1.08
C LYS A 60 9.73 -8.30 2.14
N ARG A 61 8.94 -7.54 2.89
CA ARG A 61 8.20 -8.02 4.06
C ARG A 61 6.77 -7.43 4.02
N VAL A 62 5.75 -8.28 4.27
CA VAL A 62 4.34 -7.86 4.41
C VAL A 62 3.83 -8.38 5.75
N GLU A 63 3.42 -7.47 6.65
CA GLU A 63 2.84 -7.82 7.95
C GLU A 63 1.52 -7.07 8.13
N VAL A 64 0.41 -7.80 8.05
CA VAL A 64 -0.94 -7.23 8.22
C VAL A 64 -1.49 -7.61 9.62
N THR A 65 -2.05 -6.61 10.30
CA THR A 65 -2.53 -6.73 11.69
C THR A 65 -3.72 -5.79 11.90
N THR A 66 -4.45 -5.97 13.01
CA THR A 66 -5.58 -5.11 13.37
C THR A 66 -5.13 -4.02 14.36
N ASP A 67 -5.84 -2.90 14.30
CA ASP A 67 -5.61 -1.73 15.14
C ASP A 67 -7.00 -1.15 15.47
N GLY A 68 -7.63 -1.76 16.50
CA GLY A 68 -9.03 -1.52 16.81
C GLY A 68 -9.94 -2.06 15.70
N ASN A 69 -10.66 -1.15 15.02
CA ASN A 69 -11.51 -1.51 13.86
C ASN A 69 -10.76 -1.28 12.54
N THR A 70 -9.64 -0.54 12.60
CA THR A 70 -8.85 -0.14 11.42
C THR A 70 -7.68 -1.13 11.23
N VAL A 71 -7.62 -1.78 10.07
CA VAL A 71 -6.59 -2.78 9.77
C VAL A 71 -5.34 -2.10 9.14
N ASN A 72 -4.17 -2.35 9.72
CA ASN A 72 -2.90 -1.74 9.28
C ASN A 72 -2.02 -2.80 8.58
N VAL A 73 -1.50 -2.47 7.38
CA VAL A 73 -0.56 -3.34 6.66
C VAL A 73 0.81 -2.64 6.62
N THR A 74 1.72 -3.12 7.46
CA THR A 74 3.11 -2.66 7.51
C THR A 74 3.94 -3.50 6.52
N VAL A 75 4.28 -2.91 5.38
CA VAL A 75 5.04 -3.57 4.32
C VAL A 75 6.36 -2.81 4.07
N GLU A 76 7.48 -3.52 4.25
CA GLU A 76 8.83 -3.00 3.98
C GLU A 76 9.20 -3.28 2.53
N LEU A 77 9.64 -2.24 1.80
CA LEU A 77 10.11 -2.38 0.41
C LEU A 77 11.48 -1.72 0.27
N GLU A 78 12.36 -2.36 -0.51
CA GLU A 78 13.60 -1.74 -0.97
C GLU A 78 13.31 -1.04 -2.31
N GLU A 79 13.36 0.30 -2.30
CA GLU A 79 13.17 1.12 -3.50
C GLU A 79 14.53 1.58 -4.04
N THR A 80 14.90 1.11 -5.24
CA THR A 80 16.08 1.58 -5.96
C THR A 80 15.67 2.79 -6.80
N THR A 81 16.05 3.98 -6.31
CA THR A 81 15.76 5.27 -6.94
C THR A 81 16.99 6.17 -6.80
N GLY A 82 17.35 6.82 -7.91
CA GLY A 82 18.56 7.64 -8.00
C GLY A 82 19.86 6.82 -7.99
N GLY A 83 19.73 5.50 -8.26
CA GLY A 83 20.86 4.56 -8.20
C GLY A 83 21.10 3.99 -6.80
N THR A 84 20.36 4.51 -5.80
CA THR A 84 20.48 4.10 -4.39
C THR A 84 19.27 3.25 -3.97
N THR A 85 19.51 2.02 -3.52
CA THR A 85 18.47 1.15 -2.95
C THR A 85 18.35 1.44 -1.45
N THR A 86 17.19 1.94 -1.02
CA THR A 86 16.93 2.27 0.40
C THR A 86 15.64 1.57 0.88
N ASN A 87 15.56 1.31 2.18
CA ASN A 87 14.37 0.75 2.81
C ASN A 87 13.34 1.86 3.05
N THR A 88 12.10 1.58 2.66
CA THR A 88 10.98 2.50 2.77
C THR A 88 9.73 1.69 3.16
N THR A 89 9.26 1.91 4.39
CA THR A 89 8.12 1.18 4.94
C THR A 89 6.83 1.94 4.63
N TYR A 90 5.90 1.27 3.95
CA TYR A 90 4.56 1.80 3.69
C TYR A 90 3.59 1.12 4.65
N GLU A 91 2.84 1.91 5.42
CA GLU A 91 1.77 1.41 6.27
C GLU A 91 0.44 1.85 5.66
N LEU A 92 -0.24 0.91 4.98
CA LEU A 92 -1.53 1.15 4.36
C LEU A 92 -2.61 0.84 5.41
N ARG A 93 -3.19 1.92 5.93
CA ARG A 93 -4.09 1.88 7.08
C ARG A 93 -5.53 1.96 6.56
N PHE A 94 -6.17 0.78 6.44
CA PHE A 94 -7.50 0.65 5.83
C PHE A 94 -8.57 0.85 6.91
N GLU A 95 -9.27 1.98 6.82
CA GLU A 95 -10.36 2.36 7.72
C GLU A 95 -11.66 1.73 7.17
N VAL A 96 -12.27 0.86 7.98
CA VAL A 96 -13.37 -0.01 7.56
C VAL A 96 -14.75 0.59 7.94
N ASP A 97 -15.76 0.25 7.14
CA ASP A 97 -17.17 0.64 7.36
C ASP A 97 -18.07 -0.60 7.14
N GLY A 98 -18.48 -1.23 8.25
CA GLY A 98 -19.34 -2.41 8.22
C GLY A 98 -18.62 -3.64 7.67
N ASP A 99 -18.85 -3.95 6.39
CA ASP A 99 -18.32 -5.16 5.73
C ASP A 99 -17.19 -4.81 4.74
N THR A 100 -17.14 -3.54 4.32
CA THR A 100 -16.26 -3.07 3.24
C THR A 100 -15.44 -1.85 3.69
N ILE A 101 -14.27 -1.68 3.07
CA ILE A 101 -13.31 -0.62 3.42
C ILE A 101 -13.53 0.59 2.49
N ARG A 102 -13.63 1.80 3.08
CA ARG A 102 -13.93 3.04 2.34
C ARG A 102 -12.66 3.88 2.13
N ARG A 103 -11.78 3.85 3.14
CA ARG A 103 -10.65 4.79 3.24
C ARG A 103 -9.34 4.00 3.42
N VAL A 104 -8.26 4.53 2.84
CA VAL A 104 -6.91 3.96 2.92
C VAL A 104 -5.89 5.09 3.15
N THR A 105 -5.10 4.99 4.23
CA THR A 105 -4.08 6.00 4.56
C THR A 105 -2.70 5.36 4.32
N VAL A 106 -2.05 5.73 3.21
CA VAL A 106 -0.74 5.20 2.84
C VAL A 106 0.34 6.09 3.49
N THR A 107 0.99 5.56 4.52
CA THR A 107 2.01 6.28 5.29
C THR A 107 3.41 5.83 4.82
N GLN A 108 4.10 6.68 4.05
CA GLN A 108 5.45 6.38 3.52
C GLN A 108 6.51 6.83 4.56
N ASN A 109 6.89 5.89 5.43
CA ASN A 109 7.94 6.08 6.44
C ASN A 109 9.28 5.54 5.93
N GLY A 110 10.37 5.94 6.58
CA GLY A 110 11.71 5.54 6.21
C GLY A 110 12.73 6.56 6.71
N GLY A 111 13.40 6.25 7.82
CA GLY A 111 14.36 7.16 8.44
C GLY A 111 15.32 6.43 9.36
N SER A 112 16.40 7.13 9.77
CA SER A 112 17.41 6.56 10.66
C SER A 112 17.07 6.81 12.14
N LEU A 113 16.20 5.95 12.69
CA LEU A 113 15.87 5.90 14.12
C LEU A 113 16.55 4.67 14.77
N GLU A 114 16.97 3.73 13.91
CA GLU A 114 17.60 2.45 14.30
C GLU A 114 19.11 2.62 14.64
N HIS A 115 19.83 1.46 14.74
CA HIS A 115 21.28 1.43 15.01
C HIS A 115 21.98 0.54 13.97
N HIS A 116 22.54 1.20 12.92
CA HIS A 116 23.32 0.59 11.81
C HIS A 116 22.63 -0.65 11.21
N HIS A 117 21.46 -0.43 10.60
CA HIS A 117 20.65 -1.51 10.01
C HIS A 117 21.34 -2.05 8.74
N HIS A 118 21.71 -3.34 8.77
CA HIS A 118 22.31 -4.01 7.61
C HIS A 118 21.28 -4.04 6.48
N HIS A 119 21.55 -3.31 5.39
CA HIS A 119 20.61 -3.18 4.26
C HIS A 119 20.52 -4.50 3.46
N HIS A 120 21.43 -4.67 2.50
CA HIS A 120 21.40 -5.71 1.47
C HIS A 120 22.50 -5.38 0.44
N MET A 1 -18.43 -7.49 3.43
CA MET A 1 -17.84 -8.26 2.33
C MET A 1 -17.35 -9.62 2.89
N GLN A 2 -16.22 -9.57 3.61
CA GLN A 2 -15.54 -10.76 4.19
C GLN A 2 -14.48 -10.27 5.21
N ASP A 3 -13.70 -11.22 5.78
CA ASP A 3 -12.55 -10.95 6.69
C ASP A 3 -11.65 -9.80 6.19
N ILE A 4 -11.58 -8.76 7.03
CA ILE A 4 -10.89 -7.50 6.72
C ILE A 4 -9.34 -7.66 6.74
N VAL A 5 -8.84 -8.61 7.56
CA VAL A 5 -7.39 -8.82 7.74
C VAL A 5 -6.73 -9.24 6.40
N GLU A 6 -7.24 -10.33 5.80
CA GLU A 6 -6.74 -10.88 4.53
C GLU A 6 -7.14 -9.96 3.35
N ALA A 7 -8.33 -9.33 3.45
CA ALA A 7 -8.82 -8.38 2.44
C ALA A 7 -7.83 -7.23 2.25
N ALA A 8 -7.43 -6.62 3.39
CA ALA A 8 -6.51 -5.46 3.40
C ALA A 8 -5.08 -5.85 3.05
N LYS A 9 -4.68 -7.10 3.40
CA LYS A 9 -3.37 -7.64 3.05
C LYS A 9 -3.21 -7.72 1.52
N GLN A 10 -4.13 -8.45 0.88
CA GLN A 10 -4.14 -8.67 -0.58
C GLN A 10 -4.40 -7.35 -1.33
N ALA A 11 -5.14 -6.44 -0.67
CA ALA A 11 -5.39 -5.10 -1.17
C ALA A 11 -4.09 -4.31 -1.30
N ALA A 12 -3.33 -4.30 -0.19
CA ALA A 12 -2.09 -3.54 -0.06
C ALA A 12 -1.04 -3.95 -1.10
N ILE A 13 -0.89 -5.27 -1.30
CA ILE A 13 0.06 -5.85 -2.26
C ILE A 13 -0.37 -5.50 -3.70
N ALA A 14 -1.69 -5.59 -3.97
CA ALA A 14 -2.29 -5.29 -5.29
C ALA A 14 -2.16 -3.80 -5.65
N ILE A 15 -2.11 -2.93 -4.62
CA ILE A 15 -1.87 -1.49 -4.77
C ILE A 15 -0.50 -1.25 -5.43
N PHE A 16 0.53 -1.96 -4.93
CA PHE A 16 1.91 -1.83 -5.43
C PHE A 16 2.10 -2.54 -6.77
N GLN A 17 1.32 -3.62 -7.00
CA GLN A 17 1.27 -4.32 -8.29
C GLN A 17 0.80 -3.37 -9.40
N LEU A 18 -0.18 -2.51 -9.04
CA LEU A 18 -0.68 -1.45 -9.93
C LEU A 18 0.32 -0.27 -10.00
N TRP A 19 0.95 0.08 -8.87
CA TRP A 19 1.89 1.23 -8.79
C TRP A 19 3.13 1.04 -9.69
N LYS A 20 3.55 -0.21 -9.89
CA LYS A 20 4.65 -0.55 -10.82
C LYS A 20 4.10 -0.99 -12.20
N ASN A 21 2.81 -1.39 -12.24
CA ASN A 21 2.15 -1.87 -13.48
C ASN A 21 0.60 -1.72 -13.36
N PRO A 22 0.02 -0.52 -13.75
CA PRO A 22 -1.44 -0.23 -13.59
C PRO A 22 -2.33 -1.07 -14.52
N THR A 23 -1.68 -1.80 -15.45
CA THR A 23 -2.33 -2.64 -16.45
C THR A 23 -2.50 -4.09 -15.95
N ASP A 24 -2.24 -4.33 -14.64
CA ASP A 24 -2.41 -5.68 -14.04
C ASP A 24 -3.92 -5.94 -13.78
N PRO A 25 -4.55 -6.90 -14.54
CA PRO A 25 -6.01 -7.12 -14.47
C PRO A 25 -6.47 -7.67 -13.11
N GLU A 26 -5.75 -8.66 -12.55
CA GLU A 26 -6.20 -9.39 -11.34
C GLU A 26 -6.01 -8.56 -10.07
N ALA A 27 -5.02 -7.64 -10.08
CA ALA A 27 -4.75 -6.74 -8.95
C ALA A 27 -5.94 -5.82 -8.68
N GLN A 28 -6.33 -5.04 -9.71
CA GLN A 28 -7.50 -4.12 -9.66
C GLN A 28 -8.83 -4.89 -9.52
N GLU A 29 -8.85 -6.15 -10.02
CA GLU A 29 -10.05 -7.03 -10.00
C GLU A 29 -10.42 -7.42 -8.56
N LEU A 30 -9.41 -7.84 -7.77
CA LEU A 30 -9.64 -8.24 -6.36
C LEU A 30 -9.97 -7.01 -5.49
N LEU A 31 -9.36 -5.85 -5.84
CA LEU A 31 -9.64 -4.54 -5.18
C LEU A 31 -11.12 -4.13 -5.39
N ASN A 32 -11.70 -4.59 -6.51
CA ASN A 32 -13.09 -4.30 -6.90
C ASN A 32 -14.09 -5.03 -5.98
N LYS A 33 -13.63 -6.15 -5.39
CA LYS A 33 -14.47 -7.04 -4.58
C LYS A 33 -14.38 -6.65 -3.09
N ILE A 34 -13.14 -6.39 -2.62
CA ILE A 34 -12.83 -6.26 -1.17
C ILE A 34 -12.87 -4.79 -0.68
N LEU A 35 -12.53 -3.86 -1.60
CA LEU A 35 -12.51 -2.41 -1.32
C LEU A 35 -13.65 -1.72 -2.07
N SER A 36 -13.80 -0.41 -1.80
CA SER A 36 -14.70 0.46 -2.57
C SER A 36 -14.08 0.73 -3.97
N PRO A 37 -14.91 0.84 -5.06
CA PRO A 37 -14.43 1.17 -6.45
C PRO A 37 -13.55 2.44 -6.53
N ASP A 38 -13.81 3.40 -5.64
CA ASP A 38 -13.07 4.67 -5.57
C ASP A 38 -11.61 4.46 -5.09
N VAL A 39 -11.41 3.45 -4.23
CA VAL A 39 -10.10 3.13 -3.62
C VAL A 39 -9.13 2.55 -4.68
N LEU A 40 -9.64 1.66 -5.56
CA LEU A 40 -8.80 1.05 -6.62
C LEU A 40 -8.47 2.07 -7.72
N ASP A 41 -9.42 3.00 -7.93
CA ASP A 41 -9.32 4.04 -8.97
C ASP A 41 -8.16 4.99 -8.68
N GLN A 42 -8.10 5.51 -7.44
CA GLN A 42 -7.03 6.43 -7.02
C GLN A 42 -5.65 5.74 -7.09
N VAL A 43 -5.61 4.40 -6.84
CA VAL A 43 -4.38 3.60 -6.87
C VAL A 43 -3.77 3.58 -8.30
N ARG A 44 -4.59 3.18 -9.31
CA ARG A 44 -4.11 3.10 -10.72
C ARG A 44 -3.77 4.48 -11.33
N GLU A 45 -4.32 5.55 -10.74
CA GLU A 45 -4.02 6.94 -11.16
C GLU A 45 -2.68 7.43 -10.56
N HIS A 46 -2.44 7.07 -9.28
CA HIS A 46 -1.16 7.38 -8.58
C HIS A 46 -0.02 6.46 -9.10
N ALA A 47 -0.42 5.33 -9.67
CA ALA A 47 0.47 4.33 -10.27
C ALA A 47 1.29 4.92 -11.41
N ARG A 48 0.60 5.71 -12.25
CA ARG A 48 1.16 6.33 -13.44
C ARG A 48 2.22 7.41 -13.08
N GLU A 49 2.17 7.94 -11.84
CA GLU A 49 3.21 8.86 -11.33
C GLU A 49 4.55 8.14 -11.22
N LEU A 50 4.57 7.05 -10.40
CA LEU A 50 5.79 6.26 -10.09
C LEU A 50 6.35 5.58 -11.34
N GLN A 51 5.42 5.25 -12.27
CA GLN A 51 5.74 4.72 -13.61
C GLN A 51 6.62 5.71 -14.41
N LYS A 52 6.17 6.98 -14.45
CA LYS A 52 6.84 8.06 -15.23
C LYS A 52 8.10 8.58 -14.53
N GLN A 53 8.13 8.47 -13.19
CA GLN A 53 9.32 8.77 -12.37
C GLN A 53 10.36 7.65 -12.52
N GLY A 54 9.87 6.44 -12.88
CA GLY A 54 10.72 5.27 -13.10
C GLY A 54 11.28 4.69 -11.82
N ILE A 55 10.58 4.94 -10.70
CA ILE A 55 10.96 4.43 -9.38
C ILE A 55 10.69 2.93 -9.33
N HIS A 56 11.77 2.13 -9.45
CA HIS A 56 11.67 0.69 -9.34
C HIS A 56 11.61 0.31 -7.85
N PHE A 57 10.58 -0.42 -7.47
CA PHE A 57 10.42 -0.97 -6.12
C PHE A 57 9.87 -2.39 -6.25
N GLU A 58 9.89 -3.11 -5.15
CA GLU A 58 9.29 -4.44 -5.04
C GLU A 58 8.80 -4.66 -3.61
N VAL A 59 7.62 -5.26 -3.49
CA VAL A 59 7.01 -5.63 -2.21
C VAL A 59 7.81 -6.81 -1.58
N LYS A 60 8.56 -6.51 -0.51
CA LYS A 60 9.52 -7.45 0.11
C LYS A 60 8.90 -8.21 1.29
N ARG A 61 8.09 -7.51 2.10
CA ARG A 61 7.49 -8.09 3.33
C ARG A 61 6.16 -7.42 3.63
N VAL A 62 5.13 -8.23 3.94
CA VAL A 62 3.76 -7.76 4.25
C VAL A 62 3.32 -8.31 5.61
N GLU A 63 3.09 -7.42 6.57
CA GLU A 63 2.64 -7.79 7.93
C GLU A 63 1.38 -6.96 8.26
N VAL A 64 0.23 -7.64 8.32
CA VAL A 64 -1.08 -6.98 8.50
C VAL A 64 -1.48 -7.00 9.99
N THR A 65 -1.56 -5.77 10.57
CA THR A 65 -1.85 -5.55 12.01
C THR A 65 -3.25 -4.95 12.17
N THR A 66 -4.02 -5.46 13.15
CA THR A 66 -5.35 -4.91 13.47
C THR A 66 -5.22 -3.84 14.57
N ASP A 67 -5.50 -2.58 14.22
CA ASP A 67 -5.43 -1.42 15.16
C ASP A 67 -6.85 -0.92 15.42
N GLY A 68 -7.50 -1.53 16.43
CA GLY A 68 -8.92 -1.30 16.71
C GLY A 68 -9.81 -1.89 15.63
N ASN A 69 -10.64 -1.05 15.00
CA ASN A 69 -11.47 -1.44 13.83
C ASN A 69 -10.69 -1.18 12.52
N THR A 70 -9.63 -0.37 12.61
CA THR A 70 -8.88 0.10 11.43
C THR A 70 -7.65 -0.81 11.21
N VAL A 71 -7.51 -1.37 10.02
CA VAL A 71 -6.45 -2.35 9.72
C VAL A 71 -5.21 -1.66 9.07
N ASN A 72 -4.09 -1.69 9.79
CA ASN A 72 -2.82 -1.07 9.37
C ASN A 72 -1.88 -2.16 8.83
N VAL A 73 -1.74 -2.22 7.50
CA VAL A 73 -0.82 -3.16 6.84
C VAL A 73 0.57 -2.52 6.70
N THR A 74 1.50 -2.97 7.54
CA THR A 74 2.90 -2.53 7.52
C THR A 74 3.67 -3.37 6.49
N VAL A 75 3.98 -2.76 5.35
CA VAL A 75 4.64 -3.44 4.21
C VAL A 75 5.95 -2.72 3.84
N GLU A 76 7.07 -3.48 3.92
CA GLU A 76 8.40 -3.01 3.52
C GLU A 76 8.60 -3.24 2.01
N LEU A 77 9.04 -2.19 1.30
CA LEU A 77 9.41 -2.26 -0.12
C LEU A 77 10.84 -1.77 -0.29
N GLU A 78 11.62 -2.48 -1.10
CA GLU A 78 13.02 -2.11 -1.39
C GLU A 78 13.06 -1.33 -2.71
N GLU A 79 13.24 0.00 -2.60
CA GLU A 79 13.19 0.92 -3.76
C GLU A 79 14.61 1.22 -4.28
N THR A 80 14.88 0.78 -5.53
CA THR A 80 16.05 1.19 -6.30
C THR A 80 15.68 2.43 -7.14
N THR A 81 16.16 3.60 -6.68
CA THR A 81 15.94 4.89 -7.33
C THR A 81 17.31 5.56 -7.63
N GLY A 82 17.55 5.88 -8.94
CA GLY A 82 18.80 6.51 -9.39
C GLY A 82 19.99 5.55 -9.31
N GLY A 83 20.65 5.53 -8.16
CA GLY A 83 21.79 4.65 -7.90
C GLY A 83 21.84 4.18 -6.45
N THR A 84 20.73 4.40 -5.73
CA THR A 84 20.58 3.99 -4.33
C THR A 84 19.44 2.95 -4.22
N THR A 85 19.66 1.93 -3.38
CA THR A 85 18.63 0.93 -3.04
C THR A 85 18.42 0.97 -1.51
N THR A 86 17.20 1.29 -1.06
CA THR A 86 16.89 1.43 0.39
C THR A 86 15.48 0.87 0.67
N ASN A 87 15.33 0.23 1.84
CA ASN A 87 14.05 -0.33 2.30
C ASN A 87 13.17 0.80 2.87
N THR A 88 12.17 1.22 2.08
CA THR A 88 11.18 2.23 2.46
C THR A 88 9.89 1.51 2.87
N THR A 89 9.46 1.73 4.11
CA THR A 89 8.25 1.11 4.66
C THR A 89 7.03 2.00 4.35
N TYR A 90 6.00 1.40 3.75
CA TYR A 90 4.69 2.03 3.59
C TYR A 90 3.72 1.35 4.56
N GLU A 91 3.04 2.15 5.38
CA GLU A 91 2.01 1.65 6.30
C GLU A 91 0.65 2.11 5.78
N LEU A 92 -0.07 1.17 5.18
CA LEU A 92 -1.38 1.39 4.55
C LEU A 92 -2.49 1.16 5.58
N ARG A 93 -3.06 2.26 6.06
CA ARG A 93 -4.11 2.23 7.08
C ARG A 93 -5.48 2.24 6.38
N PHE A 94 -6.09 1.05 6.25
CA PHE A 94 -7.40 0.89 5.62
C PHE A 94 -8.49 1.09 6.66
N GLU A 95 -9.32 2.13 6.46
CA GLU A 95 -10.43 2.43 7.36
C GLU A 95 -11.69 1.67 6.93
N VAL A 96 -12.33 1.01 7.90
CA VAL A 96 -13.53 0.18 7.67
C VAL A 96 -14.79 0.93 8.15
N ASP A 97 -15.92 0.65 7.49
CA ASP A 97 -17.24 1.07 7.95
C ASP A 97 -18.22 -0.07 7.65
N GLY A 98 -18.70 -0.71 8.73
CA GLY A 98 -19.60 -1.85 8.63
C GLY A 98 -18.86 -3.13 8.30
N ASP A 99 -19.07 -3.63 7.08
CA ASP A 99 -18.61 -4.96 6.64
C ASP A 99 -17.52 -4.86 5.54
N THR A 100 -17.25 -3.63 5.05
CA THR A 100 -16.28 -3.40 3.95
C THR A 100 -15.37 -2.19 4.27
N ILE A 101 -14.27 -2.07 3.50
CA ILE A 101 -13.29 -1.00 3.64
C ILE A 101 -13.65 0.14 2.67
N ARG A 102 -13.64 1.38 3.19
CA ARG A 102 -14.06 2.60 2.45
C ARG A 102 -12.84 3.41 1.98
N ARG A 103 -11.74 3.31 2.75
CA ARG A 103 -10.59 4.24 2.62
C ARG A 103 -9.26 3.51 2.87
N VAL A 104 -8.18 4.06 2.28
CA VAL A 104 -6.79 3.67 2.61
C VAL A 104 -5.96 4.96 2.80
N THR A 105 -5.09 4.96 3.81
CA THR A 105 -4.18 6.07 4.11
C THR A 105 -2.74 5.59 3.88
N VAL A 106 -2.09 6.14 2.86
CA VAL A 106 -0.73 5.76 2.47
C VAL A 106 0.28 6.57 3.28
N THR A 107 0.90 5.93 4.28
CA THR A 107 1.88 6.59 5.15
C THR A 107 3.30 6.14 4.73
N GLN A 108 4.06 7.02 4.07
CA GLN A 108 5.42 6.72 3.66
C GLN A 108 6.34 6.96 4.88
N ASN A 109 6.63 5.86 5.59
CA ASN A 109 7.43 5.87 6.82
C ASN A 109 8.91 6.18 6.46
N GLY A 110 9.38 7.34 6.92
CA GLY A 110 10.73 7.83 6.63
C GLY A 110 10.90 9.27 7.07
N GLY A 111 9.90 10.12 6.73
CA GLY A 111 9.85 11.51 7.17
C GLY A 111 9.40 11.60 8.63
N SER A 112 10.05 12.49 9.42
CA SER A 112 9.76 12.67 10.85
C SER A 112 8.31 13.18 11.05
N LEU A 113 7.48 12.35 11.70
CA LEU A 113 6.05 12.62 11.95
C LEU A 113 5.89 13.86 12.85
N GLU A 114 6.87 14.08 13.73
CA GLU A 114 6.92 15.23 14.65
C GLU A 114 8.04 16.20 14.22
N HIS A 115 7.90 17.48 14.61
CA HIS A 115 8.91 18.55 14.39
C HIS A 115 9.07 19.34 15.70
N HIS A 116 10.25 19.24 16.34
CA HIS A 116 10.50 19.85 17.67
C HIS A 116 11.83 20.62 17.69
N HIS A 117 11.82 21.74 18.45
CA HIS A 117 13.00 22.59 18.71
C HIS A 117 12.67 23.54 19.88
N HIS A 118 13.67 23.78 20.76
CA HIS A 118 13.46 24.41 22.09
C HIS A 118 13.42 25.96 22.03
N HIS A 119 13.68 26.53 20.82
CA HIS A 119 13.76 27.99 20.56
C HIS A 119 15.07 28.58 21.12
N HIS A 120 15.22 28.56 22.45
CA HIS A 120 16.47 28.94 23.13
C HIS A 120 17.43 27.71 23.18
N MET A 1 -17.16 -8.32 1.97
CA MET A 1 -15.97 -9.08 2.40
C MET A 1 -15.86 -9.06 3.94
N GLN A 2 -16.32 -10.15 4.58
CA GLN A 2 -16.26 -10.30 6.06
C GLN A 2 -14.83 -10.66 6.53
N ASP A 3 -14.01 -11.20 5.61
CA ASP A 3 -12.59 -11.49 5.85
C ASP A 3 -11.77 -10.19 5.74
N ILE A 4 -11.92 -9.34 6.76
CA ILE A 4 -11.38 -7.97 6.81
C ILE A 4 -9.83 -7.95 6.91
N VAL A 5 -9.26 -8.85 7.74
CA VAL A 5 -7.81 -8.95 7.98
C VAL A 5 -7.06 -9.23 6.66
N GLU A 6 -7.46 -10.34 6.00
CA GLU A 6 -6.84 -10.80 4.76
C GLU A 6 -7.11 -9.83 3.61
N ALA A 7 -8.33 -9.24 3.58
CA ALA A 7 -8.74 -8.30 2.53
C ALA A 7 -7.79 -7.09 2.47
N ALA A 8 -7.52 -6.51 3.65
CA ALA A 8 -6.63 -5.34 3.78
C ALA A 8 -5.20 -5.68 3.35
N LYS A 9 -4.73 -6.89 3.71
CA LYS A 9 -3.37 -7.35 3.38
C LYS A 9 -3.19 -7.57 1.86
N GLN A 10 -4.17 -8.26 1.23
CA GLN A 10 -4.20 -8.56 -0.22
C GLN A 10 -4.36 -7.25 -1.03
N ALA A 11 -5.10 -6.31 -0.45
CA ALA A 11 -5.34 -4.99 -1.03
C ALA A 11 -4.07 -4.16 -1.04
N ALA A 12 -3.30 -4.27 0.06
CA ALA A 12 -2.02 -3.58 0.22
C ALA A 12 -1.03 -3.99 -0.88
N ILE A 13 -0.93 -5.33 -1.07
CA ILE A 13 -0.11 -5.94 -2.13
C ILE A 13 -0.58 -5.45 -3.51
N ALA A 14 -1.91 -5.42 -3.71
CA ALA A 14 -2.57 -5.03 -4.99
C ALA A 14 -2.30 -3.57 -5.38
N ILE A 15 -2.21 -2.70 -4.37
CA ILE A 15 -1.88 -1.27 -4.54
C ILE A 15 -0.47 -1.12 -5.15
N PHE A 16 0.47 -1.97 -4.68
CA PHE A 16 1.86 -2.01 -5.20
C PHE A 16 1.94 -2.72 -6.57
N GLN A 17 1.02 -3.66 -6.81
CA GLN A 17 0.90 -4.35 -8.11
C GLN A 17 0.40 -3.38 -9.20
N LEU A 18 -0.35 -2.35 -8.79
CA LEU A 18 -0.72 -1.23 -9.67
C LEU A 18 0.44 -0.23 -9.77
N TRP A 19 1.09 0.09 -8.64
CA TRP A 19 2.17 1.12 -8.58
C TRP A 19 3.40 0.74 -9.44
N LYS A 20 3.59 -0.57 -9.69
CA LYS A 20 4.65 -1.07 -10.62
C LYS A 20 4.15 -1.02 -12.09
N ASN A 21 2.83 -1.24 -12.27
CA ASN A 21 2.20 -1.43 -13.59
C ASN A 21 0.69 -1.10 -13.45
N PRO A 22 0.26 0.18 -13.73
CA PRO A 22 -1.15 0.63 -13.54
C PRO A 22 -2.20 -0.20 -14.30
N THR A 23 -1.76 -0.82 -15.41
CA THR A 23 -2.63 -1.63 -16.28
C THR A 23 -2.74 -3.08 -15.77
N ASP A 24 -2.32 -3.34 -14.51
CA ASP A 24 -2.39 -4.69 -13.91
C ASP A 24 -3.85 -5.08 -13.64
N PRO A 25 -4.42 -6.08 -14.40
CA PRO A 25 -5.86 -6.42 -14.31
C PRO A 25 -6.24 -7.08 -12.97
N GLU A 26 -5.34 -7.96 -12.47
CA GLU A 26 -5.59 -8.77 -11.27
C GLU A 26 -5.73 -7.89 -10.03
N ALA A 27 -4.85 -6.87 -9.94
CA ALA A 27 -4.74 -5.98 -8.78
C ALA A 27 -6.01 -5.13 -8.59
N GLN A 28 -6.37 -4.37 -9.64
CA GLN A 28 -7.51 -3.41 -9.60
C GLN A 28 -8.88 -4.14 -9.55
N GLU A 29 -8.93 -5.38 -10.10
CA GLU A 29 -10.16 -6.21 -10.07
C GLU A 29 -10.40 -6.78 -8.65
N LEU A 30 -9.32 -7.21 -7.95
CA LEU A 30 -9.45 -7.75 -6.58
C LEU A 30 -9.80 -6.63 -5.59
N LEU A 31 -9.30 -5.40 -5.90
CA LEU A 31 -9.64 -4.16 -5.16
C LEU A 31 -11.13 -3.76 -5.37
N ASN A 32 -11.71 -4.18 -6.51
CA ASN A 32 -13.14 -3.96 -6.80
C ASN A 32 -14.02 -4.87 -5.92
N LYS A 33 -13.47 -6.03 -5.56
CA LYS A 33 -14.18 -7.07 -4.78
C LYS A 33 -14.19 -6.74 -3.27
N ILE A 34 -13.04 -6.27 -2.75
CA ILE A 34 -12.81 -6.13 -1.29
C ILE A 34 -12.83 -4.66 -0.82
N LEU A 35 -12.30 -3.76 -1.65
CA LEU A 35 -12.21 -2.31 -1.36
C LEU A 35 -13.34 -1.53 -2.04
N SER A 36 -13.35 -0.20 -1.81
CA SER A 36 -14.29 0.71 -2.43
C SER A 36 -13.83 1.07 -3.88
N PRO A 37 -14.78 1.30 -4.85
CA PRO A 37 -14.45 1.62 -6.28
C PRO A 37 -13.55 2.87 -6.46
N ASP A 38 -13.70 3.86 -5.55
CA ASP A 38 -12.89 5.10 -5.55
C ASP A 38 -11.41 4.80 -5.28
N VAL A 39 -11.17 3.83 -4.36
CA VAL A 39 -9.81 3.47 -3.89
C VAL A 39 -8.94 2.94 -5.03
N LEU A 40 -9.45 1.93 -5.76
CA LEU A 40 -8.68 1.31 -6.88
C LEU A 40 -8.41 2.34 -7.99
N ASP A 41 -9.37 3.28 -8.16
CA ASP A 41 -9.36 4.27 -9.23
C ASP A 41 -8.26 5.32 -9.00
N GLN A 42 -8.19 5.90 -7.80
CA GLN A 42 -7.15 6.88 -7.44
C GLN A 42 -5.75 6.23 -7.41
N VAL A 43 -5.67 4.97 -6.93
CA VAL A 43 -4.40 4.21 -6.86
C VAL A 43 -3.81 3.97 -8.26
N ARG A 44 -4.65 3.57 -9.22
CA ARG A 44 -4.21 3.24 -10.59
C ARG A 44 -3.83 4.52 -11.38
N GLU A 45 -4.43 5.69 -11.01
CA GLU A 45 -4.08 7.01 -11.59
C GLU A 45 -2.67 7.46 -11.15
N HIS A 46 -2.40 7.32 -9.83
CA HIS A 46 -1.09 7.64 -9.25
C HIS A 46 -0.01 6.69 -9.79
N ALA A 47 -0.44 5.44 -10.02
CA ALA A 47 0.40 4.37 -10.57
C ALA A 47 0.88 4.67 -12.00
N ARG A 48 0.05 5.41 -12.77
CA ARG A 48 0.42 5.88 -14.13
C ARG A 48 1.60 6.85 -14.05
N GLU A 49 1.62 7.66 -12.99
CA GLU A 49 2.69 8.66 -12.75
C GLU A 49 3.98 7.97 -12.29
N LEU A 50 3.83 6.89 -11.51
CA LEU A 50 4.96 6.07 -11.02
C LEU A 50 5.54 5.20 -12.16
N GLN A 51 4.69 4.94 -13.18
CA GLN A 51 5.10 4.26 -14.44
C GLN A 51 5.99 5.21 -15.27
N LYS A 52 5.58 6.50 -15.34
CA LYS A 52 6.33 7.57 -16.05
C LYS A 52 7.73 7.74 -15.45
N GLN A 53 7.79 7.69 -14.11
CA GLN A 53 9.04 7.78 -13.35
C GLN A 53 9.85 6.48 -13.47
N GLY A 54 9.14 5.35 -13.65
CA GLY A 54 9.76 4.03 -13.78
C GLY A 54 10.38 3.55 -12.47
N ILE A 55 9.62 3.69 -11.37
CA ILE A 55 10.09 3.31 -10.02
C ILE A 55 9.96 1.79 -9.84
N HIS A 56 11.11 1.10 -9.79
CA HIS A 56 11.16 -0.33 -9.48
C HIS A 56 11.36 -0.49 -7.97
N PHE A 57 10.39 -1.16 -7.32
CA PHE A 57 10.45 -1.48 -5.88
C PHE A 57 10.13 -2.98 -5.70
N GLU A 58 10.55 -3.53 -4.56
CA GLU A 58 10.33 -4.95 -4.23
C GLU A 58 9.81 -5.07 -2.78
N VAL A 59 8.72 -5.83 -2.59
CA VAL A 59 8.15 -6.09 -1.25
C VAL A 59 9.05 -7.10 -0.50
N LYS A 60 9.55 -6.67 0.66
CA LYS A 60 10.44 -7.46 1.53
C LYS A 60 9.62 -8.18 2.59
N ARG A 61 8.73 -7.41 3.23
CA ARG A 61 7.87 -7.88 4.33
C ARG A 61 6.47 -7.29 4.11
N VAL A 62 5.42 -8.09 4.36
CA VAL A 62 4.04 -7.61 4.39
C VAL A 62 3.32 -8.28 5.59
N GLU A 63 3.07 -7.47 6.62
CA GLU A 63 2.41 -7.91 7.87
C GLU A 63 1.12 -7.12 8.05
N VAL A 64 0.15 -7.74 8.72
CA VAL A 64 -1.20 -7.18 8.93
C VAL A 64 -1.51 -7.15 10.44
N THR A 65 -1.89 -5.97 10.96
CA THR A 65 -2.21 -5.78 12.38
C THR A 65 -3.54 -5.02 12.48
N THR A 66 -4.56 -5.64 13.07
CA THR A 66 -5.88 -5.04 13.22
C THR A 66 -5.93 -4.26 14.55
N ASP A 67 -6.35 -2.98 14.47
CA ASP A 67 -6.42 -2.08 15.63
C ASP A 67 -7.78 -1.37 15.60
N GLY A 68 -8.70 -1.87 16.44
CA GLY A 68 -10.08 -1.38 16.47
C GLY A 68 -10.83 -1.67 15.18
N ASN A 69 -11.13 -0.60 14.41
CA ASN A 69 -11.84 -0.70 13.10
C ASN A 69 -10.94 -0.17 11.96
N THR A 70 -9.62 -0.19 12.19
CA THR A 70 -8.63 0.19 11.19
C THR A 70 -7.50 -0.87 11.14
N VAL A 71 -7.29 -1.46 9.97
CA VAL A 71 -6.30 -2.54 9.79
C VAL A 71 -4.99 -1.95 9.21
N ASN A 72 -4.00 -1.82 10.10
CA ASN A 72 -2.68 -1.26 9.79
C ASN A 72 -1.78 -2.37 9.19
N VAL A 73 -1.64 -2.36 7.86
CA VAL A 73 -0.74 -3.27 7.14
C VAL A 73 0.65 -2.61 7.00
N THR A 74 1.59 -3.12 7.80
CA THR A 74 2.99 -2.66 7.82
C THR A 74 3.80 -3.46 6.79
N VAL A 75 4.19 -2.81 5.70
CA VAL A 75 4.86 -3.46 4.56
C VAL A 75 6.19 -2.71 4.22
N GLU A 76 7.31 -3.44 4.37
CA GLU A 76 8.66 -2.96 4.01
C GLU A 76 8.89 -3.20 2.51
N LEU A 77 9.44 -2.21 1.81
CA LEU A 77 9.82 -2.32 0.38
C LEU A 77 11.18 -1.66 0.15
N GLU A 78 12.00 -2.27 -0.71
CA GLU A 78 13.23 -1.64 -1.21
C GLU A 78 12.97 -1.02 -2.58
N GLU A 79 12.93 0.32 -2.62
CA GLU A 79 12.78 1.07 -3.88
C GLU A 79 14.17 1.29 -4.48
N THR A 80 14.46 0.56 -5.57
CA THR A 80 15.70 0.72 -6.32
C THR A 80 15.42 1.79 -7.39
N THR A 81 15.93 3.00 -7.13
CA THR A 81 15.66 4.20 -7.91
C THR A 81 16.96 5.02 -8.03
N GLY A 82 17.37 5.31 -9.28
CA GLY A 82 18.61 6.03 -9.56
C GLY A 82 19.86 5.22 -9.23
N GLY A 83 19.70 3.88 -9.16
CA GLY A 83 20.78 2.96 -8.77
C GLY A 83 20.83 2.69 -7.27
N THR A 84 20.22 3.58 -6.45
CA THR A 84 20.20 3.45 -4.99
C THR A 84 18.99 2.62 -4.53
N THR A 85 19.27 1.49 -3.86
CA THR A 85 18.26 0.62 -3.27
C THR A 85 17.99 1.09 -1.82
N THR A 86 16.81 1.66 -1.57
CA THR A 86 16.47 2.29 -0.28
C THR A 86 15.26 1.59 0.36
N ASN A 87 15.39 1.20 1.65
CA ASN A 87 14.30 0.57 2.42
C ASN A 87 13.30 1.66 2.86
N THR A 88 12.19 1.76 2.14
CA THR A 88 11.09 2.67 2.44
C THR A 88 9.91 1.85 2.97
N THR A 89 9.54 2.03 4.24
CA THR A 89 8.42 1.31 4.85
C THR A 89 7.13 2.10 4.60
N TYR A 90 6.17 1.46 3.96
CA TYR A 90 4.86 2.04 3.71
C TYR A 90 3.88 1.44 4.71
N GLU A 91 3.12 2.29 5.40
CA GLU A 91 2.11 1.87 6.35
C GLU A 91 0.75 2.13 5.70
N LEU A 92 0.11 1.07 5.20
CA LEU A 92 -1.20 1.17 4.57
C LEU A 92 -2.26 0.87 5.63
N ARG A 93 -2.90 1.94 6.06
CA ARG A 93 -3.80 1.97 7.20
C ARG A 93 -5.25 1.97 6.67
N PHE A 94 -5.90 0.80 6.69
CA PHE A 94 -7.20 0.57 6.02
C PHE A 94 -8.38 0.87 6.97
N GLU A 95 -9.12 1.95 6.68
CA GLU A 95 -10.30 2.35 7.46
C GLU A 95 -11.49 1.48 7.01
N VAL A 96 -11.79 0.43 7.81
CA VAL A 96 -12.84 -0.57 7.47
C VAL A 96 -14.16 -0.22 8.18
N ASP A 97 -15.30 -0.40 7.49
CA ASP A 97 -16.64 -0.14 8.05
C ASP A 97 -17.64 -1.20 7.54
N GLY A 98 -18.18 -1.99 8.49
CA GLY A 98 -19.16 -3.03 8.20
C GLY A 98 -18.55 -4.21 7.44
N ASP A 99 -19.00 -4.38 6.20
CA ASP A 99 -18.64 -5.53 5.34
C ASP A 99 -17.59 -5.15 4.28
N THR A 100 -17.21 -3.87 4.22
CA THR A 100 -16.31 -3.36 3.16
C THR A 100 -15.27 -2.40 3.75
N ILE A 101 -14.08 -2.39 3.12
CA ILE A 101 -13.00 -1.48 3.48
C ILE A 101 -13.16 -0.19 2.67
N ARG A 102 -13.29 0.93 3.39
CA ARG A 102 -13.72 2.22 2.83
C ARG A 102 -12.53 3.04 2.30
N ARG A 103 -11.42 3.05 3.05
CA ARG A 103 -10.26 3.91 2.73
C ARG A 103 -8.94 3.18 3.02
N VAL A 104 -7.84 3.71 2.45
CA VAL A 104 -6.46 3.33 2.80
C VAL A 104 -5.61 4.62 2.91
N THR A 105 -5.08 4.88 4.11
CA THR A 105 -4.12 5.97 4.36
C THR A 105 -2.70 5.40 4.23
N VAL A 106 -2.01 5.69 3.12
CA VAL A 106 -0.66 5.18 2.87
C VAL A 106 0.40 6.23 3.33
N THR A 107 1.03 5.93 4.48
CA THR A 107 2.06 6.78 5.10
C THR A 107 3.45 6.30 4.66
N GLN A 108 4.13 7.10 3.82
CA GLN A 108 5.46 6.78 3.29
C GLN A 108 6.55 7.15 4.32
N ASN A 109 6.95 6.15 5.12
CA ASN A 109 8.01 6.30 6.15
C ASN A 109 9.36 5.90 5.54
N GLY A 110 10.11 6.92 5.08
CA GLY A 110 11.46 6.72 4.52
C GLY A 110 12.57 7.02 5.50
N GLY A 111 12.21 7.12 6.80
CA GLY A 111 13.15 7.42 7.88
C GLY A 111 12.44 7.77 9.17
N SER A 112 13.03 8.67 9.97
CA SER A 112 12.44 9.14 11.24
C SER A 112 12.93 10.58 11.54
N LEU A 113 12.02 11.41 12.09
CA LEU A 113 12.29 12.82 12.46
C LEU A 113 12.49 12.95 13.99
N GLU A 114 12.18 11.86 14.73
CA GLU A 114 12.17 11.86 16.20
C GLU A 114 13.59 12.02 16.77
N HIS A 115 13.71 12.90 17.78
CA HIS A 115 14.94 13.07 18.57
C HIS A 115 14.78 12.39 19.94
N HIS A 116 13.80 11.47 20.03
CA HIS A 116 13.45 10.74 21.27
C HIS A 116 14.64 9.90 21.77
N HIS A 117 15.17 9.03 20.89
CA HIS A 117 16.27 8.12 21.23
C HIS A 117 17.58 8.89 21.48
N HIS A 118 17.80 9.94 20.67
CA HIS A 118 18.99 10.80 20.75
C HIS A 118 18.86 11.85 21.87
N HIS A 119 17.67 11.89 22.55
CA HIS A 119 17.33 12.86 23.63
C HIS A 119 17.10 14.28 23.02
N HIS A 120 18.17 14.87 22.50
CA HIS A 120 18.12 16.17 21.80
C HIS A 120 19.02 16.05 20.55
N MET A 1 -18.76 -10.63 6.16
CA MET A 1 -17.37 -10.51 5.69
C MET A 1 -16.48 -10.23 6.91
N GLN A 2 -15.86 -11.31 7.42
CA GLN A 2 -15.03 -11.29 8.64
C GLN A 2 -13.54 -11.53 8.31
N ASP A 3 -13.16 -11.36 7.04
CA ASP A 3 -11.77 -11.54 6.57
C ASP A 3 -11.11 -10.18 6.28
N ILE A 4 -11.52 -9.14 7.05
CA ILE A 4 -11.01 -7.74 6.93
C ILE A 4 -9.46 -7.69 6.91
N VAL A 5 -8.84 -8.45 7.82
CA VAL A 5 -7.38 -8.57 7.95
C VAL A 5 -6.75 -9.12 6.65
N GLU A 6 -7.36 -10.20 6.11
CA GLU A 6 -6.91 -10.85 4.88
C GLU A 6 -7.05 -9.90 3.68
N ALA A 7 -8.23 -9.26 3.59
CA ALA A 7 -8.58 -8.33 2.50
C ALA A 7 -7.71 -7.06 2.54
N ALA A 8 -7.29 -6.67 3.74
CA ALA A 8 -6.39 -5.53 3.94
C ALA A 8 -5.01 -5.83 3.33
N LYS A 9 -4.54 -7.07 3.59
CA LYS A 9 -3.25 -7.56 3.07
C LYS A 9 -3.32 -7.69 1.53
N GLN A 10 -4.43 -8.27 1.03
CA GLN A 10 -4.69 -8.44 -0.42
C GLN A 10 -4.66 -7.08 -1.13
N ALA A 11 -5.33 -6.10 -0.49
CA ALA A 11 -5.44 -4.73 -1.00
C ALA A 11 -4.08 -4.05 -1.03
N ALA A 12 -3.30 -4.23 0.04
CA ALA A 12 -1.97 -3.60 0.20
C ALA A 12 -1.01 -4.02 -0.92
N ILE A 13 -0.88 -5.36 -1.12
CA ILE A 13 0.01 -5.94 -2.15
C ILE A 13 -0.42 -5.47 -3.55
N ALA A 14 -1.76 -5.49 -3.79
CA ALA A 14 -2.38 -5.14 -5.07
C ALA A 14 -2.16 -3.66 -5.45
N ILE A 15 -2.16 -2.78 -4.42
CA ILE A 15 -1.89 -1.35 -4.58
C ILE A 15 -0.47 -1.13 -5.12
N PHE A 16 0.51 -1.87 -4.58
CA PHE A 16 1.92 -1.77 -5.02
C PHE A 16 2.14 -2.44 -6.39
N GLN A 17 1.37 -3.51 -6.68
CA GLN A 17 1.39 -4.18 -8.00
C GLN A 17 1.00 -3.19 -9.10
N LEU A 18 -0.04 -2.39 -8.79
CA LEU A 18 -0.49 -1.31 -9.68
C LEU A 18 0.56 -0.20 -9.74
N TRP A 19 1.06 0.23 -8.57
CA TRP A 19 2.01 1.38 -8.43
C TRP A 19 3.27 1.23 -9.33
N LYS A 20 3.69 -0.03 -9.59
CA LYS A 20 4.80 -0.33 -10.52
C LYS A 20 4.30 -0.83 -11.91
N ASN A 21 3.05 -1.36 -11.96
CA ASN A 21 2.45 -1.90 -13.21
C ASN A 21 0.89 -1.72 -13.17
N PRO A 22 0.36 -0.51 -13.53
CA PRO A 22 -1.09 -0.19 -13.44
C PRO A 22 -1.99 -0.91 -14.47
N THR A 23 -1.35 -1.60 -15.43
CA THR A 23 -2.06 -2.34 -16.49
C THR A 23 -2.61 -3.69 -15.99
N ASP A 24 -2.19 -4.10 -14.77
CA ASP A 24 -2.60 -5.40 -14.19
C ASP A 24 -4.11 -5.38 -13.82
N PRO A 25 -4.96 -6.26 -14.47
CA PRO A 25 -6.42 -6.28 -14.22
C PRO A 25 -6.80 -6.86 -12.84
N GLU A 26 -6.12 -7.96 -12.42
CA GLU A 26 -6.52 -8.75 -11.23
C GLU A 26 -6.28 -7.98 -9.91
N ALA A 27 -5.23 -7.14 -9.89
CA ALA A 27 -4.86 -6.34 -8.71
C ALA A 27 -5.95 -5.32 -8.37
N GLN A 28 -6.40 -4.59 -9.39
CA GLN A 28 -7.48 -3.59 -9.26
C GLN A 28 -8.88 -4.24 -9.21
N GLU A 29 -8.98 -5.48 -9.73
CA GLU A 29 -10.22 -6.27 -9.71
C GLU A 29 -10.62 -6.64 -8.27
N LEU A 30 -9.62 -7.13 -7.50
CA LEU A 30 -9.85 -7.51 -6.08
C LEU A 30 -10.10 -6.26 -5.22
N LEU A 31 -9.46 -5.12 -5.60
CA LEU A 31 -9.68 -3.80 -4.96
C LEU A 31 -11.13 -3.31 -5.13
N ASN A 32 -11.79 -3.71 -6.23
CA ASN A 32 -13.22 -3.38 -6.49
C ASN A 32 -14.13 -4.14 -5.51
N LYS A 33 -13.70 -5.36 -5.15
CA LYS A 33 -14.50 -6.32 -4.38
C LYS A 33 -14.40 -6.07 -2.86
N ILE A 34 -13.21 -5.63 -2.40
CA ILE A 34 -12.90 -5.52 -0.95
C ILE A 34 -12.83 -4.05 -0.48
N LEU A 35 -12.38 -3.17 -1.39
CA LEU A 35 -12.39 -1.70 -1.22
C LEU A 35 -13.50 -1.12 -2.10
N SER A 36 -13.62 0.22 -2.10
CA SER A 36 -14.52 0.92 -3.02
C SER A 36 -14.02 0.76 -4.48
N PRO A 37 -14.95 0.67 -5.49
CA PRO A 37 -14.56 0.66 -6.93
C PRO A 37 -13.83 1.96 -7.37
N ASP A 38 -13.98 3.02 -6.57
CA ASP A 38 -13.29 4.31 -6.76
C ASP A 38 -11.80 4.20 -6.38
N VAL A 39 -11.50 3.38 -5.35
CA VAL A 39 -10.13 3.21 -4.78
C VAL A 39 -9.17 2.62 -5.81
N LEU A 40 -9.63 1.62 -6.59
CA LEU A 40 -8.77 0.93 -7.59
C LEU A 40 -8.26 1.92 -8.65
N ASP A 41 -9.12 2.91 -8.99
CA ASP A 41 -8.87 3.91 -10.05
C ASP A 41 -7.81 4.91 -9.58
N GLN A 42 -8.01 5.53 -8.41
CA GLN A 42 -7.08 6.55 -7.86
C GLN A 42 -5.66 5.96 -7.62
N VAL A 43 -5.60 4.65 -7.31
CA VAL A 43 -4.34 3.91 -7.11
C VAL A 43 -3.60 3.71 -8.47
N ARG A 44 -4.34 3.24 -9.50
CA ARG A 44 -3.75 2.92 -10.83
C ARG A 44 -3.38 4.19 -11.62
N GLU A 45 -3.99 5.35 -11.28
CA GLU A 45 -3.67 6.64 -11.91
C GLU A 45 -2.43 7.27 -11.24
N HIS A 46 -2.31 7.06 -9.91
CA HIS A 46 -1.08 7.44 -9.16
C HIS A 46 0.10 6.52 -9.55
N ALA A 47 -0.26 5.33 -10.00
CA ALA A 47 0.68 4.33 -10.50
C ALA A 47 1.31 4.78 -11.82
N ARG A 48 0.50 5.42 -12.68
CA ARG A 48 0.96 5.99 -13.96
C ARG A 48 1.97 7.16 -13.72
N GLU A 49 1.93 7.76 -12.52
CA GLU A 49 2.90 8.81 -12.09
C GLU A 49 4.29 8.18 -11.82
N LEU A 50 4.28 7.05 -11.07
CA LEU A 50 5.51 6.27 -10.76
C LEU A 50 6.06 5.56 -12.01
N GLN A 51 5.16 5.34 -12.99
CA GLN A 51 5.47 4.70 -14.27
C GLN A 51 6.33 5.62 -15.18
N LYS A 52 6.18 6.96 -15.00
CA LYS A 52 6.97 7.96 -15.75
C LYS A 52 8.39 8.10 -15.16
N GLN A 53 8.63 7.43 -14.02
CA GLN A 53 9.90 7.48 -13.27
C GLN A 53 10.56 6.10 -13.24
N GLY A 54 11.80 6.05 -12.72
CA GLY A 54 12.55 4.81 -12.58
C GLY A 54 12.45 4.21 -11.19
N ILE A 55 11.35 4.53 -10.45
CA ILE A 55 11.08 3.96 -9.12
C ILE A 55 10.60 2.50 -9.27
N HIS A 56 11.57 1.58 -9.28
CA HIS A 56 11.30 0.12 -9.30
C HIS A 56 11.51 -0.41 -7.87
N PHE A 57 10.42 -0.81 -7.21
CA PHE A 57 10.43 -1.22 -5.79
C PHE A 57 10.01 -2.69 -5.66
N GLU A 58 10.76 -3.45 -4.84
CA GLU A 58 10.50 -4.87 -4.58
C GLU A 58 9.86 -5.04 -3.20
N VAL A 59 8.66 -5.65 -3.18
CA VAL A 59 7.91 -5.95 -1.93
C VAL A 59 8.63 -7.07 -1.18
N LYS A 60 9.39 -6.68 -0.14
CA LYS A 60 10.25 -7.60 0.63
C LYS A 60 9.43 -8.44 1.59
N ARG A 61 8.50 -7.77 2.27
CA ARG A 61 7.65 -8.37 3.29
C ARG A 61 6.34 -7.59 3.35
N VAL A 62 5.23 -8.31 3.57
CA VAL A 62 3.90 -7.73 3.79
C VAL A 62 3.25 -8.43 5.02
N GLU A 63 3.13 -7.70 6.13
CA GLU A 63 2.56 -8.23 7.38
C GLU A 63 1.48 -7.28 7.88
N VAL A 64 0.27 -7.82 8.04
CA VAL A 64 -0.93 -7.06 8.39
C VAL A 64 -1.19 -7.12 9.91
N THR A 65 -1.52 -5.97 10.51
CA THR A 65 -1.74 -5.81 11.97
C THR A 65 -2.96 -4.92 12.21
N THR A 66 -3.81 -5.29 13.17
CA THR A 66 -5.03 -4.54 13.50
C THR A 66 -4.80 -3.56 14.66
N ASP A 67 -5.63 -2.51 14.71
CA ASP A 67 -5.61 -1.49 15.77
C ASP A 67 -7.05 -1.02 15.99
N GLY A 68 -7.72 -1.63 16.99
CA GLY A 68 -9.14 -1.41 17.22
C GLY A 68 -9.99 -1.98 16.07
N ASN A 69 -10.72 -1.10 15.37
CA ASN A 69 -11.54 -1.48 14.20
C ASN A 69 -10.80 -1.20 12.88
N THR A 70 -9.70 -0.43 12.93
CA THR A 70 -8.97 0.03 11.74
C THR A 70 -7.66 -0.76 11.60
N VAL A 71 -7.46 -1.36 10.43
CA VAL A 71 -6.33 -2.26 10.16
C VAL A 71 -5.21 -1.52 9.39
N ASN A 72 -3.96 -1.76 9.82
CA ASN A 72 -2.75 -1.11 9.28
C ASN A 72 -1.79 -2.19 8.79
N VAL A 73 -1.50 -2.23 7.48
CA VAL A 73 -0.58 -3.22 6.90
C VAL A 73 0.84 -2.65 6.85
N THR A 74 1.75 -3.24 7.65
CA THR A 74 3.16 -2.87 7.68
C THR A 74 3.89 -3.69 6.60
N VAL A 75 4.23 -3.03 5.51
CA VAL A 75 4.86 -3.63 4.34
C VAL A 75 6.23 -2.98 4.09
N GLU A 76 7.28 -3.80 4.09
CA GLU A 76 8.65 -3.37 3.83
C GLU A 76 8.97 -3.56 2.34
N LEU A 77 9.57 -2.53 1.71
CA LEU A 77 9.95 -2.56 0.28
C LEU A 77 11.34 -1.94 0.10
N GLU A 78 12.03 -2.34 -0.99
CA GLU A 78 13.30 -1.71 -1.41
C GLU A 78 13.07 -0.92 -2.71
N GLU A 79 13.00 0.42 -2.59
CA GLU A 79 12.76 1.32 -3.73
C GLU A 79 14.08 1.66 -4.42
N THR A 80 14.29 1.08 -5.61
CA THR A 80 15.43 1.40 -6.48
C THR A 80 15.04 2.58 -7.37
N THR A 81 15.54 3.77 -7.01
CA THR A 81 15.22 5.04 -7.68
C THR A 81 16.45 5.95 -7.64
N GLY A 82 16.74 6.60 -8.79
CA GLY A 82 17.97 7.39 -8.97
C GLY A 82 19.24 6.53 -8.96
N GLY A 83 19.08 5.22 -9.24
CA GLY A 83 20.17 4.25 -9.19
C GLY A 83 20.58 3.86 -7.77
N THR A 84 19.74 4.16 -6.77
CA THR A 84 19.98 3.82 -5.35
C THR A 84 18.78 3.06 -4.75
N THR A 85 19.05 1.85 -4.22
CA THR A 85 18.07 0.99 -3.55
C THR A 85 17.98 1.34 -2.05
N THR A 86 16.81 1.85 -1.63
CA THR A 86 16.56 2.33 -0.26
C THR A 86 15.44 1.51 0.41
N ASN A 87 15.67 1.08 1.64
CA ASN A 87 14.68 0.34 2.44
C ASN A 87 13.65 1.32 3.03
N THR A 88 12.37 1.07 2.76
CA THR A 88 11.26 1.98 3.15
C THR A 88 10.04 1.17 3.60
N THR A 89 9.55 1.45 4.82
CA THR A 89 8.33 0.85 5.35
C THR A 89 7.12 1.73 4.99
N TYR A 90 6.08 1.12 4.42
CA TYR A 90 4.77 1.76 4.22
C TYR A 90 3.75 1.14 5.19
N GLU A 91 2.80 1.96 5.66
CA GLU A 91 1.71 1.51 6.54
C GLU A 91 0.38 1.98 5.92
N LEU A 92 -0.33 1.03 5.30
CA LEU A 92 -1.58 1.32 4.58
C LEU A 92 -2.75 1.11 5.57
N ARG A 93 -3.36 2.22 5.97
CA ARG A 93 -4.41 2.23 6.99
C ARG A 93 -5.77 2.07 6.32
N PHE A 94 -6.29 0.84 6.35
CA PHE A 94 -7.60 0.50 5.81
C PHE A 94 -8.66 0.70 6.90
N GLU A 95 -9.50 1.72 6.72
CA GLU A 95 -10.58 2.04 7.67
C GLU A 95 -11.85 1.32 7.20
N VAL A 96 -12.48 0.56 8.11
CA VAL A 96 -13.65 -0.25 7.79
C VAL A 96 -14.95 0.57 7.87
N ASP A 97 -15.86 0.29 6.96
CA ASP A 97 -17.23 0.80 6.97
C ASP A 97 -18.19 -0.40 7.02
N GLY A 98 -18.66 -0.74 8.24
CA GLY A 98 -19.59 -1.83 8.46
C GLY A 98 -18.99 -3.20 8.17
N ASP A 99 -19.44 -3.80 7.05
CA ASP A 99 -19.11 -5.18 6.67
C ASP A 99 -17.85 -5.26 5.76
N THR A 100 -17.50 -4.12 5.14
CA THR A 100 -16.40 -4.03 4.14
C THR A 100 -15.49 -2.83 4.45
N ILE A 101 -14.32 -2.78 3.78
CA ILE A 101 -13.38 -1.64 3.87
C ILE A 101 -13.71 -0.64 2.75
N ARG A 102 -13.74 0.67 3.05
CA ARG A 102 -14.06 1.73 2.06
C ARG A 102 -13.01 2.86 2.06
N ARG A 103 -11.90 2.66 2.81
CA ARG A 103 -10.86 3.70 2.99
C ARG A 103 -9.45 3.08 3.06
N VAL A 104 -8.46 3.84 2.54
CA VAL A 104 -7.03 3.49 2.56
C VAL A 104 -6.18 4.78 2.69
N THR A 105 -5.24 4.80 3.63
CA THR A 105 -4.30 5.93 3.83
C THR A 105 -2.87 5.37 3.82
N VAL A 106 -2.13 5.59 2.73
CA VAL A 106 -0.78 5.03 2.55
C VAL A 106 0.24 5.97 3.20
N THR A 107 0.78 5.54 4.35
CA THR A 107 1.78 6.29 5.11
C THR A 107 3.18 5.76 4.73
N GLN A 108 4.21 6.61 4.83
CA GLN A 108 5.60 6.25 4.47
C GLN A 108 6.56 6.61 5.63
N ASN A 109 7.51 5.70 5.89
CA ASN A 109 8.60 5.89 6.85
C ASN A 109 9.87 6.22 6.07
N GLY A 110 10.02 7.52 5.71
CA GLY A 110 11.18 8.00 4.95
C GLY A 110 12.29 8.47 5.88
N GLY A 111 12.74 7.56 6.76
CA GLY A 111 13.75 7.86 7.76
C GLY A 111 13.79 6.80 8.85
N SER A 112 14.94 6.71 9.53
CA SER A 112 15.18 5.76 10.63
C SER A 112 16.21 6.35 11.61
N LEU A 113 15.90 6.31 12.92
CA LEU A 113 16.79 6.79 13.99
C LEU A 113 17.93 5.77 14.21
N GLU A 114 17.56 4.47 14.18
CA GLU A 114 18.51 3.35 14.18
C GLU A 114 18.27 2.48 12.93
N HIS A 115 19.36 2.11 12.25
CA HIS A 115 19.32 1.32 10.99
C HIS A 115 20.74 0.83 10.69
N HIS A 116 20.89 -0.43 10.23
CA HIS A 116 22.17 -0.95 9.72
C HIS A 116 22.64 -0.07 8.53
N HIS A 117 23.76 0.66 8.75
CA HIS A 117 24.28 1.67 7.82
C HIS A 117 25.01 1.02 6.62
N HIS A 118 24.23 0.34 5.76
CA HIS A 118 24.72 -0.26 4.49
C HIS A 118 24.49 0.73 3.34
N HIS A 119 23.38 1.48 3.45
CA HIS A 119 22.95 2.49 2.46
C HIS A 119 23.61 3.86 2.76
N HIS A 120 24.76 3.83 3.47
CA HIS A 120 25.38 5.00 4.12
C HIS A 120 24.41 5.56 5.21
N MET A 1 -18.82 -10.62 5.17
CA MET A 1 -17.42 -10.67 4.70
C MET A 1 -16.51 -10.30 5.87
N GLN A 2 -16.03 -11.34 6.61
CA GLN A 2 -15.22 -11.18 7.84
C GLN A 2 -13.74 -11.47 7.58
N ASP A 3 -13.33 -11.42 6.29
CA ASP A 3 -11.93 -11.70 5.90
C ASP A 3 -11.10 -10.39 5.88
N ILE A 4 -11.53 -9.41 6.69
CA ILE A 4 -11.02 -8.01 6.70
C ILE A 4 -9.49 -7.91 6.90
N VAL A 5 -8.93 -8.75 7.79
CA VAL A 5 -7.48 -8.81 8.06
C VAL A 5 -6.71 -9.21 6.79
N GLU A 6 -7.17 -10.31 6.15
CA GLU A 6 -6.56 -10.84 4.92
C GLU A 6 -6.85 -9.94 3.72
N ALA A 7 -8.01 -9.26 3.75
CA ALA A 7 -8.47 -8.37 2.68
C ALA A 7 -7.55 -7.16 2.58
N ALA A 8 -7.28 -6.54 3.73
CA ALA A 8 -6.39 -5.37 3.84
C ALA A 8 -4.95 -5.72 3.46
N LYS A 9 -4.52 -6.91 3.89
CA LYS A 9 -3.18 -7.46 3.62
C LYS A 9 -2.93 -7.59 2.09
N GLN A 10 -3.80 -8.36 1.41
CA GLN A 10 -3.71 -8.61 -0.05
C GLN A 10 -3.96 -7.31 -0.84
N ALA A 11 -4.78 -6.41 -0.24
CA ALA A 11 -5.13 -5.12 -0.84
C ALA A 11 -3.92 -4.22 -0.94
N ALA A 12 -3.13 -4.17 0.15
CA ALA A 12 -1.91 -3.37 0.22
C ALA A 12 -0.95 -3.77 -0.90
N ILE A 13 -0.70 -5.09 -1.01
CA ILE A 13 0.21 -5.66 -2.02
C ILE A 13 -0.30 -5.36 -3.45
N ALA A 14 -1.62 -5.50 -3.64
CA ALA A 14 -2.29 -5.28 -4.95
C ALA A 14 -2.23 -3.81 -5.38
N ILE A 15 -2.27 -2.91 -4.39
CA ILE A 15 -2.11 -1.45 -4.60
C ILE A 15 -0.71 -1.16 -5.15
N PHE A 16 0.32 -1.86 -4.62
CA PHE A 16 1.71 -1.74 -5.12
C PHE A 16 1.87 -2.42 -6.49
N GLN A 17 1.09 -3.49 -6.74
CA GLN A 17 1.11 -4.21 -8.02
C GLN A 17 0.58 -3.32 -9.14
N LEU A 18 -0.41 -2.48 -8.81
CA LEU A 18 -0.88 -1.42 -9.71
C LEU A 18 0.17 -0.30 -9.79
N TRP A 19 0.76 0.09 -8.64
CA TRP A 19 1.75 1.21 -8.56
C TRP A 19 3.01 0.96 -9.41
N LYS A 20 3.35 -0.32 -9.65
CA LYS A 20 4.47 -0.70 -10.53
C LYS A 20 3.95 -1.12 -11.93
N ASN A 21 2.67 -1.51 -12.02
CA ASN A 21 2.04 -1.98 -13.27
C ASN A 21 0.52 -1.70 -13.23
N PRO A 22 0.06 -0.49 -13.70
CA PRO A 22 -1.38 -0.08 -13.64
C PRO A 22 -2.31 -0.98 -14.46
N THR A 23 -1.71 -1.71 -15.41
CA THR A 23 -2.43 -2.57 -16.36
C THR A 23 -2.75 -3.97 -15.76
N ASP A 24 -2.49 -4.16 -14.44
CA ASP A 24 -2.73 -5.45 -13.75
C ASP A 24 -4.25 -5.64 -13.50
N PRO A 25 -4.91 -6.59 -14.24
CA PRO A 25 -6.38 -6.79 -14.14
C PRO A 25 -6.82 -7.44 -12.82
N GLU A 26 -5.95 -8.28 -12.24
CA GLU A 26 -6.26 -9.06 -11.03
C GLU A 26 -6.29 -8.14 -9.78
N ALA A 27 -5.31 -7.22 -9.72
CA ALA A 27 -5.12 -6.32 -8.58
C ALA A 27 -6.31 -5.38 -8.40
N GLN A 28 -6.68 -4.70 -9.50
CA GLN A 28 -7.83 -3.77 -9.52
C GLN A 28 -9.17 -4.49 -9.32
N GLU A 29 -9.24 -5.77 -9.74
CA GLU A 29 -10.46 -6.60 -9.62
C GLU A 29 -10.79 -6.88 -8.15
N LEU A 30 -9.79 -7.41 -7.41
CA LEU A 30 -9.96 -7.77 -6.00
C LEU A 30 -10.19 -6.51 -5.15
N LEU A 31 -9.58 -5.38 -5.58
CA LEU A 31 -9.74 -4.05 -4.94
C LEU A 31 -11.15 -3.46 -5.13
N ASN A 32 -11.95 -4.04 -6.03
CA ASN A 32 -13.38 -3.66 -6.18
C ASN A 32 -14.24 -4.48 -5.20
N LYS A 33 -13.75 -5.67 -4.87
CA LYS A 33 -14.45 -6.65 -4.02
C LYS A 33 -14.21 -6.37 -2.53
N ILE A 34 -13.03 -5.82 -2.20
CA ILE A 34 -12.62 -5.59 -0.79
C ILE A 34 -12.42 -4.09 -0.48
N LEU A 35 -11.97 -3.32 -1.48
CA LEU A 35 -11.85 -1.83 -1.39
C LEU A 35 -12.93 -1.18 -2.27
N SER A 36 -12.96 0.15 -2.28
CA SER A 36 -13.88 0.92 -3.14
C SER A 36 -13.41 0.93 -4.62
N PRO A 37 -14.35 1.07 -5.61
CA PRO A 37 -13.98 1.37 -7.03
C PRO A 37 -13.20 2.69 -7.17
N ASP A 38 -13.38 3.57 -6.17
CA ASP A 38 -12.69 4.85 -6.05
C ASP A 38 -11.18 4.64 -5.74
N VAL A 39 -10.89 3.64 -4.87
CA VAL A 39 -9.52 3.34 -4.42
C VAL A 39 -8.67 2.83 -5.59
N LEU A 40 -9.11 1.75 -6.24
CA LEU A 40 -8.37 1.10 -7.35
C LEU A 40 -8.09 2.08 -8.51
N ASP A 41 -8.98 3.09 -8.65
CA ASP A 41 -8.95 4.06 -9.75
C ASP A 41 -7.91 5.16 -9.47
N GLN A 42 -7.83 5.64 -8.21
CA GLN A 42 -6.81 6.63 -7.81
C GLN A 42 -5.43 5.98 -7.69
N VAL A 43 -5.43 4.67 -7.38
CA VAL A 43 -4.21 3.84 -7.25
C VAL A 43 -3.61 3.56 -8.64
N ARG A 44 -4.46 3.27 -9.65
CA ARG A 44 -3.98 2.96 -11.01
C ARG A 44 -3.37 4.21 -11.68
N GLU A 45 -3.88 5.41 -11.32
CA GLU A 45 -3.35 6.68 -11.85
C GLU A 45 -2.14 7.16 -11.02
N HIS A 46 -2.08 6.74 -9.74
CA HIS A 46 -0.90 6.98 -8.87
C HIS A 46 0.32 6.20 -9.39
N ALA A 47 0.02 5.09 -10.08
CA ALA A 47 1.00 4.24 -10.73
C ALA A 47 1.79 5.00 -11.80
N ARG A 48 1.07 5.85 -12.55
CA ARG A 48 1.65 6.65 -13.65
C ARG A 48 2.67 7.67 -13.10
N GLU A 49 2.43 8.17 -11.88
CA GLU A 49 3.33 9.12 -11.20
C GLU A 49 4.72 8.48 -10.97
N LEU A 50 4.69 7.23 -10.50
CA LEU A 50 5.90 6.45 -10.15
C LEU A 50 6.61 5.90 -11.39
N GLN A 51 5.80 5.51 -12.39
CA GLN A 51 6.29 4.94 -13.66
C GLN A 51 6.92 6.05 -14.53
N LYS A 52 6.40 7.28 -14.37
CA LYS A 52 6.94 8.51 -15.00
C LYS A 52 8.38 8.77 -14.51
N GLN A 53 8.61 8.45 -13.23
CA GLN A 53 9.92 8.57 -12.56
C GLN A 53 10.77 7.30 -12.81
N GLY A 54 10.10 6.19 -13.16
CA GLY A 54 10.75 4.91 -13.40
C GLY A 54 11.12 4.16 -12.12
N ILE A 55 10.45 4.52 -11.01
CA ILE A 55 10.70 3.91 -9.69
C ILE A 55 9.95 2.58 -9.58
N HIS A 56 10.67 1.47 -9.77
CA HIS A 56 10.14 0.13 -9.48
C HIS A 56 10.53 -0.27 -8.05
N PHE A 57 9.55 -0.40 -7.17
CA PHE A 57 9.72 -1.00 -5.84
C PHE A 57 9.09 -2.39 -5.83
N GLU A 58 9.52 -3.23 -4.89
CA GLU A 58 9.06 -4.61 -4.80
C GLU A 58 8.68 -4.95 -3.37
N VAL A 59 7.50 -5.58 -3.22
CA VAL A 59 6.91 -5.94 -1.91
C VAL A 59 7.72 -7.07 -1.26
N LYS A 60 8.58 -6.72 -0.29
CA LYS A 60 9.48 -7.69 0.35
C LYS A 60 8.81 -8.35 1.58
N ARG A 61 8.36 -7.51 2.51
CA ARG A 61 7.94 -7.97 3.85
C ARG A 61 6.58 -7.34 4.19
N VAL A 62 5.59 -8.17 4.50
CA VAL A 62 4.21 -7.75 4.81
C VAL A 62 3.84 -8.17 6.25
N GLU A 63 3.41 -7.20 7.06
CA GLU A 63 3.00 -7.44 8.46
C GLU A 63 1.66 -6.73 8.69
N VAL A 64 0.59 -7.52 8.84
CA VAL A 64 -0.77 -7.00 9.00
C VAL A 64 -1.11 -6.91 10.51
N THR A 65 -1.17 -5.69 11.05
CA THR A 65 -1.49 -5.42 12.45
C THR A 65 -2.84 -4.70 12.55
N THR A 66 -3.77 -5.24 13.31
CA THR A 66 -5.09 -4.63 13.51
C THR A 66 -5.05 -3.66 14.69
N ASP A 67 -5.94 -2.67 14.67
CA ASP A 67 -6.07 -1.63 15.70
C ASP A 67 -7.55 -1.24 15.76
N GLY A 68 -8.29 -1.91 16.67
CA GLY A 68 -9.74 -1.83 16.70
C GLY A 68 -10.35 -2.46 15.45
N ASN A 69 -11.07 -1.63 14.66
CA ASN A 69 -11.67 -2.05 13.38
C ASN A 69 -10.72 -1.72 12.21
N THR A 70 -9.71 -0.87 12.48
CA THR A 70 -8.81 -0.32 11.46
C THR A 70 -7.55 -1.19 11.32
N VAL A 71 -7.30 -1.71 10.12
CA VAL A 71 -6.19 -2.62 9.85
C VAL A 71 -5.00 -1.87 9.20
N ASN A 72 -3.90 -1.75 9.96
CA ASN A 72 -2.66 -1.09 9.52
C ASN A 72 -1.70 -2.16 8.96
N VAL A 73 -1.52 -2.18 7.63
CA VAL A 73 -0.56 -3.10 7.00
C VAL A 73 0.81 -2.42 6.87
N THR A 74 1.74 -2.81 7.75
CA THR A 74 3.12 -2.35 7.75
C THR A 74 3.94 -3.24 6.80
N VAL A 75 4.29 -2.70 5.65
CA VAL A 75 4.95 -3.44 4.56
C VAL A 75 6.22 -2.68 4.11
N GLU A 76 7.37 -3.38 4.12
CA GLU A 76 8.66 -2.84 3.69
C GLU A 76 8.89 -3.24 2.23
N LEU A 77 9.19 -2.24 1.40
CA LEU A 77 9.52 -2.41 -0.02
C LEU A 77 10.91 -1.88 -0.29
N GLU A 78 11.53 -2.37 -1.36
CA GLU A 78 12.84 -1.87 -1.82
C GLU A 78 12.66 -1.09 -3.13
N GLU A 79 12.77 0.25 -3.03
CA GLU A 79 12.54 1.17 -4.14
C GLU A 79 13.82 1.34 -4.98
N THR A 80 13.73 0.98 -6.26
CA THR A 80 14.79 1.17 -7.23
C THR A 80 14.60 2.56 -7.87
N THR A 81 15.38 3.53 -7.39
CA THR A 81 15.26 4.95 -7.75
C THR A 81 16.63 5.62 -7.69
N GLY A 82 17.01 6.33 -8.78
CA GLY A 82 18.29 7.07 -8.85
C GLY A 82 19.53 6.18 -8.76
N GLY A 83 19.36 4.90 -9.18
CA GLY A 83 20.45 3.91 -9.12
C GLY A 83 20.70 3.35 -7.74
N THR A 84 19.78 3.60 -6.79
CA THR A 84 19.87 3.12 -5.40
C THR A 84 18.65 2.25 -5.06
N THR A 85 18.83 1.26 -4.18
CA THR A 85 17.75 0.39 -3.70
C THR A 85 17.58 0.62 -2.19
N THR A 86 16.50 1.32 -1.79
CA THR A 86 16.27 1.70 -0.38
C THR A 86 15.08 0.92 0.20
N ASN A 87 15.24 0.49 1.45
CA ASN A 87 14.15 -0.13 2.23
C ASN A 87 13.26 0.98 2.81
N THR A 88 12.09 1.20 2.20
CA THR A 88 11.11 2.20 2.68
C THR A 88 9.84 1.47 3.13
N THR A 89 9.40 1.79 4.36
CA THR A 89 8.23 1.16 4.97
C THR A 89 6.96 1.98 4.70
N TYR A 90 5.99 1.37 4.02
CA TYR A 90 4.67 1.97 3.80
C TYR A 90 3.68 1.27 4.73
N GLU A 91 2.89 2.06 5.46
CA GLU A 91 1.84 1.54 6.34
C GLU A 91 0.50 2.03 5.81
N LEU A 92 -0.24 1.11 5.18
CA LEU A 92 -1.53 1.42 4.58
C LEU A 92 -2.60 1.15 5.63
N ARG A 93 -3.20 2.25 6.11
CA ARG A 93 -4.19 2.22 7.17
C ARG A 93 -5.57 2.07 6.52
N PHE A 94 -6.07 0.84 6.53
CA PHE A 94 -7.37 0.48 5.96
C PHE A 94 -8.46 0.69 7.02
N GLU A 95 -9.26 1.74 6.82
CA GLU A 95 -10.33 2.12 7.74
C GLU A 95 -11.65 1.59 7.15
N VAL A 96 -12.19 0.55 7.81
CA VAL A 96 -13.26 -0.31 7.28
C VAL A 96 -14.67 0.25 7.55
N ASP A 97 -15.60 -0.08 6.67
CA ASP A 97 -17.02 0.32 6.75
C ASP A 97 -17.89 -0.89 6.41
N GLY A 98 -18.49 -1.51 7.45
CA GLY A 98 -19.38 -2.67 7.28
C GLY A 98 -18.65 -3.97 6.96
N ASP A 99 -18.78 -4.43 5.70
CA ASP A 99 -18.17 -5.71 5.23
C ASP A 99 -17.06 -5.45 4.20
N THR A 100 -16.78 -4.17 3.94
CA THR A 100 -15.78 -3.74 2.97
C THR A 100 -14.91 -2.65 3.59
N ILE A 101 -13.78 -2.38 2.96
CA ILE A 101 -12.88 -1.29 3.33
C ILE A 101 -13.13 -0.14 2.34
N ARG A 102 -13.77 0.93 2.80
CA ARG A 102 -14.11 2.07 1.96
C ARG A 102 -12.95 3.07 1.86
N ARG A 103 -12.12 3.14 2.91
CA ARG A 103 -11.16 4.25 3.11
C ARG A 103 -9.76 3.68 3.40
N VAL A 104 -8.71 4.34 2.89
CA VAL A 104 -7.31 3.91 3.06
C VAL A 104 -6.38 5.14 3.13
N THR A 105 -5.36 5.06 4.00
CA THR A 105 -4.33 6.11 4.17
C THR A 105 -2.95 5.50 3.85
N VAL A 106 -2.07 6.27 3.19
CA VAL A 106 -0.69 5.82 2.87
C VAL A 106 0.32 6.59 3.74
N THR A 107 0.94 5.88 4.70
CA THR A 107 1.98 6.45 5.59
C THR A 107 3.38 5.98 5.12
N GLN A 108 4.14 6.89 4.48
CA GLN A 108 5.49 6.58 3.95
C GLN A 108 6.55 6.89 5.03
N ASN A 109 6.94 5.84 5.76
CA ASN A 109 8.01 5.89 6.77
C ASN A 109 9.38 5.77 6.07
N GLY A 110 9.92 6.92 5.64
CA GLY A 110 11.29 7.02 5.12
C GLY A 110 12.28 7.40 6.21
N GLY A 111 11.74 8.03 7.28
CA GLY A 111 12.53 8.44 8.44
C GLY A 111 12.12 7.68 9.69
N SER A 112 12.78 6.54 9.94
CA SER A 112 12.49 5.65 11.08
C SER A 112 13.32 6.05 12.34
N LEU A 113 13.61 7.35 12.48
CA LEU A 113 14.44 7.89 13.58
C LEU A 113 13.62 8.12 14.87
N GLU A 114 12.30 7.86 14.80
CA GLU A 114 11.37 8.00 15.94
C GLU A 114 11.44 6.78 16.88
N HIS A 115 10.56 6.76 17.89
CA HIS A 115 10.48 5.68 18.90
C HIS A 115 9.04 5.15 18.90
N HIS A 116 8.79 4.09 18.10
CA HIS A 116 7.49 3.40 18.04
C HIS A 116 7.22 2.70 19.39
N HIS A 117 8.13 1.79 19.75
CA HIS A 117 8.16 1.15 21.07
C HIS A 117 8.95 2.06 22.03
N HIS A 118 8.29 3.14 22.49
CA HIS A 118 8.92 4.18 23.33
C HIS A 118 9.08 3.67 24.77
N HIS A 119 10.26 3.12 25.06
CA HIS A 119 10.61 2.58 26.37
C HIS A 119 10.86 3.72 27.39
N HIS A 120 10.37 3.50 28.62
CA HIS A 120 10.65 4.37 29.78
C HIS A 120 11.70 3.67 30.67
N MET A 1 -16.80 -11.23 0.87
CA MET A 1 -15.94 -10.14 1.40
C MET A 1 -16.49 -9.60 2.73
N GLN A 2 -16.13 -10.30 3.82
CA GLN A 2 -16.31 -9.83 5.21
C GLN A 2 -14.97 -10.04 5.97
N ASP A 3 -13.97 -10.56 5.23
CA ASP A 3 -12.67 -10.98 5.77
C ASP A 3 -11.75 -9.76 5.86
N ILE A 4 -12.09 -8.87 6.80
CA ILE A 4 -11.50 -7.54 7.01
C ILE A 4 -9.95 -7.55 6.99
N VAL A 5 -9.36 -8.50 7.75
CA VAL A 5 -7.90 -8.62 7.92
C VAL A 5 -7.24 -9.00 6.58
N GLU A 6 -7.70 -10.13 6.01
CA GLU A 6 -7.06 -10.78 4.85
C GLU A 6 -7.33 -10.00 3.54
N ALA A 7 -8.48 -9.33 3.50
CA ALA A 7 -8.89 -8.50 2.35
C ALA A 7 -7.96 -7.29 2.22
N ALA A 8 -7.69 -6.63 3.35
CA ALA A 8 -6.81 -5.45 3.43
C ALA A 8 -5.35 -5.81 3.15
N LYS A 9 -4.95 -7.01 3.55
CA LYS A 9 -3.61 -7.57 3.30
C LYS A 9 -3.38 -7.74 1.78
N GLN A 10 -4.37 -8.36 1.10
CA GLN A 10 -4.38 -8.53 -0.37
C GLN A 10 -4.50 -7.18 -1.10
N ALA A 11 -5.20 -6.24 -0.46
CA ALA A 11 -5.41 -4.88 -0.98
C ALA A 11 -4.08 -4.13 -1.07
N ALA A 12 -3.29 -4.22 0.01
CA ALA A 12 -1.98 -3.57 0.12
C ALA A 12 -1.04 -4.02 -1.01
N ILE A 13 -0.96 -5.34 -1.19
CA ILE A 13 -0.12 -5.98 -2.22
C ILE A 13 -0.60 -5.58 -3.63
N ALA A 14 -1.94 -5.53 -3.82
CA ALA A 14 -2.58 -5.16 -5.10
C ALA A 14 -2.28 -3.70 -5.50
N ILE A 15 -2.22 -2.82 -4.47
CA ILE A 15 -1.88 -1.40 -4.63
C ILE A 15 -0.46 -1.25 -5.22
N PHE A 16 0.48 -2.08 -4.73
CA PHE A 16 1.88 -2.06 -5.20
C PHE A 16 2.03 -2.74 -6.57
N GLN A 17 1.18 -3.74 -6.85
CA GLN A 17 1.15 -4.45 -8.15
C GLN A 17 0.69 -3.50 -9.26
N LEU A 18 -0.20 -2.54 -8.91
CA LEU A 18 -0.60 -1.45 -9.81
C LEU A 18 0.51 -0.41 -9.94
N TRP A 19 1.07 0.03 -8.80
CA TRP A 19 2.11 1.09 -8.75
C TRP A 19 3.39 0.72 -9.55
N LYS A 20 3.66 -0.60 -9.69
CA LYS A 20 4.76 -1.10 -10.54
C LYS A 20 4.26 -1.45 -11.96
N ASN A 21 2.99 -1.85 -12.07
CA ASN A 21 2.40 -2.35 -13.32
C ASN A 21 0.89 -1.95 -13.38
N PRO A 22 0.56 -0.71 -13.88
CA PRO A 22 -0.84 -0.18 -13.86
C PRO A 22 -1.78 -0.92 -14.82
N THR A 23 -1.18 -1.75 -15.70
CA THR A 23 -1.89 -2.55 -16.69
C THR A 23 -2.37 -3.88 -16.11
N ASP A 24 -2.18 -4.08 -14.78
CA ASP A 24 -2.61 -5.31 -14.08
C ASP A 24 -4.14 -5.25 -13.84
N PRO A 25 -4.95 -6.11 -14.53
CA PRO A 25 -6.43 -6.08 -14.41
C PRO A 25 -6.92 -6.72 -13.10
N GLU A 26 -6.11 -7.66 -12.55
CA GLU A 26 -6.48 -8.49 -11.41
C GLU A 26 -6.43 -7.70 -10.10
N ALA A 27 -5.35 -6.91 -9.95
CA ALA A 27 -5.07 -6.13 -8.75
C ALA A 27 -6.18 -5.10 -8.49
N GLN A 28 -6.55 -4.36 -9.54
CA GLN A 28 -7.60 -3.32 -9.46
C GLN A 28 -9.01 -3.93 -9.41
N GLU A 29 -9.17 -5.16 -9.94
CA GLU A 29 -10.47 -5.87 -9.95
C GLU A 29 -10.85 -6.33 -8.53
N LEU A 30 -9.89 -6.94 -7.82
CA LEU A 30 -10.11 -7.43 -6.45
C LEU A 30 -10.34 -6.26 -5.48
N LEU A 31 -9.73 -5.11 -5.81
CA LEU A 31 -9.90 -3.83 -5.07
C LEU A 31 -11.31 -3.24 -5.25
N ASN A 32 -12.08 -3.74 -6.24
CA ASN A 32 -13.50 -3.36 -6.43
C ASN A 32 -14.39 -4.18 -5.48
N LYS A 33 -13.92 -5.40 -5.17
CA LYS A 33 -14.65 -6.40 -4.37
C LYS A 33 -14.48 -6.13 -2.87
N ILE A 34 -13.27 -5.70 -2.47
CA ILE A 34 -12.88 -5.54 -1.03
C ILE A 34 -12.85 -4.06 -0.61
N LEU A 35 -12.43 -3.19 -1.55
CA LEU A 35 -12.38 -1.72 -1.36
C LEU A 35 -13.44 -1.06 -2.26
N SER A 36 -13.58 0.27 -2.12
CA SER A 36 -14.46 1.06 -2.98
C SER A 36 -13.86 1.22 -4.40
N PRO A 37 -14.70 1.26 -5.48
CA PRO A 37 -14.24 1.57 -6.87
C PRO A 37 -13.39 2.85 -6.99
N ASP A 38 -13.69 3.84 -6.12
CA ASP A 38 -12.94 5.11 -6.00
C ASP A 38 -11.47 4.86 -5.59
N VAL A 39 -11.28 3.90 -4.67
CA VAL A 39 -9.98 3.60 -4.06
C VAL A 39 -9.03 2.94 -5.08
N LEU A 40 -9.54 1.94 -5.84
CA LEU A 40 -8.71 1.25 -6.87
C LEU A 40 -8.30 2.23 -7.98
N ASP A 41 -9.17 3.23 -8.21
CA ASP A 41 -8.98 4.25 -9.23
C ASP A 41 -7.80 5.16 -8.85
N GLN A 42 -7.86 5.79 -7.66
CA GLN A 42 -6.81 6.71 -7.20
C GLN A 42 -5.42 6.03 -7.12
N VAL A 43 -5.43 4.72 -6.81
CA VAL A 43 -4.22 3.88 -6.78
C VAL A 43 -3.63 3.74 -8.20
N ARG A 44 -4.47 3.32 -9.17
CA ARG A 44 -4.02 3.09 -10.56
C ARG A 44 -3.65 4.40 -11.27
N GLU A 45 -4.17 5.54 -10.78
CA GLU A 45 -3.82 6.88 -11.31
C GLU A 45 -2.39 7.27 -10.91
N HIS A 46 -2.05 7.06 -9.63
CA HIS A 46 -0.68 7.26 -9.11
C HIS A 46 0.29 6.25 -9.73
N ALA A 47 -0.24 5.08 -10.08
CA ALA A 47 0.49 4.02 -10.78
C ALA A 47 0.93 4.45 -12.19
N ARG A 48 0.04 5.20 -12.88
CA ARG A 48 0.30 5.75 -14.23
C ARG A 48 1.40 6.84 -14.21
N GLU A 49 1.58 7.47 -13.04
CA GLU A 49 2.61 8.51 -12.80
C GLU A 49 3.97 7.86 -12.51
N LEU A 50 3.96 6.85 -11.61
CA LEU A 50 5.15 6.05 -11.24
C LEU A 50 5.63 5.18 -12.43
N GLN A 51 4.71 4.95 -13.39
CA GLN A 51 4.99 4.24 -14.66
C GLN A 51 6.00 5.05 -15.53
N LYS A 52 5.89 6.39 -15.46
CA LYS A 52 6.76 7.30 -16.20
C LYS A 52 8.08 7.54 -15.45
N GLN A 53 8.01 7.52 -14.11
CA GLN A 53 9.15 7.81 -13.22
C GLN A 53 10.04 6.55 -13.08
N GLY A 54 11.36 6.76 -12.92
CA GLY A 54 12.33 5.67 -12.80
C GLY A 54 12.46 5.16 -11.37
N ILE A 55 11.33 4.73 -10.78
CA ILE A 55 11.25 4.17 -9.42
C ILE A 55 10.87 2.68 -9.52
N HIS A 56 11.86 1.80 -9.29
CA HIS A 56 11.61 0.35 -9.23
C HIS A 56 11.66 -0.10 -7.76
N PHE A 57 10.52 -0.47 -7.20
CA PHE A 57 10.42 -0.95 -5.80
C PHE A 57 10.02 -2.42 -5.80
N GLU A 58 10.24 -3.09 -4.66
CA GLU A 58 9.76 -4.45 -4.44
C GLU A 58 9.48 -4.67 -2.96
N VAL A 59 8.39 -5.38 -2.67
CA VAL A 59 8.00 -5.77 -1.31
C VAL A 59 8.95 -6.85 -0.78
N LYS A 60 9.61 -6.57 0.36
CA LYS A 60 10.54 -7.51 1.01
C LYS A 60 9.91 -8.12 2.28
N ARG A 61 8.84 -7.49 2.78
CA ARG A 61 8.25 -7.81 4.10
C ARG A 61 6.84 -7.23 4.21
N VAL A 62 5.89 -8.05 4.68
CA VAL A 62 4.51 -7.63 5.01
C VAL A 62 4.20 -8.04 6.46
N GLU A 63 3.60 -7.13 7.25
CA GLU A 63 3.13 -7.42 8.62
C GLU A 63 1.73 -6.81 8.78
N VAL A 64 0.70 -7.66 8.86
CA VAL A 64 -0.70 -7.20 9.01
C VAL A 64 -1.14 -7.38 10.49
N THR A 65 -1.56 -6.26 11.12
CA THR A 65 -2.10 -6.24 12.48
C THR A 65 -3.27 -5.22 12.53
N THR A 66 -4.38 -5.60 13.16
CA THR A 66 -5.61 -4.80 13.21
C THR A 66 -5.74 -4.06 14.54
N ASP A 67 -6.09 -2.77 14.45
CA ASP A 67 -6.37 -1.89 15.59
C ASP A 67 -7.86 -1.47 15.53
N GLY A 68 -8.66 -2.03 16.46
CA GLY A 68 -10.11 -1.82 16.49
C GLY A 68 -10.83 -2.66 15.43
N ASN A 69 -11.33 -1.99 14.38
CA ASN A 69 -11.88 -2.64 13.17
C ASN A 69 -10.97 -2.31 11.96
N THR A 70 -10.05 -1.35 12.17
CA THR A 70 -9.21 -0.77 11.12
C THR A 70 -7.90 -1.58 11.01
N VAL A 71 -7.55 -1.98 9.78
CA VAL A 71 -6.38 -2.82 9.52
C VAL A 71 -5.14 -1.94 9.28
N ASN A 72 -3.98 -2.40 9.76
CA ASN A 72 -2.69 -1.72 9.58
C ASN A 72 -1.72 -2.69 8.90
N VAL A 73 -1.33 -2.41 7.66
CA VAL A 73 -0.32 -3.21 6.95
C VAL A 73 1.01 -2.46 6.92
N THR A 74 1.95 -2.89 7.78
CA THR A 74 3.32 -2.40 7.80
C THR A 74 4.15 -3.25 6.82
N VAL A 75 4.46 -2.65 5.66
CA VAL A 75 5.15 -3.33 4.55
C VAL A 75 6.47 -2.61 4.26
N GLU A 76 7.58 -3.36 4.37
CA GLU A 76 8.91 -2.87 4.02
C GLU A 76 9.11 -3.05 2.51
N LEU A 77 9.25 -1.93 1.80
CA LEU A 77 9.60 -1.93 0.37
C LEU A 77 11.08 -1.60 0.24
N GLU A 78 11.64 -1.94 -0.91
CA GLU A 78 13.04 -1.71 -1.22
C GLU A 78 13.08 -1.09 -2.62
N GLU A 79 13.34 0.23 -2.67
CA GLU A 79 13.19 1.03 -3.89
C GLU A 79 14.58 1.37 -4.48
N THR A 80 14.91 0.70 -5.60
CA THR A 80 16.07 1.02 -6.42
C THR A 80 15.65 2.09 -7.44
N THR A 81 16.08 3.32 -7.19
CA THR A 81 15.78 4.49 -8.04
C THR A 81 17.08 5.31 -8.19
N GLY A 82 17.47 5.55 -9.46
CA GLY A 82 18.73 6.24 -9.79
C GLY A 82 19.97 5.44 -9.39
N GLY A 83 19.81 4.10 -9.34
CA GLY A 83 20.86 3.17 -8.92
C GLY A 83 20.92 2.95 -7.41
N THR A 84 20.20 3.79 -6.65
CA THR A 84 20.23 3.77 -5.17
C THR A 84 19.09 2.90 -4.63
N THR A 85 19.44 1.76 -4.01
CA THR A 85 18.49 0.84 -3.38
C THR A 85 18.26 1.27 -1.91
N THR A 86 17.08 1.82 -1.62
CA THR A 86 16.75 2.36 -0.28
C THR A 86 15.43 1.74 0.22
N ASN A 87 15.48 1.14 1.42
CA ASN A 87 14.30 0.52 2.05
C ASN A 87 13.39 1.59 2.67
N THR A 88 12.18 1.69 2.10
CA THR A 88 11.16 2.66 2.51
C THR A 88 9.92 1.89 3.02
N THR A 89 9.55 2.12 4.29
CA THR A 89 8.42 1.43 4.93
C THR A 89 7.12 2.21 4.66
N TYR A 90 6.15 1.55 4.02
CA TYR A 90 4.81 2.12 3.79
C TYR A 90 3.87 1.45 4.80
N GLU A 91 3.01 2.24 5.44
CA GLU A 91 2.01 1.74 6.41
C GLU A 91 0.62 2.08 5.87
N LEU A 92 -0.05 1.08 5.30
CA LEU A 92 -1.37 1.25 4.68
C LEU A 92 -2.44 0.90 5.71
N ARG A 93 -3.08 1.92 6.26
CA ARG A 93 -4.11 1.75 7.28
C ARG A 93 -5.49 1.76 6.59
N PHE A 94 -6.06 0.55 6.43
CA PHE A 94 -7.33 0.34 5.74
C PHE A 94 -8.49 0.50 6.71
N GLU A 95 -9.23 1.61 6.55
CA GLU A 95 -10.34 1.96 7.44
C GLU A 95 -11.65 1.41 6.87
N VAL A 96 -12.31 0.55 7.66
CA VAL A 96 -13.51 -0.19 7.23
C VAL A 96 -14.79 0.51 7.71
N ASP A 97 -15.84 0.38 6.91
CA ASP A 97 -17.19 0.85 7.25
C ASP A 97 -18.13 -0.36 7.23
N GLY A 98 -18.28 -0.97 8.40
CA GLY A 98 -19.08 -2.18 8.58
C GLY A 98 -18.33 -3.43 8.18
N ASP A 99 -18.94 -4.26 7.31
CA ASP A 99 -18.40 -5.57 6.92
C ASP A 99 -17.52 -5.51 5.66
N THR A 100 -17.21 -4.29 5.19
CA THR A 100 -16.33 -4.06 4.03
C THR A 100 -15.39 -2.86 4.30
N ILE A 101 -14.32 -2.78 3.50
CA ILE A 101 -13.29 -1.74 3.63
C ILE A 101 -13.62 -0.61 2.64
N ARG A 102 -13.43 0.64 3.06
CA ARG A 102 -13.86 1.83 2.27
C ARG A 102 -12.73 2.83 2.05
N ARG A 103 -11.79 2.93 3.00
CA ARG A 103 -10.72 3.94 2.95
C ARG A 103 -9.35 3.29 3.18
N VAL A 104 -8.29 4.01 2.79
CA VAL A 104 -6.89 3.63 3.04
C VAL A 104 -6.04 4.90 3.27
N THR A 105 -5.13 4.85 4.23
CA THR A 105 -4.15 5.91 4.47
C THR A 105 -2.74 5.31 4.35
N VAL A 106 -2.07 5.61 3.23
CA VAL A 106 -0.73 5.12 2.95
C VAL A 106 0.30 6.11 3.53
N THR A 107 0.92 5.74 4.66
CA THR A 107 1.94 6.56 5.32
C THR A 107 3.33 6.09 4.88
N GLN A 108 3.95 6.86 3.99
CA GLN A 108 5.26 6.55 3.41
C GLN A 108 6.37 7.07 4.34
N ASN A 109 6.87 6.19 5.22
CA ASN A 109 8.04 6.50 6.07
C ASN A 109 9.30 6.37 5.20
N GLY A 110 9.74 7.52 4.63
CA GLY A 110 10.96 7.59 3.82
C GLY A 110 12.21 7.64 4.67
N GLY A 111 12.39 6.62 5.52
CA GLY A 111 13.45 6.58 6.51
C GLY A 111 13.07 5.68 7.68
N SER A 112 14.04 4.98 8.24
CA SER A 112 13.83 4.05 9.37
C SER A 112 14.40 4.64 10.67
N LEU A 113 14.10 3.98 11.79
CA LEU A 113 14.70 4.30 13.10
C LEU A 113 16.14 3.75 13.20
N GLU A 114 16.48 2.84 12.24
CA GLU A 114 17.82 2.27 12.08
C GLU A 114 18.84 3.38 11.71
N HIS A 115 19.73 3.70 12.65
CA HIS A 115 20.78 4.73 12.46
C HIS A 115 22.10 4.24 13.07
N HIS A 116 23.21 4.86 12.65
CA HIS A 116 24.54 4.62 13.24
C HIS A 116 24.91 5.82 14.12
N HIS A 117 25.20 6.96 13.48
CA HIS A 117 25.58 8.23 14.16
C HIS A 117 25.11 9.43 13.31
N HIS A 118 25.62 10.65 13.65
CA HIS A 118 25.29 11.91 12.96
C HIS A 118 23.80 12.27 13.16
N HIS A 119 23.34 12.10 14.41
CA HIS A 119 21.94 12.35 14.82
C HIS A 119 21.56 13.84 14.58
N HIS A 120 22.54 14.74 14.70
CA HIS A 120 22.38 16.17 14.34
C HIS A 120 23.47 16.55 13.32
N MET A 1 -17.00 -8.22 2.43
CA MET A 1 -16.66 -9.65 2.67
C MET A 1 -16.02 -9.81 4.06
N GLN A 2 -16.61 -10.73 4.87
CA GLN A 2 -16.25 -10.93 6.29
C GLN A 2 -14.93 -11.71 6.43
N ASP A 3 -13.84 -10.99 6.14
CA ASP A 3 -12.46 -11.49 6.19
C ASP A 3 -11.50 -10.31 5.98
N ILE A 4 -11.91 -9.15 6.54
CA ILE A 4 -11.28 -7.82 6.33
C ILE A 4 -9.74 -7.83 6.50
N VAL A 5 -9.23 -8.61 7.47
CA VAL A 5 -7.77 -8.66 7.77
C VAL A 5 -7.00 -9.24 6.56
N GLU A 6 -7.51 -10.36 6.03
CA GLU A 6 -6.97 -11.03 4.84
C GLU A 6 -7.20 -10.15 3.59
N ALA A 7 -8.40 -9.56 3.49
CA ALA A 7 -8.82 -8.70 2.37
C ALA A 7 -7.92 -7.45 2.25
N ALA A 8 -7.54 -6.89 3.41
CA ALA A 8 -6.69 -5.69 3.50
C ALA A 8 -5.23 -6.01 3.18
N LYS A 9 -4.83 -7.23 3.53
CA LYS A 9 -3.49 -7.78 3.22
C LYS A 9 -3.34 -8.00 1.70
N GLN A 10 -4.43 -8.48 1.06
CA GLN A 10 -4.51 -8.62 -0.40
C GLN A 10 -4.52 -7.25 -1.07
N ALA A 11 -5.26 -6.31 -0.45
CA ALA A 11 -5.45 -4.94 -0.96
C ALA A 11 -4.12 -4.18 -1.05
N ALA A 12 -3.33 -4.27 0.03
CA ALA A 12 -2.03 -3.58 0.14
C ALA A 12 -1.09 -3.95 -1.01
N ILE A 13 -0.93 -5.27 -1.21
CA ILE A 13 -0.02 -5.83 -2.22
C ILE A 13 -0.56 -5.58 -3.64
N ALA A 14 -1.90 -5.56 -3.81
CA ALA A 14 -2.57 -5.29 -5.11
C ALA A 14 -2.39 -3.84 -5.57
N ILE A 15 -2.32 -2.92 -4.60
CA ILE A 15 -1.99 -1.51 -4.83
C ILE A 15 -0.57 -1.41 -5.45
N PHE A 16 0.37 -2.23 -4.93
CA PHE A 16 1.77 -2.26 -5.41
C PHE A 16 1.88 -2.98 -6.78
N GLN A 17 0.98 -3.94 -7.03
CA GLN A 17 0.84 -4.61 -8.34
C GLN A 17 0.45 -3.59 -9.43
N LEU A 18 -0.38 -2.61 -9.03
CA LEU A 18 -0.74 -1.47 -9.87
C LEU A 18 0.44 -0.47 -10.00
N TRP A 19 1.16 -0.22 -8.89
CA TRP A 19 2.31 0.73 -8.89
C TRP A 19 3.44 0.30 -9.85
N LYS A 20 3.59 -1.02 -10.05
CA LYS A 20 4.57 -1.59 -11.00
C LYS A 20 3.91 -1.90 -12.37
N ASN A 21 2.57 -2.07 -12.39
CA ASN A 21 1.79 -2.36 -13.62
C ASN A 21 0.31 -1.91 -13.41
N PRO A 22 -0.03 -0.61 -13.73
CA PRO A 22 -1.38 -0.03 -13.41
C PRO A 22 -2.54 -0.65 -14.20
N THR A 23 -2.20 -1.33 -15.31
CA THR A 23 -3.18 -1.98 -16.18
C THR A 23 -3.46 -3.44 -15.73
N ASP A 24 -3.03 -3.80 -14.50
CA ASP A 24 -3.19 -5.17 -13.95
C ASP A 24 -4.68 -5.44 -13.66
N PRO A 25 -5.35 -6.37 -14.42
CA PRO A 25 -6.80 -6.62 -14.28
C PRO A 25 -7.17 -7.38 -12.99
N GLU A 26 -6.23 -8.21 -12.48
CA GLU A 26 -6.45 -9.04 -11.30
C GLU A 26 -6.41 -8.21 -10.01
N ALA A 27 -5.43 -7.29 -9.95
CA ALA A 27 -5.22 -6.39 -8.81
C ALA A 27 -6.45 -5.51 -8.58
N GLN A 28 -6.86 -4.77 -9.63
CA GLN A 28 -8.02 -3.86 -9.57
C GLN A 28 -9.36 -4.62 -9.38
N GLU A 29 -9.40 -5.90 -9.83
CA GLU A 29 -10.59 -6.78 -9.68
C GLU A 29 -10.92 -6.97 -8.19
N LEU A 30 -9.92 -7.46 -7.42
CA LEU A 30 -10.11 -7.75 -6.00
C LEU A 30 -10.30 -6.44 -5.21
N LEU A 31 -9.60 -5.35 -5.63
CA LEU A 31 -9.74 -4.00 -5.03
C LEU A 31 -11.16 -3.42 -5.19
N ASN A 32 -11.85 -3.82 -6.27
CA ASN A 32 -13.25 -3.38 -6.54
C ASN A 32 -14.22 -4.06 -5.56
N LYS A 33 -13.89 -5.32 -5.22
CA LYS A 33 -14.72 -6.19 -4.38
C LYS A 33 -14.55 -5.86 -2.87
N ILE A 34 -13.30 -5.55 -2.45
CA ILE A 34 -12.96 -5.38 -1.02
C ILE A 34 -12.99 -3.89 -0.59
N LEU A 35 -12.47 -3.01 -1.48
CA LEU A 35 -12.42 -1.56 -1.26
C LEU A 35 -13.57 -0.89 -2.06
N SER A 36 -13.60 0.45 -2.03
CA SER A 36 -14.44 1.24 -2.94
C SER A 36 -13.81 1.25 -4.36
N PRO A 37 -14.61 1.27 -5.47
CA PRO A 37 -14.08 1.37 -6.86
C PRO A 37 -13.37 2.73 -7.13
N ASP A 38 -13.69 3.72 -6.29
CA ASP A 38 -13.03 5.04 -6.26
C ASP A 38 -11.57 4.94 -5.78
N VAL A 39 -11.31 3.97 -4.89
CA VAL A 39 -9.97 3.76 -4.29
C VAL A 39 -8.99 3.23 -5.35
N LEU A 40 -9.39 2.19 -6.10
CA LEU A 40 -8.53 1.65 -7.19
C LEU A 40 -8.34 2.70 -8.29
N ASP A 41 -9.36 3.57 -8.47
CA ASP A 41 -9.39 4.61 -9.50
C ASP A 41 -8.34 5.71 -9.24
N GLN A 42 -8.17 6.09 -7.96
CA GLN A 42 -7.13 7.08 -7.56
C GLN A 42 -5.73 6.41 -7.51
N VAL A 43 -5.70 5.10 -7.13
CA VAL A 43 -4.44 4.31 -7.04
C VAL A 43 -3.78 4.17 -8.43
N ARG A 44 -4.59 3.79 -9.44
CA ARG A 44 -4.07 3.50 -10.80
C ARG A 44 -3.42 4.75 -11.45
N GLU A 45 -3.90 5.95 -11.11
CA GLU A 45 -3.35 7.22 -11.64
C GLU A 45 -1.94 7.52 -11.07
N HIS A 46 -1.78 7.40 -9.75
CA HIS A 46 -0.48 7.57 -9.07
C HIS A 46 0.50 6.46 -9.49
N ALA A 47 -0.07 5.29 -9.77
CA ALA A 47 0.65 4.11 -10.26
C ALA A 47 1.25 4.36 -11.66
N ARG A 48 0.47 5.04 -12.52
CA ARG A 48 0.91 5.42 -13.88
C ARG A 48 2.04 6.45 -13.83
N GLU A 49 2.06 7.30 -12.80
CA GLU A 49 3.11 8.32 -12.61
C GLU A 49 4.43 7.67 -12.18
N LEU A 50 4.33 6.56 -11.42
CA LEU A 50 5.48 5.74 -11.03
C LEU A 50 6.00 4.91 -12.23
N GLN A 51 5.06 4.52 -13.13
CA GLN A 51 5.39 3.81 -14.40
C GLN A 51 6.08 4.77 -15.37
N LYS A 52 5.63 6.04 -15.37
CA LYS A 52 6.21 7.13 -16.19
C LYS A 52 7.70 7.35 -15.80
N GLN A 53 7.96 7.22 -14.49
CA GLN A 53 9.31 7.33 -13.91
C GLN A 53 9.99 5.95 -13.87
N GLY A 54 11.26 5.93 -13.42
CA GLY A 54 12.02 4.69 -13.23
C GLY A 54 12.14 4.35 -11.76
N ILE A 55 11.09 4.68 -10.99
CA ILE A 55 11.03 4.38 -9.55
C ILE A 55 10.69 2.90 -9.36
N HIS A 56 11.72 2.11 -9.05
CA HIS A 56 11.58 0.67 -8.81
C HIS A 56 11.42 0.44 -7.30
N PHE A 57 10.73 -0.64 -6.93
CA PHE A 57 10.58 -1.07 -5.53
C PHE A 57 10.50 -2.60 -5.47
N GLU A 58 10.73 -3.17 -4.29
CA GLU A 58 10.60 -4.61 -4.06
C GLU A 58 9.99 -4.87 -2.68
N VAL A 59 9.03 -5.81 -2.63
CA VAL A 59 8.41 -6.25 -1.38
C VAL A 59 9.44 -7.04 -0.54
N LYS A 60 9.69 -6.55 0.68
CA LYS A 60 10.72 -7.10 1.60
C LYS A 60 10.05 -7.76 2.81
N ARG A 61 9.05 -7.07 3.36
CA ARG A 61 8.30 -7.50 4.55
C ARG A 61 6.81 -7.18 4.35
N VAL A 62 5.91 -8.13 4.69
CA VAL A 62 4.45 -7.90 4.74
C VAL A 62 3.95 -8.34 6.13
N GLU A 63 3.46 -7.39 6.93
CA GLU A 63 2.88 -7.66 8.24
C GLU A 63 1.49 -7.03 8.31
N VAL A 64 0.49 -7.79 8.77
CA VAL A 64 -0.89 -7.32 8.87
C VAL A 64 -1.34 -7.38 10.34
N THR A 65 -1.51 -6.21 10.96
CA THR A 65 -1.96 -6.07 12.35
C THR A 65 -3.37 -5.47 12.36
N THR A 66 -4.06 -5.58 13.51
CA THR A 66 -5.39 -4.97 13.71
C THR A 66 -5.33 -3.98 14.87
N ASP A 67 -6.07 -2.87 14.71
CA ASP A 67 -6.15 -1.76 15.68
C ASP A 67 -7.61 -1.31 15.71
N GLY A 68 -8.36 -1.93 16.64
CA GLY A 68 -9.81 -1.88 16.62
C GLY A 68 -10.34 -2.75 15.48
N ASN A 69 -11.16 -2.15 14.61
CA ASN A 69 -11.59 -2.79 13.34
C ASN A 69 -10.72 -2.30 12.17
N THR A 70 -9.86 -1.30 12.42
CA THR A 70 -9.01 -0.70 11.40
C THR A 70 -7.70 -1.48 11.30
N VAL A 71 -7.41 -2.00 10.09
CA VAL A 71 -6.25 -2.85 9.83
C VAL A 71 -5.04 -1.95 9.48
N ASN A 72 -3.87 -2.28 10.04
CA ASN A 72 -2.61 -1.57 9.81
C ASN A 72 -1.60 -2.54 9.19
N VAL A 73 -1.43 -2.46 7.87
CA VAL A 73 -0.47 -3.30 7.14
C VAL A 73 0.88 -2.57 7.06
N THR A 74 1.84 -3.02 7.87
CA THR A 74 3.22 -2.55 7.81
C THR A 74 3.97 -3.40 6.77
N VAL A 75 4.19 -2.83 5.59
CA VAL A 75 4.83 -3.51 4.45
C VAL A 75 6.06 -2.69 4.02
N GLU A 76 7.24 -3.30 4.17
CA GLU A 76 8.53 -2.68 3.80
C GLU A 76 8.80 -2.91 2.30
N LEU A 77 9.02 -1.81 1.55
CA LEU A 77 9.38 -1.87 0.12
C LEU A 77 10.73 -1.16 -0.09
N GLU A 78 11.71 -1.90 -0.60
CA GLU A 78 13.05 -1.38 -0.86
C GLU A 78 13.07 -0.78 -2.27
N GLU A 79 13.01 0.55 -2.33
CA GLU A 79 12.85 1.33 -3.56
C GLU A 79 14.21 1.66 -4.18
N THR A 80 14.51 1.03 -5.34
CA THR A 80 15.69 1.37 -6.14
C THR A 80 15.27 2.47 -7.13
N THR A 81 15.60 3.72 -6.80
CA THR A 81 15.18 4.90 -7.58
C THR A 81 16.26 5.99 -7.50
N GLY A 82 16.44 6.73 -8.61
CA GLY A 82 17.46 7.77 -8.72
C GLY A 82 18.89 7.20 -8.79
N GLY A 83 19.00 5.88 -9.05
CA GLY A 83 20.30 5.19 -9.12
C GLY A 83 20.77 4.67 -7.76
N THR A 84 19.94 4.83 -6.72
CA THR A 84 20.25 4.33 -5.36
C THR A 84 19.13 3.41 -4.85
N THR A 85 19.48 2.42 -4.01
CA THR A 85 18.52 1.49 -3.41
C THR A 85 18.29 1.89 -1.95
N THR A 86 17.11 2.47 -1.70
CA THR A 86 16.66 2.92 -0.37
C THR A 86 15.67 1.89 0.20
N ASN A 87 15.99 1.31 1.36
CA ASN A 87 15.08 0.41 2.08
C ASN A 87 14.04 1.25 2.83
N THR A 88 12.82 1.30 2.27
CA THR A 88 11.72 2.14 2.76
C THR A 88 10.61 1.25 3.35
N THR A 89 9.81 1.79 4.28
CA THR A 89 8.61 1.14 4.81
C THR A 89 7.37 1.97 4.40
N TYR A 90 6.25 1.27 4.20
CA TYR A 90 4.92 1.86 3.92
C TYR A 90 3.92 1.25 4.91
N GLU A 91 3.13 2.11 5.53
CA GLU A 91 2.07 1.68 6.46
C GLU A 91 0.72 2.05 5.84
N LEU A 92 0.00 1.04 5.33
CA LEU A 92 -1.32 1.21 4.71
C LEU A 92 -2.41 0.87 5.74
N ARG A 93 -3.07 1.91 6.27
CA ARG A 93 -4.10 1.76 7.29
C ARG A 93 -5.49 1.71 6.65
N PHE A 94 -6.04 0.50 6.56
CA PHE A 94 -7.35 0.24 5.95
C PHE A 94 -8.46 0.41 6.99
N GLU A 95 -9.23 1.50 6.84
CA GLU A 95 -10.30 1.87 7.78
C GLU A 95 -11.65 1.41 7.20
N VAL A 96 -12.36 0.61 8.00
CA VAL A 96 -13.51 -0.17 7.55
C VAL A 96 -14.84 0.54 7.89
N ASP A 97 -15.84 0.25 7.06
CA ASP A 97 -17.22 0.71 7.24
C ASP A 97 -18.17 -0.46 6.92
N GLY A 98 -18.64 -1.11 7.99
CA GLY A 98 -19.53 -2.26 7.87
C GLY A 98 -18.82 -3.55 7.47
N ASP A 99 -19.04 -3.99 6.23
CA ASP A 99 -18.52 -5.26 5.67
C ASP A 99 -17.47 -5.00 4.56
N THR A 100 -17.28 -3.71 4.22
CA THR A 100 -16.34 -3.27 3.17
C THR A 100 -15.40 -2.19 3.72
N ILE A 101 -14.21 -2.07 3.12
CA ILE A 101 -13.21 -1.05 3.50
C ILE A 101 -13.38 0.16 2.54
N ARG A 102 -13.41 1.39 3.08
CA ARG A 102 -13.70 2.61 2.27
C ARG A 102 -12.50 3.59 2.28
N ARG A 103 -11.45 3.23 3.03
CA ARG A 103 -10.30 4.10 3.28
C ARG A 103 -9.01 3.27 3.33
N VAL A 104 -7.97 3.76 2.64
CA VAL A 104 -6.59 3.28 2.79
C VAL A 104 -5.69 4.51 2.97
N THR A 105 -5.02 4.60 4.13
CA THR A 105 -4.06 5.67 4.42
C THR A 105 -2.66 5.14 4.13
N VAL A 106 -2.09 5.54 2.99
CA VAL A 106 -0.75 5.09 2.57
C VAL A 106 0.29 6.12 3.05
N THR A 107 1.04 5.78 4.10
CA THR A 107 2.09 6.65 4.64
C THR A 107 3.47 6.03 4.36
N GLN A 108 4.33 6.79 3.66
CA GLN A 108 5.73 6.39 3.42
C GLN A 108 6.53 6.58 4.72
N ASN A 109 6.69 5.48 5.48
CA ASN A 109 7.49 5.47 6.71
C ASN A 109 8.98 5.33 6.33
N GLY A 110 9.55 6.47 5.89
CA GLY A 110 10.96 6.54 5.51
C GLY A 110 11.78 7.31 6.53
N GLY A 111 11.47 7.08 7.83
CA GLY A 111 12.16 7.76 8.92
C GLY A 111 11.68 7.27 10.28
N SER A 112 11.92 5.97 10.55
CA SER A 112 11.52 5.32 11.80
C SER A 112 12.41 5.80 12.98
N LEU A 113 11.82 6.51 13.96
CA LEU A 113 12.56 7.09 15.11
C LEU A 113 12.32 6.30 16.42
N GLU A 114 11.53 5.21 16.34
CA GLU A 114 11.10 4.45 17.53
C GLU A 114 12.26 3.60 18.09
N HIS A 115 13.05 4.22 18.99
CA HIS A 115 14.12 3.54 19.76
C HIS A 115 13.73 3.63 21.25
N HIS A 116 13.33 2.47 21.82
CA HIS A 116 12.81 2.36 23.21
C HIS A 116 11.47 3.15 23.37
N HIS A 117 10.92 3.71 22.26
CA HIS A 117 9.78 4.64 22.29
C HIS A 117 8.44 3.87 22.38
N HIS A 118 8.23 3.29 23.57
CA HIS A 118 7.06 2.48 24.00
C HIS A 118 7.44 1.81 25.32
N HIS A 119 6.60 1.97 26.35
CA HIS A 119 6.84 1.36 27.66
C HIS A 119 6.41 -0.12 27.62
N HIS A 120 7.31 -0.95 27.05
CA HIS A 120 7.11 -2.39 26.91
C HIS A 120 8.50 -3.02 26.65
N MET A 1 -18.58 -7.27 3.41
CA MET A 1 -17.40 -7.94 2.87
C MET A 1 -16.76 -8.76 4.00
N GLN A 2 -16.88 -10.10 3.92
CA GLN A 2 -16.46 -11.03 4.98
C GLN A 2 -14.92 -11.09 5.06
N ASP A 3 -14.39 -11.11 6.31
CA ASP A 3 -12.95 -11.14 6.62
C ASP A 3 -12.26 -9.83 6.18
N ILE A 4 -12.02 -8.96 7.15
CA ILE A 4 -11.38 -7.65 6.96
C ILE A 4 -9.86 -7.79 6.74
N VAL A 5 -9.23 -8.71 7.50
CA VAL A 5 -7.75 -8.83 7.53
C VAL A 5 -7.21 -9.33 6.18
N GLU A 6 -7.84 -10.40 5.66
CA GLU A 6 -7.47 -11.01 4.38
C GLU A 6 -7.64 -9.99 3.24
N ALA A 7 -8.74 -9.21 3.32
CA ALA A 7 -9.04 -8.13 2.38
C ALA A 7 -7.93 -7.06 2.40
N ALA A 8 -7.53 -6.66 3.61
CA ALA A 8 -6.51 -5.61 3.81
C ALA A 8 -5.13 -6.07 3.29
N LYS A 9 -4.85 -7.37 3.44
CA LYS A 9 -3.57 -7.98 3.03
C LYS A 9 -3.47 -8.08 1.50
N GLN A 10 -4.54 -8.60 0.88
CA GLN A 10 -4.68 -8.73 -0.59
C GLN A 10 -4.64 -7.35 -1.26
N ALA A 11 -5.34 -6.40 -0.65
CA ALA A 11 -5.46 -5.03 -1.13
C ALA A 11 -4.11 -4.30 -1.10
N ALA A 12 -3.37 -4.50 0.01
CA ALA A 12 -2.03 -3.90 0.21
C ALA A 12 -1.09 -4.25 -0.95
N ILE A 13 -0.99 -5.56 -1.25
CA ILE A 13 -0.17 -6.09 -2.35
C ILE A 13 -0.65 -5.51 -3.71
N ALA A 14 -1.98 -5.55 -3.92
CA ALA A 14 -2.63 -5.16 -5.19
C ALA A 14 -2.43 -3.68 -5.55
N ILE A 15 -2.37 -2.83 -4.51
CA ILE A 15 -2.12 -1.39 -4.65
C ILE A 15 -0.71 -1.16 -5.25
N PHE A 16 0.29 -1.92 -4.76
CA PHE A 16 1.67 -1.84 -5.27
C PHE A 16 1.80 -2.46 -6.67
N GLN A 17 0.99 -3.52 -6.92
CA GLN A 17 0.98 -4.23 -8.21
C GLN A 17 0.52 -3.30 -9.34
N LEU A 18 -0.45 -2.44 -9.04
CA LEU A 18 -0.94 -1.41 -9.98
C LEU A 18 0.06 -0.25 -10.09
N TRP A 19 0.70 0.12 -8.98
CA TRP A 19 1.66 1.25 -8.94
C TRP A 19 2.90 1.00 -9.84
N LYS A 20 3.30 -0.27 -10.01
CA LYS A 20 4.42 -0.65 -10.91
C LYS A 20 3.90 -1.20 -12.26
N ASN A 21 2.60 -1.56 -12.32
CA ASN A 21 1.96 -2.13 -13.53
C ASN A 21 0.43 -1.87 -13.46
N PRO A 22 -0.05 -0.65 -13.91
CA PRO A 22 -1.50 -0.26 -13.84
C PRO A 22 -2.37 -1.09 -14.81
N THR A 23 -1.71 -1.81 -15.72
CA THR A 23 -2.35 -2.64 -16.74
C THR A 23 -2.78 -4.01 -16.19
N ASP A 24 -2.44 -4.33 -14.92
CA ASP A 24 -2.83 -5.62 -14.29
C ASP A 24 -4.33 -5.59 -13.93
N PRO A 25 -5.19 -6.41 -14.60
CA PRO A 25 -6.65 -6.40 -14.38
C PRO A 25 -7.07 -7.06 -13.04
N GLU A 26 -6.33 -8.11 -12.62
CA GLU A 26 -6.72 -8.95 -11.47
C GLU A 26 -6.42 -8.25 -10.14
N ALA A 27 -5.37 -7.41 -10.12
CA ALA A 27 -4.98 -6.64 -8.94
C ALA A 27 -6.05 -5.59 -8.60
N GLN A 28 -6.54 -4.89 -9.65
CA GLN A 28 -7.61 -3.88 -9.50
C GLN A 28 -9.00 -4.54 -9.38
N GLU A 29 -9.12 -5.79 -9.91
CA GLU A 29 -10.38 -6.57 -9.83
C GLU A 29 -10.73 -6.89 -8.37
N LEU A 30 -9.73 -7.39 -7.62
CA LEU A 30 -9.93 -7.76 -6.20
C LEU A 30 -10.19 -6.50 -5.37
N LEU A 31 -9.53 -5.38 -5.75
CA LEU A 31 -9.73 -4.05 -5.12
C LEU A 31 -11.16 -3.50 -5.33
N ASN A 32 -11.85 -3.99 -6.37
CA ASN A 32 -13.27 -3.64 -6.63
C ASN A 32 -14.20 -4.48 -5.73
N LYS A 33 -13.73 -5.71 -5.43
CA LYS A 33 -14.50 -6.73 -4.69
C LYS A 33 -14.49 -6.49 -3.17
N ILE A 34 -13.35 -5.98 -2.63
CA ILE A 34 -13.16 -5.81 -1.16
C ILE A 34 -13.13 -4.33 -0.75
N LEU A 35 -12.38 -3.53 -1.52
CA LEU A 35 -12.30 -2.06 -1.36
C LEU A 35 -13.29 -1.39 -2.32
N SER A 36 -13.38 -0.06 -2.26
CA SER A 36 -14.21 0.72 -3.18
C SER A 36 -13.57 0.73 -4.59
N PRO A 37 -14.38 0.76 -5.70
CA PRO A 37 -13.83 0.94 -7.07
C PRO A 37 -13.08 2.29 -7.26
N ASP A 38 -13.35 3.24 -6.34
CA ASP A 38 -12.63 4.52 -6.26
C ASP A 38 -11.18 4.31 -5.82
N VAL A 39 -10.96 3.35 -4.90
CA VAL A 39 -9.63 3.04 -4.36
C VAL A 39 -8.71 2.55 -5.49
N LEU A 40 -9.13 1.50 -6.22
CA LEU A 40 -8.33 0.91 -7.33
C LEU A 40 -8.04 1.96 -8.42
N ASP A 41 -9.01 2.86 -8.61
CA ASP A 41 -8.98 3.89 -9.65
C ASP A 41 -7.86 4.90 -9.38
N GLN A 42 -7.87 5.51 -8.18
CA GLN A 42 -6.85 6.50 -7.80
C GLN A 42 -5.45 5.83 -7.64
N VAL A 43 -5.43 4.51 -7.37
CA VAL A 43 -4.19 3.70 -7.28
C VAL A 43 -3.55 3.55 -8.69
N ARG A 44 -4.33 3.11 -9.69
CA ARG A 44 -3.81 2.89 -11.07
C ARG A 44 -3.39 4.24 -11.73
N GLU A 45 -3.92 5.36 -11.21
CA GLU A 45 -3.50 6.73 -11.62
C GLU A 45 -2.22 7.15 -10.89
N HIS A 46 -2.09 6.72 -9.61
CA HIS A 46 -0.89 6.99 -8.79
C HIS A 46 0.33 6.22 -9.34
N ALA A 47 0.04 5.15 -10.10
CA ALA A 47 1.05 4.39 -10.85
C ALA A 47 1.90 5.29 -11.73
N ARG A 48 1.22 6.25 -12.41
CA ARG A 48 1.84 7.19 -13.35
C ARG A 48 2.94 8.04 -12.67
N GLU A 49 2.74 8.35 -11.37
CA GLU A 49 3.67 9.22 -10.60
C GLU A 49 5.04 8.51 -10.42
N LEU A 50 4.97 7.26 -9.94
CA LEU A 50 6.16 6.45 -9.63
C LEU A 50 6.82 5.93 -10.92
N GLN A 51 5.99 5.64 -11.93
CA GLN A 51 6.42 5.07 -13.23
C GLN A 51 7.05 6.15 -14.13
N LYS A 52 6.61 7.43 -13.96
CA LYS A 52 7.17 8.59 -14.68
C LYS A 52 8.62 8.84 -14.22
N GLN A 53 8.84 8.69 -12.91
CA GLN A 53 10.17 8.77 -12.29
C GLN A 53 10.99 7.51 -12.60
N GLY A 54 10.27 6.38 -12.78
CA GLY A 54 10.86 5.09 -13.12
C GLY A 54 11.35 4.33 -11.89
N ILE A 55 10.67 4.56 -10.76
CA ILE A 55 10.99 3.92 -9.47
C ILE A 55 10.62 2.43 -9.52
N HIS A 56 11.63 1.56 -9.40
CA HIS A 56 11.44 0.11 -9.26
C HIS A 56 11.36 -0.21 -7.76
N PHE A 57 10.20 -0.62 -7.28
CA PHE A 57 9.94 -0.91 -5.85
C PHE A 57 9.30 -2.30 -5.71
N GLU A 58 9.81 -3.10 -4.78
CA GLU A 58 9.35 -4.49 -4.56
C GLU A 58 8.99 -4.70 -3.09
N VAL A 59 7.84 -5.36 -2.87
CA VAL A 59 7.34 -5.72 -1.55
C VAL A 59 8.25 -6.78 -0.90
N LYS A 60 8.84 -6.44 0.26
CA LYS A 60 9.82 -7.30 0.95
C LYS A 60 9.17 -7.96 2.17
N ARG A 61 8.61 -7.14 3.06
CA ARG A 61 8.07 -7.57 4.35
C ARG A 61 6.68 -6.98 4.53
N VAL A 62 5.67 -7.83 4.79
CA VAL A 62 4.30 -7.38 5.09
C VAL A 62 3.94 -7.86 6.49
N GLU A 63 3.71 -6.92 7.40
CA GLU A 63 3.19 -7.19 8.75
C GLU A 63 1.79 -6.58 8.87
N VAL A 64 0.78 -7.45 8.88
CA VAL A 64 -0.62 -7.06 9.03
C VAL A 64 -1.02 -7.22 10.52
N THR A 65 -1.58 -6.16 11.11
CA THR A 65 -2.00 -6.14 12.52
C THR A 65 -3.33 -5.40 12.64
N THR A 66 -4.23 -5.91 13.47
CA THR A 66 -5.55 -5.31 13.69
C THR A 66 -5.55 -4.44 14.94
N ASP A 67 -5.76 -3.14 14.74
CA ASP A 67 -5.81 -2.14 15.83
C ASP A 67 -7.26 -1.65 15.96
N GLY A 68 -8.01 -2.33 16.83
CA GLY A 68 -9.46 -2.18 16.93
C GLY A 68 -10.16 -2.82 15.74
N ASN A 69 -10.91 -2.01 14.97
CA ASN A 69 -11.57 -2.45 13.72
C ASN A 69 -10.76 -1.99 12.49
N THR A 70 -9.78 -1.10 12.72
CA THR A 70 -8.92 -0.56 11.65
C THR A 70 -7.63 -1.39 11.56
N VAL A 71 -7.38 -1.96 10.38
CA VAL A 71 -6.18 -2.77 10.13
C VAL A 71 -5.05 -1.85 9.67
N ASN A 72 -3.84 -2.11 10.16
CA ASN A 72 -2.62 -1.37 9.81
C ASN A 72 -1.61 -2.35 9.21
N VAL A 73 -1.37 -2.22 7.91
CA VAL A 73 -0.37 -3.01 7.18
C VAL A 73 0.91 -2.19 7.06
N THR A 74 1.91 -2.55 7.88
CA THR A 74 3.25 -1.96 7.81
C THR A 74 4.11 -2.85 6.89
N VAL A 75 4.37 -2.35 5.69
CA VAL A 75 5.10 -3.07 4.65
C VAL A 75 6.38 -2.32 4.28
N GLU A 76 7.52 -3.03 4.40
CA GLU A 76 8.84 -2.54 3.97
C GLU A 76 9.02 -2.88 2.49
N LEU A 77 9.24 -1.86 1.65
CA LEU A 77 9.53 -2.03 0.22
C LEU A 77 11.01 -1.73 -0.03
N GLU A 78 11.52 -2.21 -1.17
CA GLU A 78 12.89 -1.98 -1.63
C GLU A 78 12.83 -1.18 -2.94
N GLU A 79 13.14 0.11 -2.88
CA GLU A 79 13.09 1.00 -4.06
C GLU A 79 14.50 1.20 -4.62
N THR A 80 14.79 0.50 -5.73
CA THR A 80 16.00 0.66 -6.50
C THR A 80 15.73 1.75 -7.56
N THR A 81 16.25 2.96 -7.32
CA THR A 81 16.02 4.14 -8.18
C THR A 81 17.35 4.87 -8.46
N GLY A 82 17.67 5.02 -9.77
CA GLY A 82 18.88 5.69 -10.24
C GLY A 82 20.16 4.86 -10.06
N GLY A 83 20.02 3.63 -9.51
CA GLY A 83 21.15 2.76 -9.17
C GLY A 83 21.16 2.44 -7.68
N THR A 84 20.77 3.42 -6.86
CA THR A 84 20.80 3.32 -5.40
C THR A 84 19.52 2.63 -4.87
N THR A 85 19.68 1.55 -4.10
CA THR A 85 18.58 0.80 -3.50
C THR A 85 18.31 1.32 -2.08
N THR A 86 17.21 2.06 -1.92
CA THR A 86 16.75 2.58 -0.63
C THR A 86 15.40 1.92 -0.27
N ASN A 87 15.34 1.28 0.90
CA ASN A 87 14.11 0.67 1.41
C ASN A 87 13.21 1.77 2.00
N THR A 88 11.93 1.79 1.60
CA THR A 88 10.93 2.78 2.04
C THR A 88 9.70 2.04 2.58
N THR A 89 9.31 2.37 3.82
CA THR A 89 8.20 1.71 4.50
C THR A 89 6.89 2.46 4.17
N TYR A 90 5.94 1.74 3.59
CA TYR A 90 4.59 2.25 3.35
C TYR A 90 3.67 1.64 4.39
N GLU A 91 2.84 2.47 5.02
CA GLU A 91 1.88 2.02 6.04
C GLU A 91 0.47 2.30 5.54
N LEU A 92 -0.22 1.22 5.14
CA LEU A 92 -1.57 1.26 4.57
C LEU A 92 -2.57 0.95 5.69
N ARG A 93 -3.26 1.99 6.15
CA ARG A 93 -4.21 1.91 7.26
C ARG A 93 -5.62 1.74 6.68
N PHE A 94 -6.10 0.49 6.70
CA PHE A 94 -7.40 0.13 6.14
C PHE A 94 -8.50 0.35 7.19
N GLU A 95 -9.29 1.40 6.96
CA GLU A 95 -10.35 1.82 7.87
C GLU A 95 -11.70 1.32 7.34
N VAL A 96 -12.42 0.57 8.18
CA VAL A 96 -13.67 -0.07 7.81
C VAL A 96 -14.88 0.86 8.02
N ASP A 97 -15.87 0.68 7.15
CA ASP A 97 -17.21 1.27 7.30
C ASP A 97 -18.23 0.12 7.26
N GLY A 98 -18.67 -0.29 8.46
CA GLY A 98 -19.64 -1.36 8.62
C GLY A 98 -19.04 -2.74 8.31
N ASP A 99 -19.50 -3.33 7.20
CA ASP A 99 -19.15 -4.71 6.81
C ASP A 99 -17.87 -4.77 5.95
N THR A 100 -17.45 -3.63 5.39
CA THR A 100 -16.41 -3.56 4.36
C THR A 100 -15.39 -2.47 4.67
N ILE A 101 -14.24 -2.51 3.96
CA ILE A 101 -13.22 -1.47 4.03
C ILE A 101 -13.47 -0.47 2.88
N ARG A 102 -13.68 0.81 3.21
CA ARG A 102 -13.93 1.88 2.21
C ARG A 102 -12.71 2.80 2.08
N ARG A 103 -11.80 2.76 3.08
CA ARG A 103 -10.70 3.72 3.20
C ARG A 103 -9.36 2.98 3.38
N VAL A 104 -8.30 3.60 2.84
CA VAL A 104 -6.91 3.16 3.02
C VAL A 104 -5.99 4.41 3.04
N THR A 105 -5.40 4.68 4.21
CA THR A 105 -4.45 5.78 4.41
C THR A 105 -3.03 5.24 4.17
N VAL A 106 -2.45 5.56 3.00
CA VAL A 106 -1.10 5.08 2.62
C VAL A 106 -0.09 6.20 2.89
N THR A 107 0.79 5.99 3.87
CA THR A 107 1.88 6.94 4.17
C THR A 107 3.23 6.35 3.71
N GLN A 108 3.88 7.06 2.79
CA GLN A 108 5.21 6.69 2.26
C GLN A 108 6.29 7.23 3.22
N ASN A 109 6.57 6.46 4.28
CA ASN A 109 7.57 6.82 5.30
C ASN A 109 8.99 6.57 4.76
N GLY A 110 9.60 7.63 4.22
CA GLY A 110 10.95 7.59 3.68
C GLY A 110 11.46 8.97 3.36
N GLY A 111 12.14 9.59 4.33
CA GLY A 111 12.70 10.94 4.19
C GLY A 111 12.30 11.82 5.36
N SER A 112 11.74 13.01 5.06
CA SER A 112 11.35 14.01 6.08
C SER A 112 9.92 13.75 6.62
N LEU A 113 9.50 12.47 6.67
CA LEU A 113 8.15 12.05 7.13
C LEU A 113 8.13 11.82 8.66
N GLU A 114 9.00 12.55 9.37
CA GLU A 114 9.01 12.59 10.85
C GLU A 114 7.64 13.12 11.33
N HIS A 115 7.03 12.42 12.29
CA HIS A 115 5.69 12.73 12.79
C HIS A 115 5.76 13.87 13.82
N HIS A 116 5.84 15.10 13.30
CA HIS A 116 5.87 16.34 14.11
C HIS A 116 4.44 16.82 14.42
N HIS A 117 3.55 15.86 14.73
CA HIS A 117 2.20 16.11 15.23
C HIS A 117 1.94 15.08 16.35
N HIS A 118 2.29 15.47 17.59
CA HIS A 118 2.17 14.59 18.78
C HIS A 118 1.77 15.44 20.00
N HIS A 119 1.29 14.76 21.05
CA HIS A 119 0.74 15.41 22.26
C HIS A 119 1.87 15.91 23.19
N HIS A 120 1.48 16.67 24.22
CA HIS A 120 2.41 17.19 25.24
C HIS A 120 2.75 16.05 26.25
N MET A 1 -14.54 -12.96 -1.32
CA MET A 1 -14.14 -12.87 0.10
C MET A 1 -14.33 -11.44 0.63
N GLN A 2 -14.61 -11.32 1.94
CA GLN A 2 -14.93 -10.04 2.61
C GLN A 2 -14.26 -9.97 3.99
N ASP A 3 -13.38 -10.95 4.23
CA ASP A 3 -12.70 -11.17 5.52
C ASP A 3 -11.74 -10.00 5.80
N ILE A 4 -12.14 -9.12 6.73
CA ILE A 4 -11.51 -7.80 6.98
C ILE A 4 -9.95 -7.83 7.04
N VAL A 5 -9.41 -8.81 7.78
CA VAL A 5 -7.95 -8.94 8.00
C VAL A 5 -7.25 -9.37 6.70
N GLU A 6 -7.75 -10.45 6.09
CA GLU A 6 -7.17 -11.07 4.88
C GLU A 6 -7.34 -10.16 3.65
N ALA A 7 -8.48 -9.46 3.61
CA ALA A 7 -8.87 -8.59 2.50
C ALA A 7 -7.97 -7.37 2.43
N ALA A 8 -7.72 -6.76 3.61
CA ALA A 8 -6.84 -5.59 3.73
C ALA A 8 -5.38 -5.94 3.43
N LYS A 9 -4.98 -7.17 3.78
CA LYS A 9 -3.64 -7.72 3.50
C LYS A 9 -3.43 -7.86 1.97
N GLN A 10 -4.39 -8.52 1.30
CA GLN A 10 -4.38 -8.73 -0.16
C GLN A 10 -4.49 -7.39 -0.91
N ALA A 11 -5.25 -6.47 -0.31
CA ALA A 11 -5.49 -5.14 -0.85
C ALA A 11 -4.19 -4.34 -0.93
N ALA A 12 -3.42 -4.37 0.18
CA ALA A 12 -2.13 -3.67 0.27
C ALA A 12 -1.17 -4.10 -0.84
N ILE A 13 -1.02 -5.42 -1.00
CA ILE A 13 -0.11 -6.02 -1.98
C ILE A 13 -0.59 -5.71 -3.42
N ALA A 14 -1.93 -5.74 -3.62
CA ALA A 14 -2.58 -5.48 -4.93
C ALA A 14 -2.42 -4.00 -5.36
N ILE A 15 -2.39 -3.10 -4.37
CA ILE A 15 -2.13 -1.66 -4.57
C ILE A 15 -0.71 -1.47 -5.16
N PHE A 16 0.25 -2.26 -4.65
CA PHE A 16 1.66 -2.21 -5.13
C PHE A 16 1.82 -2.91 -6.49
N GLN A 17 0.97 -3.92 -6.77
CA GLN A 17 0.94 -4.60 -8.08
C GLN A 17 0.55 -3.62 -9.18
N LEU A 18 -0.39 -2.72 -8.86
CA LEU A 18 -0.79 -1.61 -9.74
C LEU A 18 0.30 -0.51 -9.76
N TRP A 19 0.91 -0.23 -8.60
CA TRP A 19 1.95 0.83 -8.48
C TRP A 19 3.26 0.46 -9.22
N LYS A 20 3.49 -0.84 -9.47
CA LYS A 20 4.65 -1.33 -10.26
C LYS A 20 4.23 -1.66 -11.71
N ASN A 21 2.90 -1.88 -11.90
CA ASN A 21 2.31 -2.19 -13.22
C ASN A 21 0.79 -1.87 -13.21
N PRO A 22 0.35 -0.62 -13.60
CA PRO A 22 -1.07 -0.16 -13.48
C PRO A 22 -2.05 -0.89 -14.42
N THR A 23 -1.50 -1.69 -15.34
CA THR A 23 -2.28 -2.45 -16.34
C THR A 23 -2.65 -3.86 -15.81
N ASP A 24 -2.26 -4.19 -14.56
CA ASP A 24 -2.49 -5.52 -13.96
C ASP A 24 -4.00 -5.75 -13.71
N PRO A 25 -4.65 -6.73 -14.42
CA PRO A 25 -6.12 -6.92 -14.36
C PRO A 25 -6.61 -7.59 -13.05
N GLU A 26 -5.75 -8.41 -12.41
CA GLU A 26 -6.15 -9.25 -11.26
C GLU A 26 -6.11 -8.49 -9.92
N ALA A 27 -5.14 -7.56 -9.82
CA ALA A 27 -4.94 -6.74 -8.61
C ALA A 27 -6.15 -5.82 -8.39
N GLN A 28 -6.51 -5.07 -9.44
CA GLN A 28 -7.68 -4.17 -9.43
C GLN A 28 -9.00 -4.97 -9.32
N GLU A 29 -8.99 -6.22 -9.83
CA GLU A 29 -10.18 -7.11 -9.84
C GLU A 29 -10.67 -7.33 -8.41
N LEU A 30 -9.78 -7.88 -7.57
CA LEU A 30 -10.09 -8.19 -6.17
C LEU A 30 -10.42 -6.90 -5.37
N LEU A 31 -9.72 -5.78 -5.73
CA LEU A 31 -9.92 -4.44 -5.11
C LEU A 31 -11.35 -3.89 -5.34
N ASN A 32 -12.00 -4.24 -6.46
CA ASN A 32 -13.40 -3.82 -6.74
C ASN A 32 -14.40 -4.43 -5.73
N LYS A 33 -14.03 -5.60 -5.20
CA LYS A 33 -14.91 -6.44 -4.37
C LYS A 33 -14.74 -6.16 -2.86
N ILE A 34 -13.50 -5.88 -2.42
CA ILE A 34 -13.18 -5.67 -0.97
C ILE A 34 -12.98 -4.19 -0.63
N LEU A 35 -12.53 -3.40 -1.61
CA LEU A 35 -12.43 -1.92 -1.52
C LEU A 35 -13.55 -1.31 -2.38
N SER A 36 -13.63 0.02 -2.38
CA SER A 36 -14.56 0.77 -3.24
C SER A 36 -13.93 0.97 -4.66
N PRO A 37 -14.75 1.06 -5.75
CA PRO A 37 -14.27 1.39 -7.13
C PRO A 37 -13.38 2.66 -7.22
N ASP A 38 -13.57 3.58 -6.27
CA ASP A 38 -12.76 4.81 -6.13
C ASP A 38 -11.29 4.48 -5.77
N VAL A 39 -11.11 3.52 -4.86
CA VAL A 39 -9.79 3.16 -4.30
C VAL A 39 -8.81 2.68 -5.38
N LEU A 40 -9.14 1.60 -6.09
CA LEU A 40 -8.24 1.03 -7.13
C LEU A 40 -7.96 2.04 -8.27
N ASP A 41 -8.87 3.02 -8.44
CA ASP A 41 -8.75 4.05 -9.47
C ASP A 41 -7.73 5.13 -9.07
N GLN A 42 -7.75 5.57 -7.79
CA GLN A 42 -6.75 6.53 -7.27
C GLN A 42 -5.38 5.83 -7.11
N VAL A 43 -5.42 4.49 -6.89
CA VAL A 43 -4.22 3.63 -6.81
C VAL A 43 -3.51 3.59 -8.17
N ARG A 44 -4.24 3.23 -9.26
CA ARG A 44 -3.66 3.16 -10.63
C ARG A 44 -3.18 4.56 -11.10
N GLU A 45 -3.75 5.61 -10.49
CA GLU A 45 -3.39 7.00 -10.79
C GLU A 45 -2.01 7.36 -10.15
N HIS A 46 -1.83 6.95 -8.89
CA HIS A 46 -0.56 7.16 -8.14
C HIS A 46 0.54 6.23 -8.68
N ALA A 47 0.10 5.14 -9.33
CA ALA A 47 0.96 4.21 -10.05
C ALA A 47 1.67 4.92 -11.21
N ARG A 48 0.89 5.74 -11.93
CA ARG A 48 1.38 6.54 -13.07
C ARG A 48 2.38 7.60 -12.62
N GLU A 49 2.17 8.14 -11.41
CA GLU A 49 3.08 9.13 -10.79
C GLU A 49 4.48 8.53 -10.56
N LEU A 50 4.51 7.32 -9.96
CA LEU A 50 5.76 6.58 -9.65
C LEU A 50 6.48 6.18 -10.95
N GLN A 51 5.71 5.54 -11.84
CA GLN A 51 6.21 4.97 -13.11
C GLN A 51 6.77 6.07 -14.05
N LYS A 52 6.13 7.26 -14.01
CA LYS A 52 6.50 8.44 -14.81
C LYS A 52 7.92 8.92 -14.46
N GLN A 53 8.23 8.93 -13.16
CA GLN A 53 9.53 9.41 -12.64
C GLN A 53 10.59 8.30 -12.70
N GLY A 54 10.15 7.05 -12.91
CA GLY A 54 11.02 5.88 -12.89
C GLY A 54 11.25 5.32 -11.48
N ILE A 55 10.35 5.70 -10.54
CA ILE A 55 10.34 5.14 -9.17
C ILE A 55 9.86 3.68 -9.24
N HIS A 56 10.81 2.76 -9.37
CA HIS A 56 10.58 1.31 -9.33
C HIS A 56 10.75 0.83 -7.89
N PHE A 57 10.07 -0.26 -7.54
CA PHE A 57 10.21 -0.91 -6.22
C PHE A 57 9.96 -2.42 -6.33
N GLU A 58 10.25 -3.12 -5.24
CA GLU A 58 9.81 -4.51 -5.03
C GLU A 58 9.42 -4.67 -3.55
N VAL A 59 8.31 -5.38 -3.29
CA VAL A 59 7.86 -5.69 -1.93
C VAL A 59 8.84 -6.67 -1.25
N LYS A 60 9.14 -6.41 0.03
CA LYS A 60 10.14 -7.17 0.81
C LYS A 60 9.50 -7.93 1.99
N ARG A 61 8.57 -7.25 2.67
CA ARG A 61 7.92 -7.79 3.86
C ARG A 61 6.59 -7.09 4.10
N VAL A 62 5.50 -7.88 4.17
CA VAL A 62 4.14 -7.38 4.46
C VAL A 62 3.76 -7.81 5.88
N GLU A 63 3.72 -6.86 6.80
CA GLU A 63 3.27 -7.07 8.18
C GLU A 63 1.82 -6.62 8.31
N VAL A 64 0.95 -7.52 8.75
CA VAL A 64 -0.46 -7.22 9.03
C VAL A 64 -0.63 -7.00 10.55
N THR A 65 -1.25 -5.87 10.94
CA THR A 65 -1.55 -5.55 12.34
C THR A 65 -2.96 -4.96 12.43
N THR A 66 -3.85 -5.66 13.15
CA THR A 66 -5.24 -5.26 13.34
C THR A 66 -5.36 -4.36 14.58
N ASP A 67 -5.75 -3.10 14.34
CA ASP A 67 -5.83 -2.04 15.38
C ASP A 67 -7.31 -1.64 15.57
N GLY A 68 -7.98 -2.32 16.50
CA GLY A 68 -9.41 -2.12 16.76
C GLY A 68 -10.28 -2.64 15.60
N ASN A 69 -10.82 -1.70 14.81
CA ASN A 69 -11.68 -2.01 13.63
C ASN A 69 -10.99 -1.56 12.33
N THR A 70 -9.68 -1.28 12.41
CA THR A 70 -8.90 -0.75 11.28
C THR A 70 -7.59 -1.56 11.11
N VAL A 71 -7.38 -2.15 9.93
CA VAL A 71 -6.19 -2.97 9.63
C VAL A 71 -5.07 -2.09 9.08
N ASN A 72 -3.98 -1.99 9.84
CA ASN A 72 -2.79 -1.20 9.49
C ASN A 72 -1.69 -2.16 8.99
N VAL A 73 -1.45 -2.13 7.68
CA VAL A 73 -0.43 -2.94 7.01
C VAL A 73 0.89 -2.16 6.94
N THR A 74 1.89 -2.59 7.70
CA THR A 74 3.23 -2.00 7.71
C THR A 74 4.13 -2.87 6.81
N VAL A 75 4.44 -2.36 5.62
CA VAL A 75 5.13 -3.15 4.57
C VAL A 75 6.40 -2.42 4.13
N GLU A 76 7.55 -3.13 4.14
CA GLU A 76 8.83 -2.59 3.67
C GLU A 76 9.02 -2.93 2.18
N LEU A 77 9.50 -1.95 1.39
CA LEU A 77 9.76 -2.11 -0.06
C LEU A 77 11.15 -1.55 -0.41
N GLU A 78 11.87 -2.23 -1.32
CA GLU A 78 13.14 -1.76 -1.90
C GLU A 78 12.86 -0.91 -3.15
N GLU A 79 12.99 0.40 -3.00
CA GLU A 79 12.76 1.37 -4.10
C GLU A 79 14.07 1.53 -4.90
N THR A 80 14.07 0.95 -6.12
CA THR A 80 15.19 0.99 -7.04
C THR A 80 15.07 2.26 -7.90
N THR A 81 15.89 3.25 -7.58
CA THR A 81 15.93 4.55 -8.27
C THR A 81 17.38 5.04 -8.32
N GLY A 82 17.82 5.49 -9.52
CA GLY A 82 19.22 5.90 -9.73
C GLY A 82 20.21 4.76 -9.64
N GLY A 83 19.72 3.52 -9.93
CA GLY A 83 20.54 2.31 -9.89
C GLY A 83 20.82 1.78 -8.47
N THR A 84 20.17 2.36 -7.45
CA THR A 84 20.32 1.94 -6.04
C THR A 84 18.94 1.67 -5.39
N THR A 85 18.90 0.67 -4.48
CA THR A 85 17.70 0.32 -3.69
C THR A 85 17.65 1.11 -2.36
N THR A 86 16.42 1.38 -1.88
CA THR A 86 16.17 2.10 -0.60
C THR A 86 15.02 1.40 0.15
N ASN A 87 15.28 0.94 1.41
CA ASN A 87 14.22 0.31 2.23
C ASN A 87 13.31 1.41 2.77
N THR A 88 12.17 1.59 2.10
CA THR A 88 11.15 2.56 2.49
C THR A 88 9.89 1.82 2.92
N THR A 89 9.44 2.09 4.15
CA THR A 89 8.27 1.44 4.73
C THR A 89 7.01 2.25 4.41
N TYR A 90 6.03 1.61 3.79
CA TYR A 90 4.71 2.19 3.54
C TYR A 90 3.70 1.60 4.54
N GLU A 91 2.97 2.49 5.24
CA GLU A 91 1.89 2.09 6.17
C GLU A 91 0.55 2.40 5.51
N LEU A 92 -0.22 1.35 5.19
CA LEU A 92 -1.54 1.46 4.55
C LEU A 92 -2.62 1.17 5.61
N ARG A 93 -3.32 2.23 6.02
CA ARG A 93 -4.37 2.19 7.03
C ARG A 93 -5.73 1.96 6.35
N PHE A 94 -6.21 0.71 6.37
CA PHE A 94 -7.49 0.33 5.78
C PHE A 94 -8.60 0.51 6.83
N GLU A 95 -9.42 1.55 6.64
CA GLU A 95 -10.51 1.91 7.55
C GLU A 95 -11.82 1.33 7.00
N VAL A 96 -12.44 0.41 7.76
CA VAL A 96 -13.66 -0.29 7.35
C VAL A 96 -14.91 0.49 7.81
N ASP A 97 -15.98 0.35 7.02
CA ASP A 97 -17.30 0.87 7.33
C ASP A 97 -18.32 -0.21 6.95
N GLY A 98 -19.10 -0.69 7.94
CA GLY A 98 -20.11 -1.70 7.71
C GLY A 98 -19.48 -3.08 7.51
N ASP A 99 -19.34 -3.48 6.23
CA ASP A 99 -18.79 -4.81 5.83
C ASP A 99 -17.55 -4.67 4.94
N THR A 100 -17.33 -3.48 4.36
CA THR A 100 -16.28 -3.27 3.34
C THR A 100 -15.34 -2.12 3.75
N ILE A 101 -14.14 -2.10 3.16
CA ILE A 101 -13.13 -1.05 3.41
C ILE A 101 -13.41 0.14 2.46
N ARG A 102 -13.53 1.34 3.04
CA ARG A 102 -13.84 2.57 2.30
C ARG A 102 -12.59 3.44 2.08
N ARG A 103 -11.62 3.37 3.01
CA ARG A 103 -10.47 4.29 3.02
C ARG A 103 -9.14 3.52 3.16
N VAL A 104 -8.09 4.06 2.53
CA VAL A 104 -6.70 3.58 2.65
C VAL A 104 -5.74 4.78 2.71
N THR A 105 -5.17 5.05 3.89
CA THR A 105 -4.17 6.10 4.08
C THR A 105 -2.76 5.48 3.99
N VAL A 106 -2.07 5.74 2.88
CA VAL A 106 -0.69 5.26 2.66
C VAL A 106 0.32 6.33 3.13
N THR A 107 1.37 5.90 3.84
CA THR A 107 2.37 6.81 4.43
C THR A 107 3.78 6.33 4.05
N GLN A 108 4.49 7.14 3.23
CA GLN A 108 5.88 6.88 2.83
C GLN A 108 6.84 7.26 3.99
N ASN A 109 7.30 6.25 4.72
CA ASN A 109 8.26 6.40 5.82
C ASN A 109 9.68 6.27 5.27
N GLY A 110 10.24 7.42 4.87
CA GLY A 110 11.59 7.53 4.35
C GLY A 110 11.94 8.99 4.08
N GLY A 111 11.64 9.83 5.09
CA GLY A 111 11.81 11.29 4.98
C GLY A 111 12.97 11.78 5.83
N SER A 112 14.19 11.59 5.30
CA SER A 112 15.44 12.03 5.95
C SER A 112 15.48 13.57 6.08
N LEU A 113 15.05 14.09 7.24
CA LEU A 113 15.02 15.54 7.49
C LEU A 113 16.14 15.90 8.48
N GLU A 114 17.15 16.59 7.94
CA GLU A 114 18.25 17.18 8.70
C GLU A 114 18.74 18.46 7.99
N HIS A 115 19.56 19.23 8.69
CA HIS A 115 20.18 20.47 8.19
C HIS A 115 21.46 20.71 8.98
N HIS A 116 22.62 20.40 8.37
CA HIS A 116 23.95 20.57 9.01
C HIS A 116 24.77 21.65 8.28
N HIS A 117 25.20 22.67 9.04
CA HIS A 117 26.04 23.77 8.52
C HIS A 117 27.51 23.36 8.60
N HIS A 118 28.29 23.67 7.55
CA HIS A 118 29.73 23.42 7.53
C HIS A 118 30.47 24.47 8.38
N HIS A 119 30.90 24.03 9.57
CA HIS A 119 31.76 24.83 10.46
C HIS A 119 33.15 24.98 9.81
N HIS A 120 33.79 26.13 10.07
CA HIS A 120 35.11 26.48 9.52
C HIS A 120 35.91 27.21 10.63
N MET A 1 -15.05 -11.13 1.07
CA MET A 1 -14.26 -11.85 2.10
C MET A 1 -15.20 -12.26 3.25
N GLN A 2 -14.61 -12.79 4.34
CA GLN A 2 -15.34 -13.13 5.57
C GLN A 2 -14.64 -12.51 6.79
N ASP A 3 -13.74 -11.54 6.51
CA ASP A 3 -12.93 -10.84 7.52
C ASP A 3 -12.23 -9.62 6.89
N ILE A 4 -11.76 -8.71 7.74
CA ILE A 4 -11.08 -7.47 7.32
C ILE A 4 -9.57 -7.68 7.11
N VAL A 5 -8.95 -8.47 8.01
CA VAL A 5 -7.47 -8.65 8.07
C VAL A 5 -6.90 -9.14 6.72
N GLU A 6 -7.47 -10.24 6.21
CA GLU A 6 -7.04 -10.85 4.94
C GLU A 6 -7.37 -9.92 3.75
N ALA A 7 -8.51 -9.21 3.85
CA ALA A 7 -8.94 -8.23 2.84
C ALA A 7 -7.94 -7.06 2.72
N ALA A 8 -7.46 -6.59 3.89
CA ALA A 8 -6.55 -5.42 3.98
C ALA A 8 -5.14 -5.78 3.49
N LYS A 9 -4.72 -7.00 3.84
CA LYS A 9 -3.44 -7.60 3.41
C LYS A 9 -3.37 -7.69 1.88
N GLN A 10 -4.38 -8.35 1.29
CA GLN A 10 -4.48 -8.56 -0.17
C GLN A 10 -4.62 -7.24 -0.91
N ALA A 11 -5.32 -6.28 -0.27
CA ALA A 11 -5.52 -4.93 -0.79
C ALA A 11 -4.18 -4.21 -0.95
N ALA A 12 -3.37 -4.24 0.13
CA ALA A 12 -2.07 -3.55 0.17
C ALA A 12 -1.14 -4.00 -0.97
N ILE A 13 -0.98 -5.34 -1.10
CA ILE A 13 -0.10 -5.97 -2.10
C ILE A 13 -0.59 -5.65 -3.53
N ALA A 14 -1.94 -5.69 -3.72
CA ALA A 14 -2.59 -5.42 -5.02
C ALA A 14 -2.39 -3.96 -5.45
N ILE A 15 -2.50 -3.03 -4.50
CA ILE A 15 -2.29 -1.58 -4.71
C ILE A 15 -0.89 -1.33 -5.32
N PHE A 16 0.11 -2.09 -4.83
CA PHE A 16 1.51 -1.99 -5.30
C PHE A 16 1.67 -2.56 -6.72
N GLN A 17 0.86 -3.60 -7.04
CA GLN A 17 0.83 -4.22 -8.39
C GLN A 17 0.36 -3.20 -9.43
N LEU A 18 -0.63 -2.35 -9.05
CA LEU A 18 -1.04 -1.20 -9.88
C LEU A 18 0.10 -0.18 -9.96
N TRP A 19 0.67 0.18 -8.78
CA TRP A 19 1.70 1.24 -8.65
C TRP A 19 2.88 1.07 -9.63
N LYS A 20 3.26 -0.18 -9.92
CA LYS A 20 4.32 -0.50 -10.88
C LYS A 20 3.74 -0.80 -12.28
N ASN A 21 2.53 -1.39 -12.32
CA ASN A 21 1.86 -1.80 -13.57
C ASN A 21 0.35 -1.56 -13.44
N PRO A 22 -0.15 -0.31 -13.76
CA PRO A 22 -1.59 0.04 -13.60
C PRO A 22 -2.52 -0.78 -14.49
N THR A 23 -1.93 -1.44 -15.50
CA THR A 23 -2.65 -2.21 -16.51
C THR A 23 -2.84 -3.68 -16.09
N ASP A 24 -2.61 -4.00 -14.79
CA ASP A 24 -2.86 -5.36 -14.26
C ASP A 24 -4.35 -5.50 -13.89
N PRO A 25 -5.13 -6.33 -14.65
CA PRO A 25 -6.59 -6.45 -14.45
C PRO A 25 -6.98 -7.24 -13.19
N GLU A 26 -6.06 -8.09 -12.69
CA GLU A 26 -6.34 -9.03 -11.56
C GLU A 26 -6.25 -8.31 -10.20
N ALA A 27 -5.26 -7.42 -10.07
CA ALA A 27 -4.99 -6.69 -8.83
C ALA A 27 -6.15 -5.73 -8.49
N GLN A 28 -6.55 -4.93 -9.48
CA GLN A 28 -7.67 -3.98 -9.36
C GLN A 28 -9.03 -4.71 -9.33
N GLU A 29 -9.06 -5.98 -9.81
CA GLU A 29 -10.26 -6.85 -9.73
C GLU A 29 -10.60 -7.16 -8.27
N LEU A 30 -9.61 -7.71 -7.53
CA LEU A 30 -9.81 -8.10 -6.12
C LEU A 30 -10.04 -6.87 -5.24
N LEU A 31 -9.44 -5.73 -5.65
CA LEU A 31 -9.64 -4.42 -5.01
C LEU A 31 -11.09 -3.92 -5.17
N ASN A 32 -11.77 -4.33 -6.26
CA ASN A 32 -13.18 -3.95 -6.49
C ASN A 32 -14.11 -4.76 -5.57
N LYS A 33 -13.62 -5.95 -5.20
CA LYS A 33 -14.35 -6.89 -4.34
C LYS A 33 -14.25 -6.46 -2.86
N ILE A 34 -13.06 -6.02 -2.43
CA ILE A 34 -12.75 -5.75 -0.99
C ILE A 34 -12.77 -4.25 -0.65
N LEU A 35 -12.30 -3.41 -1.59
CA LEU A 35 -12.32 -1.93 -1.49
C LEU A 35 -13.46 -1.38 -2.36
N SER A 36 -13.54 -0.04 -2.41
CA SER A 36 -14.42 0.67 -3.34
C SER A 36 -13.75 0.77 -4.73
N PRO A 37 -14.53 0.71 -5.85
CA PRO A 37 -14.01 1.00 -7.22
C PRO A 37 -13.34 2.40 -7.31
N ASP A 38 -13.80 3.33 -6.45
CA ASP A 38 -13.22 4.68 -6.28
C ASP A 38 -11.72 4.60 -5.92
N VAL A 39 -11.40 3.75 -4.93
CA VAL A 39 -10.05 3.63 -4.34
C VAL A 39 -9.05 3.07 -5.36
N LEU A 40 -9.38 1.94 -5.99
CA LEU A 40 -8.47 1.27 -6.96
C LEU A 40 -8.25 2.15 -8.20
N ASP A 41 -9.27 2.97 -8.52
CA ASP A 41 -9.28 3.78 -9.74
C ASP A 41 -8.34 4.99 -9.59
N GLN A 42 -8.22 5.53 -8.37
CA GLN A 42 -7.24 6.59 -8.09
C GLN A 42 -5.83 5.96 -7.94
N VAL A 43 -5.77 4.72 -7.42
CA VAL A 43 -4.51 3.95 -7.26
C VAL A 43 -3.82 3.73 -8.64
N ARG A 44 -4.62 3.38 -9.68
CA ARG A 44 -4.10 3.14 -11.05
C ARG A 44 -3.69 4.46 -11.76
N GLU A 45 -4.24 5.60 -11.29
CA GLU A 45 -3.88 6.95 -11.80
C GLU A 45 -2.52 7.40 -11.23
N HIS A 46 -2.40 7.29 -9.90
CA HIS A 46 -1.16 7.67 -9.16
C HIS A 46 -0.03 6.65 -9.43
N ALA A 47 -0.43 5.45 -9.86
CA ALA A 47 0.47 4.39 -10.34
C ALA A 47 1.32 4.87 -11.51
N ARG A 48 0.64 5.54 -12.46
CA ARG A 48 1.25 6.10 -13.66
C ARG A 48 2.33 7.12 -13.31
N GLU A 49 2.10 7.88 -12.23
CA GLU A 49 3.02 8.94 -11.75
C GLU A 49 4.32 8.31 -11.22
N LEU A 50 4.17 7.23 -10.43
CA LEU A 50 5.30 6.46 -9.86
C LEU A 50 6.10 5.75 -10.98
N GLN A 51 5.39 5.44 -12.08
CA GLN A 51 5.97 4.79 -13.27
C GLN A 51 6.72 5.84 -14.14
N LYS A 52 6.21 7.09 -14.15
CA LYS A 52 6.85 8.23 -14.85
C LYS A 52 8.17 8.61 -14.16
N GLN A 53 8.15 8.55 -12.81
CA GLN A 53 9.35 8.70 -11.98
C GLN A 53 10.31 7.53 -12.24
N GLY A 54 9.73 6.33 -12.29
CA GLY A 54 10.49 5.10 -12.51
C GLY A 54 11.04 4.52 -11.22
N ILE A 55 10.19 4.50 -10.18
CA ILE A 55 10.52 3.92 -8.88
C ILE A 55 10.40 2.39 -8.96
N HIS A 56 11.54 1.69 -9.00
CA HIS A 56 11.57 0.21 -9.03
C HIS A 56 11.49 -0.29 -7.57
N PHE A 57 10.35 -0.87 -7.18
CA PHE A 57 10.14 -1.33 -5.79
C PHE A 57 9.63 -2.77 -5.81
N GLU A 58 10.08 -3.57 -4.85
CA GLU A 58 9.58 -4.94 -4.64
C GLU A 58 8.98 -5.04 -3.24
N VAL A 59 7.81 -5.67 -3.13
CA VAL A 59 7.16 -6.00 -1.87
C VAL A 59 7.99 -7.10 -1.18
N LYS A 60 8.81 -6.70 -0.22
CA LYS A 60 9.80 -7.58 0.44
C LYS A 60 9.14 -8.35 1.58
N ARG A 61 8.44 -7.62 2.45
CA ARG A 61 7.93 -8.15 3.71
C ARG A 61 6.57 -7.52 4.02
N VAL A 62 5.53 -8.36 4.20
CA VAL A 62 4.17 -7.92 4.55
C VAL A 62 3.84 -8.39 5.97
N GLU A 63 3.46 -7.45 6.84
CA GLU A 63 2.98 -7.74 8.21
C GLU A 63 1.66 -7.02 8.43
N VAL A 64 0.54 -7.76 8.47
CA VAL A 64 -0.81 -7.19 8.63
C VAL A 64 -1.22 -7.24 10.11
N THR A 65 -1.52 -6.05 10.67
CA THR A 65 -1.81 -5.87 12.11
C THR A 65 -3.11 -5.08 12.26
N THR A 66 -3.94 -5.45 13.26
CA THR A 66 -5.21 -4.75 13.55
C THR A 66 -4.99 -3.60 14.53
N ASP A 67 -5.99 -2.70 14.59
CA ASP A 67 -5.92 -1.43 15.34
C ASP A 67 -7.37 -0.98 15.62
N GLY A 68 -8.03 -1.65 16.57
CA GLY A 68 -9.46 -1.46 16.82
C GLY A 68 -10.31 -1.90 15.62
N ASN A 69 -11.05 -0.96 15.01
CA ASN A 69 -11.85 -1.22 13.79
C ASN A 69 -11.00 -0.99 12.51
N THR A 70 -9.82 -0.40 12.70
CA THR A 70 -8.88 -0.06 11.61
C THR A 70 -7.79 -1.15 11.51
N VAL A 71 -7.14 -1.30 10.33
CA VAL A 71 -6.03 -2.27 10.13
C VAL A 71 -4.82 -1.56 9.48
N ASN A 72 -3.65 -1.62 10.14
CA ASN A 72 -2.37 -1.11 9.61
C ASN A 72 -1.55 -2.27 9.01
N VAL A 73 -1.38 -2.27 7.68
CA VAL A 73 -0.46 -3.20 7.01
C VAL A 73 0.93 -2.56 6.91
N THR A 74 1.84 -3.04 7.75
CA THR A 74 3.24 -2.61 7.78
C THR A 74 4.02 -3.44 6.76
N VAL A 75 4.35 -2.83 5.62
CA VAL A 75 4.99 -3.52 4.49
C VAL A 75 6.28 -2.79 4.07
N GLU A 76 7.39 -3.54 4.01
CA GLU A 76 8.67 -3.04 3.53
C GLU A 76 8.75 -3.22 1.99
N LEU A 77 8.99 -2.11 1.27
CA LEU A 77 9.24 -2.11 -0.18
C LEU A 77 10.65 -1.58 -0.43
N GLU A 78 11.50 -2.37 -1.11
CA GLU A 78 12.89 -1.99 -1.40
C GLU A 78 12.93 -1.22 -2.72
N GLU A 79 13.15 0.10 -2.64
CA GLU A 79 13.06 1.01 -3.79
C GLU A 79 14.45 1.37 -4.32
N THR A 80 14.62 1.24 -5.64
CA THR A 80 15.86 1.50 -6.36
C THR A 80 15.58 2.62 -7.38
N THR A 81 16.28 3.74 -7.20
CA THR A 81 16.16 4.91 -8.07
C THR A 81 17.54 5.56 -8.21
N GLY A 82 17.91 5.92 -9.45
CA GLY A 82 19.24 6.48 -9.76
C GLY A 82 20.39 5.55 -9.38
N GLY A 83 20.13 4.23 -9.39
CA GLY A 83 21.09 3.21 -8.98
C GLY A 83 20.99 2.86 -7.50
N THR A 84 20.66 3.87 -6.66
CA THR A 84 20.73 3.75 -5.19
C THR A 84 19.47 3.04 -4.65
N THR A 85 19.68 2.08 -3.74
CA THR A 85 18.61 1.21 -3.22
C THR A 85 18.46 1.41 -1.70
N THR A 86 17.21 1.62 -1.23
CA THR A 86 16.88 1.78 0.20
C THR A 86 15.50 1.14 0.47
N ASN A 87 15.41 0.39 1.59
CA ASN A 87 14.17 -0.27 2.03
C ASN A 87 13.25 0.76 2.74
N THR A 88 12.19 1.17 2.03
CA THR A 88 11.21 2.15 2.51
C THR A 88 9.93 1.45 3.01
N THR A 89 9.50 1.74 4.24
CA THR A 89 8.34 1.09 4.86
C THR A 89 7.06 1.94 4.63
N TYR A 90 6.05 1.34 4.02
CA TYR A 90 4.73 1.97 3.82
C TYR A 90 3.71 1.35 4.79
N GLU A 91 3.01 2.21 5.55
CA GLU A 91 1.90 1.80 6.44
C GLU A 91 0.59 2.13 5.73
N LEU A 92 -0.12 1.12 5.23
CA LEU A 92 -1.43 1.30 4.62
C LEU A 92 -2.51 1.05 5.67
N ARG A 93 -3.14 2.15 6.13
CA ARG A 93 -4.10 2.13 7.23
C ARG A 93 -5.53 2.12 6.66
N PHE A 94 -6.12 0.92 6.64
CA PHE A 94 -7.41 0.64 6.01
C PHE A 94 -8.56 0.89 6.99
N GLU A 95 -9.38 1.93 6.70
CA GLU A 95 -10.60 2.24 7.46
C GLU A 95 -11.79 1.50 6.83
N VAL A 96 -12.61 0.88 7.67
CA VAL A 96 -13.69 -0.04 7.26
C VAL A 96 -15.08 0.62 7.39
N ASP A 97 -16.03 0.19 6.55
CA ASP A 97 -17.46 0.41 6.74
C ASP A 97 -18.17 -0.95 6.60
N GLY A 98 -18.56 -1.53 7.74
CA GLY A 98 -19.21 -2.83 7.81
C GLY A 98 -18.21 -3.97 7.64
N ASP A 99 -18.22 -4.59 6.45
CA ASP A 99 -17.37 -5.76 6.11
C ASP A 99 -16.43 -5.42 4.94
N THR A 100 -16.66 -4.27 4.29
CA THR A 100 -15.85 -3.78 3.15
C THR A 100 -15.04 -2.56 3.59
N ILE A 101 -13.85 -2.40 3.00
CA ILE A 101 -12.95 -1.29 3.31
C ILE A 101 -13.22 -0.14 2.32
N ARG A 102 -13.10 1.12 2.80
CA ARG A 102 -13.48 2.33 2.04
C ARG A 102 -12.32 3.34 1.94
N ARG A 103 -11.38 3.32 2.90
CA ARG A 103 -10.23 4.26 2.92
C ARG A 103 -8.92 3.50 3.10
N VAL A 104 -7.82 4.14 2.66
CA VAL A 104 -6.45 3.65 2.85
C VAL A 104 -5.50 4.86 3.02
N THR A 105 -4.98 5.05 4.25
CA THR A 105 -4.00 6.10 4.56
C THR A 105 -2.59 5.53 4.39
N VAL A 106 -1.92 5.91 3.30
CA VAL A 106 -0.58 5.41 2.98
C VAL A 106 0.48 6.36 3.54
N THR A 107 1.15 5.94 4.62
CA THR A 107 2.22 6.70 5.27
C THR A 107 3.59 6.15 4.85
N GLN A 108 4.36 6.95 4.11
CA GLN A 108 5.72 6.61 3.69
C GLN A 108 6.68 6.86 4.86
N ASN A 109 7.47 5.85 5.23
CA ASN A 109 8.40 5.89 6.38
C ASN A 109 9.80 5.45 5.94
N GLY A 110 10.80 6.04 6.57
CA GLY A 110 12.20 5.76 6.27
C GLY A 110 13.16 6.57 7.15
N GLY A 111 12.61 7.56 7.87
CA GLY A 111 13.38 8.40 8.79
C GLY A 111 14.03 9.58 8.09
N SER A 112 14.23 10.67 8.83
CA SER A 112 14.88 11.88 8.33
C SER A 112 16.40 11.83 8.63
N LEU A 113 17.15 11.19 7.72
CA LEU A 113 18.62 11.08 7.81
C LEU A 113 19.32 12.24 7.05
N GLU A 114 18.53 13.20 6.51
CA GLU A 114 19.06 14.33 5.73
C GLU A 114 19.88 15.28 6.66
N HIS A 115 21.22 15.07 6.68
CA HIS A 115 22.18 15.85 7.49
C HIS A 115 23.61 15.35 7.20
N HIS A 116 24.61 16.19 7.49
CA HIS A 116 26.05 15.81 7.40
C HIS A 116 26.68 15.91 8.80
N HIS A 117 26.93 17.16 9.26
CA HIS A 117 27.48 17.44 10.61
C HIS A 117 26.34 17.79 11.60
N HIS A 118 25.25 17.00 11.51
CA HIS A 118 24.06 17.08 12.39
C HIS A 118 23.27 18.40 12.16
N HIS A 119 22.75 18.59 10.94
CA HIS A 119 21.82 19.70 10.62
C HIS A 119 20.38 19.33 11.07
N HIS A 120 20.20 18.02 11.34
CA HIS A 120 18.97 17.45 11.90
C HIS A 120 19.36 16.49 13.06
N MET A 1 -13.68 -15.09 0.24
CA MET A 1 -13.31 -14.77 1.63
C MET A 1 -13.91 -13.41 2.03
N GLN A 2 -14.45 -13.33 3.26
CA GLN A 2 -14.91 -12.06 3.86
C GLN A 2 -13.91 -11.60 4.96
N ASP A 3 -12.76 -12.31 5.04
CA ASP A 3 -11.68 -12.01 6.00
C ASP A 3 -11.17 -10.59 5.78
N ILE A 4 -11.43 -9.72 6.77
CA ILE A 4 -11.11 -8.28 6.72
C ILE A 4 -9.59 -8.05 6.78
N VAL A 5 -8.91 -8.78 7.67
CA VAL A 5 -7.44 -8.71 7.85
C VAL A 5 -6.72 -9.19 6.58
N GLU A 6 -7.19 -10.33 6.04
CA GLU A 6 -6.65 -10.93 4.81
C GLU A 6 -6.95 -10.02 3.59
N ALA A 7 -8.13 -9.34 3.62
CA ALA A 7 -8.55 -8.40 2.57
C ALA A 7 -7.61 -7.18 2.54
N ALA A 8 -7.32 -6.63 3.74
CA ALA A 8 -6.44 -5.45 3.90
C ALA A 8 -5.02 -5.75 3.40
N LYS A 9 -4.54 -6.97 3.73
CA LYS A 9 -3.24 -7.49 3.30
C LYS A 9 -3.14 -7.53 1.76
N GLN A 10 -4.10 -8.25 1.13
CA GLN A 10 -4.16 -8.43 -0.34
C GLN A 10 -4.36 -7.08 -1.05
N ALA A 11 -5.05 -6.17 -0.38
CA ALA A 11 -5.33 -4.83 -0.89
C ALA A 11 -4.05 -4.01 -1.00
N ALA A 12 -3.21 -4.09 0.06
CA ALA A 12 -1.90 -3.40 0.10
C ALA A 12 -1.00 -3.84 -1.05
N ILE A 13 -0.89 -5.18 -1.21
CA ILE A 13 -0.08 -5.82 -2.26
C ILE A 13 -0.58 -5.37 -3.66
N ALA A 14 -1.92 -5.36 -3.84
CA ALA A 14 -2.58 -5.01 -5.11
C ALA A 14 -2.38 -3.53 -5.49
N ILE A 15 -2.25 -2.65 -4.47
CA ILE A 15 -1.97 -1.23 -4.66
C ILE A 15 -0.57 -1.03 -5.28
N PHE A 16 0.41 -1.82 -4.80
CA PHE A 16 1.79 -1.78 -5.33
C PHE A 16 1.87 -2.47 -6.71
N GLN A 17 1.03 -3.50 -6.94
CA GLN A 17 0.93 -4.20 -8.22
C GLN A 17 0.38 -3.25 -9.31
N LEU A 18 -0.57 -2.38 -8.92
CA LEU A 18 -1.06 -1.32 -9.81
C LEU A 18 -0.01 -0.22 -9.97
N TRP A 19 0.69 0.14 -8.88
CA TRP A 19 1.68 1.25 -8.87
C TRP A 19 2.88 1.00 -9.83
N LYS A 20 3.14 -0.26 -10.16
CA LYS A 20 4.15 -0.63 -11.19
C LYS A 20 3.47 -1.00 -12.54
N ASN A 21 2.20 -1.45 -12.50
CA ASN A 21 1.42 -1.79 -13.72
C ASN A 21 -0.08 -1.44 -13.51
N PRO A 22 -0.55 -0.22 -13.97
CA PRO A 22 -1.95 0.25 -13.77
C PRO A 22 -3.00 -0.66 -14.45
N THR A 23 -2.58 -1.31 -15.54
CA THR A 23 -3.45 -2.15 -16.38
C THR A 23 -3.42 -3.63 -15.94
N ASP A 24 -3.03 -3.88 -14.67
CA ASP A 24 -3.05 -5.24 -14.09
C ASP A 24 -4.52 -5.58 -13.69
N PRO A 25 -5.17 -6.58 -14.39
CA PRO A 25 -6.61 -6.88 -14.19
C PRO A 25 -6.91 -7.49 -12.81
N GLU A 26 -5.96 -8.30 -12.29
CA GLU A 26 -6.13 -9.06 -11.03
C GLU A 26 -6.14 -8.12 -9.82
N ALA A 27 -5.14 -7.23 -9.77
CA ALA A 27 -4.92 -6.28 -8.67
C ALA A 27 -6.14 -5.37 -8.48
N GLN A 28 -6.56 -4.71 -9.58
CA GLN A 28 -7.66 -3.73 -9.55
C GLN A 28 -9.02 -4.42 -9.27
N GLU A 29 -9.19 -5.68 -9.74
CA GLU A 29 -10.46 -6.42 -9.59
C GLU A 29 -10.69 -6.82 -8.13
N LEU A 30 -9.63 -7.30 -7.43
CA LEU A 30 -9.76 -7.71 -6.02
C LEU A 30 -10.03 -6.46 -5.15
N LEU A 31 -9.43 -5.30 -5.53
CA LEU A 31 -9.68 -3.98 -4.88
C LEU A 31 -11.13 -3.52 -5.07
N ASN A 32 -11.75 -3.91 -6.21
CA ASN A 32 -13.15 -3.60 -6.51
C ASN A 32 -14.09 -4.35 -5.54
N LYS A 33 -13.66 -5.56 -5.16
CA LYS A 33 -14.46 -6.48 -4.33
C LYS A 33 -14.37 -6.10 -2.84
N ILE A 34 -13.15 -5.85 -2.35
CA ILE A 34 -12.89 -5.71 -0.90
C ILE A 34 -12.83 -4.24 -0.46
N LEU A 35 -12.30 -3.37 -1.34
CA LEU A 35 -12.24 -1.91 -1.11
C LEU A 35 -13.36 -1.22 -1.90
N SER A 36 -13.30 0.12 -1.93
CA SER A 36 -14.13 0.91 -2.81
C SER A 36 -13.61 0.79 -4.27
N PRO A 37 -14.52 0.65 -5.29
CA PRO A 37 -14.15 0.77 -6.73
C PRO A 37 -13.46 2.13 -7.09
N ASP A 38 -13.66 3.14 -6.22
CA ASP A 38 -13.02 4.47 -6.32
C ASP A 38 -11.50 4.39 -5.99
N VAL A 39 -11.14 3.48 -5.07
CA VAL A 39 -9.75 3.35 -4.56
C VAL A 39 -8.80 2.83 -5.66
N LEU A 40 -9.19 1.74 -6.37
CA LEU A 40 -8.34 1.13 -7.42
C LEU A 40 -8.02 2.16 -8.54
N ASP A 41 -8.98 3.08 -8.76
CA ASP A 41 -8.90 4.15 -9.76
C ASP A 41 -7.75 5.12 -9.44
N GLN A 42 -7.81 5.75 -8.25
CA GLN A 42 -6.80 6.76 -7.82
C GLN A 42 -5.39 6.13 -7.69
N VAL A 43 -5.35 4.83 -7.33
CA VAL A 43 -4.11 4.05 -7.24
C VAL A 43 -3.48 3.86 -8.63
N ARG A 44 -4.27 3.42 -9.62
CA ARG A 44 -3.74 3.08 -10.97
C ARG A 44 -3.40 4.35 -11.79
N GLU A 45 -3.96 5.50 -11.41
CA GLU A 45 -3.61 6.79 -12.04
C GLU A 45 -2.36 7.41 -11.34
N HIS A 46 -2.16 7.06 -10.04
CA HIS A 46 -0.95 7.42 -9.26
C HIS A 46 0.25 6.57 -9.73
N ALA A 47 -0.08 5.38 -10.28
CA ALA A 47 0.87 4.41 -10.82
C ALA A 47 1.73 5.01 -11.94
N ARG A 48 1.03 5.72 -12.84
CA ARG A 48 1.61 6.28 -14.09
C ARG A 48 2.75 7.25 -13.77
N GLU A 49 2.57 8.04 -12.69
CA GLU A 49 3.58 8.97 -12.17
C GLU A 49 4.87 8.23 -11.82
N LEU A 50 4.74 7.23 -10.91
CA LEU A 50 5.87 6.46 -10.35
C LEU A 50 6.61 5.65 -11.44
N GLN A 51 5.83 5.18 -12.43
CA GLN A 51 6.33 4.39 -13.56
C GLN A 51 7.26 5.25 -14.43
N LYS A 52 6.82 6.49 -14.73
CA LYS A 52 7.58 7.45 -15.55
C LYS A 52 8.80 8.01 -14.79
N GLN A 53 8.66 8.14 -13.45
CA GLN A 53 9.76 8.58 -12.56
C GLN A 53 10.87 7.51 -12.45
N GLY A 54 10.53 6.27 -12.83
CA GLY A 54 11.49 5.17 -12.84
C GLY A 54 11.82 4.68 -11.43
N ILE A 55 10.79 4.57 -10.58
CA ILE A 55 10.93 4.13 -9.18
C ILE A 55 10.28 2.74 -9.02
N HIS A 56 11.08 1.66 -9.11
CA HIS A 56 10.59 0.30 -8.84
C HIS A 56 10.81 -0.04 -7.38
N PHE A 57 9.71 -0.07 -6.62
CA PHE A 57 9.67 -0.56 -5.25
C PHE A 57 8.99 -1.92 -5.27
N GLU A 58 9.55 -2.89 -4.53
CA GLU A 58 9.06 -4.27 -4.55
C GLU A 58 8.90 -4.77 -3.11
N VAL A 59 7.76 -5.44 -2.88
CA VAL A 59 7.36 -5.97 -1.56
C VAL A 59 8.34 -7.07 -1.10
N LYS A 60 8.89 -6.89 0.10
CA LYS A 60 9.87 -7.84 0.71
C LYS A 60 9.29 -8.47 1.98
N ARG A 61 8.56 -7.67 2.75
CA ARG A 61 8.03 -8.07 4.06
C ARG A 61 6.64 -7.45 4.28
N VAL A 62 5.66 -8.28 4.66
CA VAL A 62 4.28 -7.84 4.96
C VAL A 62 3.95 -8.19 6.41
N GLU A 63 3.46 -7.19 7.16
CA GLU A 63 2.93 -7.39 8.52
C GLU A 63 1.53 -6.76 8.56
N VAL A 64 0.49 -7.60 8.58
CA VAL A 64 -0.90 -7.15 8.62
C VAL A 64 -1.44 -7.32 10.06
N THR A 65 -1.74 -6.19 10.70
CA THR A 65 -2.09 -6.12 12.13
C THR A 65 -3.26 -5.17 12.33
N THR A 66 -4.04 -5.39 13.40
CA THR A 66 -5.28 -4.64 13.66
C THR A 66 -5.09 -3.53 14.70
N ASP A 67 -5.55 -2.34 14.34
CA ASP A 67 -5.57 -1.10 15.15
C ASP A 67 -7.04 -0.79 15.53
N GLY A 68 -7.53 -1.49 16.58
CA GLY A 68 -8.95 -1.41 16.97
C GLY A 68 -9.84 -2.13 15.96
N ASN A 69 -10.80 -1.38 15.36
CA ASN A 69 -11.64 -1.86 14.24
C ASN A 69 -10.95 -1.62 12.88
N THR A 70 -9.87 -0.83 12.90
CA THR A 70 -9.06 -0.50 11.73
C THR A 70 -7.93 -1.56 11.59
N VAL A 71 -7.40 -1.73 10.37
CA VAL A 71 -6.23 -2.59 10.09
C VAL A 71 -5.11 -1.74 9.43
N ASN A 72 -3.88 -1.88 9.91
CA ASN A 72 -2.66 -1.30 9.27
C ASN A 72 -1.81 -2.43 8.70
N VAL A 73 -1.48 -2.33 7.41
CA VAL A 73 -0.48 -3.20 6.79
C VAL A 73 0.86 -2.45 6.75
N THR A 74 1.74 -2.85 7.65
CA THR A 74 3.12 -2.37 7.70
C THR A 74 3.96 -3.26 6.77
N VAL A 75 4.26 -2.73 5.58
CA VAL A 75 4.90 -3.47 4.49
C VAL A 75 6.18 -2.74 4.05
N GLU A 76 7.29 -3.47 4.10
CA GLU A 76 8.63 -2.97 3.74
C GLU A 76 8.87 -3.23 2.24
N LEU A 77 9.27 -2.17 1.50
CA LEU A 77 9.62 -2.28 0.07
C LEU A 77 11.01 -1.65 -0.17
N GLU A 78 11.77 -2.27 -1.09
CA GLU A 78 13.06 -1.72 -1.55
C GLU A 78 12.83 -0.84 -2.78
N GLU A 79 12.98 0.48 -2.60
CA GLU A 79 12.76 1.46 -3.67
C GLU A 79 14.06 1.65 -4.45
N THR A 80 14.09 1.04 -5.64
CA THR A 80 15.18 1.12 -6.61
C THR A 80 14.88 2.24 -7.63
N THR A 81 15.60 3.36 -7.49
CA THR A 81 15.46 4.55 -8.33
C THR A 81 16.84 5.21 -8.53
N GLY A 82 17.30 5.28 -9.79
CA GLY A 82 18.56 5.95 -10.15
C GLY A 82 19.81 5.33 -9.52
N GLY A 83 19.72 4.04 -9.13
CA GLY A 83 20.82 3.32 -8.48
C GLY A 83 20.62 3.15 -6.98
N THR A 84 19.79 4.01 -6.38
CA THR A 84 19.54 4.04 -4.93
C THR A 84 18.47 3.00 -4.58
N THR A 85 18.79 2.09 -3.66
CA THR A 85 17.85 1.06 -3.16
C THR A 85 17.81 1.14 -1.63
N THR A 86 16.68 1.59 -1.09
CA THR A 86 16.46 1.78 0.35
C THR A 86 15.20 1.03 0.79
N ASN A 87 15.29 0.32 1.95
CA ASN A 87 14.14 -0.33 2.58
C ASN A 87 13.32 0.74 3.30
N THR A 88 12.24 1.15 2.63
CA THR A 88 11.31 2.16 3.14
C THR A 88 10.03 1.45 3.61
N THR A 89 9.57 1.81 4.81
CA THR A 89 8.40 1.20 5.41
C THR A 89 7.14 1.99 4.99
N TYR A 90 6.19 1.28 4.38
CA TYR A 90 4.89 1.83 3.97
C TYR A 90 3.84 1.32 4.95
N GLU A 91 3.06 2.23 5.54
CA GLU A 91 1.96 1.87 6.45
C GLU A 91 0.64 2.27 5.79
N LEU A 92 -0.08 1.27 5.28
CA LEU A 92 -1.36 1.45 4.59
C LEU A 92 -2.47 1.16 5.59
N ARG A 93 -3.15 2.21 6.05
CA ARG A 93 -4.19 2.12 7.06
C ARG A 93 -5.55 1.90 6.38
N PHE A 94 -5.97 0.63 6.34
CA PHE A 94 -7.26 0.21 5.78
C PHE A 94 -8.32 0.23 6.88
N GLU A 95 -9.26 1.18 6.78
CA GLU A 95 -10.30 1.37 7.79
C GLU A 95 -11.66 0.89 7.25
N VAL A 96 -12.34 0.09 8.08
CA VAL A 96 -13.53 -0.70 7.70
C VAL A 96 -14.81 0.15 7.79
N ASP A 97 -15.80 -0.20 6.96
CA ASP A 97 -17.13 0.41 6.97
C ASP A 97 -18.17 -0.70 6.66
N GLY A 98 -18.79 -1.22 7.73
CA GLY A 98 -19.71 -2.36 7.62
C GLY A 98 -18.97 -3.66 7.41
N ASP A 99 -19.03 -4.19 6.17
CA ASP A 99 -18.37 -5.46 5.79
C ASP A 99 -17.26 -5.22 4.74
N THR A 100 -17.14 -3.97 4.26
CA THR A 100 -16.17 -3.59 3.20
C THR A 100 -15.31 -2.39 3.67
N ILE A 101 -14.03 -2.41 3.28
CA ILE A 101 -13.05 -1.39 3.68
C ILE A 101 -13.09 -0.21 2.68
N ARG A 102 -13.61 0.94 3.12
CA ARG A 102 -13.85 2.10 2.22
C ARG A 102 -12.78 3.21 2.39
N ARG A 103 -11.74 2.92 3.21
CA ARG A 103 -10.64 3.86 3.49
C ARG A 103 -9.27 3.17 3.36
N VAL A 104 -8.32 3.92 2.81
CA VAL A 104 -6.89 3.55 2.75
C VAL A 104 -6.04 4.82 2.88
N THR A 105 -5.00 4.77 3.72
CA THR A 105 -4.05 5.88 3.89
C THR A 105 -2.62 5.32 3.81
N VAL A 106 -1.92 5.59 2.70
CA VAL A 106 -0.56 5.10 2.47
C VAL A 106 0.47 6.11 3.02
N THR A 107 1.28 5.68 3.99
CA THR A 107 2.33 6.52 4.61
C THR A 107 3.72 5.97 4.26
N GLN A 108 4.43 6.68 3.37
CA GLN A 108 5.83 6.41 3.04
C GLN A 108 6.71 6.99 4.17
N ASN A 109 7.22 6.10 5.03
CA ASN A 109 8.07 6.48 6.18
C ASN A 109 9.52 6.60 5.73
N GLY A 110 9.81 7.76 5.12
CA GLY A 110 11.17 8.16 4.75
C GLY A 110 11.74 9.20 5.71
N GLY A 111 10.83 9.86 6.46
CA GLY A 111 11.19 10.86 7.46
C GLY A 111 10.01 11.78 7.77
N SER A 112 9.58 11.82 9.03
CA SER A 112 8.51 12.71 9.50
C SER A 112 9.03 14.17 9.58
N LEU A 113 8.09 15.15 9.58
CA LEU A 113 8.42 16.60 9.59
C LEU A 113 9.28 16.93 10.83
N GLU A 114 8.70 16.68 12.03
CA GLU A 114 9.37 16.91 13.32
C GLU A 114 10.49 15.88 13.52
N HIS A 115 11.74 16.29 13.22
CA HIS A 115 12.93 15.41 13.33
C HIS A 115 13.44 15.34 14.78
N HIS A 116 14.50 14.54 15.02
CA HIS A 116 15.13 14.36 16.35
C HIS A 116 16.17 15.50 16.62
N HIS A 117 15.72 16.76 16.43
CA HIS A 117 16.53 17.97 16.67
C HIS A 117 15.65 19.08 17.26
N HIS A 118 15.67 19.21 18.59
CA HIS A 118 14.97 20.29 19.31
C HIS A 118 15.93 21.49 19.45
N HIS A 119 15.57 22.61 18.77
CA HIS A 119 16.35 23.88 18.78
C HIS A 119 17.75 23.69 18.14
N HIS A 120 17.86 24.06 16.85
CA HIS A 120 19.13 24.00 16.09
C HIS A 120 19.13 25.17 15.08
N MET A 1 -17.33 -9.85 1.65
CA MET A 1 -15.96 -10.17 2.15
C MET A 1 -15.88 -9.96 3.67
N GLN A 2 -15.89 -11.07 4.41
CA GLN A 2 -15.68 -11.10 5.87
C GLN A 2 -14.18 -11.20 6.22
N ASP A 3 -13.36 -11.39 5.18
CA ASP A 3 -11.92 -11.71 5.30
C ASP A 3 -11.07 -10.42 5.42
N ILE A 4 -11.57 -9.45 6.21
CA ILE A 4 -11.09 -8.04 6.25
C ILE A 4 -9.56 -7.89 6.44
N VAL A 5 -8.97 -8.72 7.32
CA VAL A 5 -7.52 -8.68 7.64
C VAL A 5 -6.69 -9.20 6.44
N GLU A 6 -7.06 -10.40 5.94
CA GLU A 6 -6.39 -11.04 4.79
C GLU A 6 -6.60 -10.20 3.51
N ALA A 7 -7.75 -9.50 3.48
CA ALA A 7 -8.16 -8.61 2.40
C ALA A 7 -7.23 -7.39 2.36
N ALA A 8 -7.00 -6.80 3.54
CA ALA A 8 -6.11 -5.64 3.70
C ALA A 8 -4.68 -5.96 3.27
N LYS A 9 -4.24 -7.21 3.57
CA LYS A 9 -2.91 -7.72 3.25
C LYS A 9 -2.69 -7.79 1.72
N GLN A 10 -3.62 -8.43 0.98
CA GLN A 10 -3.53 -8.55 -0.48
C GLN A 10 -3.82 -7.21 -1.17
N ALA A 11 -4.58 -6.34 -0.48
CA ALA A 11 -4.93 -5.00 -0.97
C ALA A 11 -3.68 -4.14 -1.10
N ALA A 12 -2.82 -4.20 -0.04
CA ALA A 12 -1.54 -3.48 -0.02
C ALA A 12 -0.67 -3.87 -1.22
N ILE A 13 -0.45 -5.20 -1.37
CA ILE A 13 0.39 -5.77 -2.45
C ILE A 13 -0.17 -5.39 -3.84
N ALA A 14 -1.51 -5.45 -3.98
CA ALA A 14 -2.23 -5.15 -5.24
C ALA A 14 -2.07 -3.68 -5.63
N ILE A 15 -2.08 -2.81 -4.61
CA ILE A 15 -1.88 -1.36 -4.78
C ILE A 15 -0.48 -1.09 -5.38
N PHE A 16 0.52 -1.88 -4.96
CA PHE A 16 1.91 -1.71 -5.43
C PHE A 16 2.13 -2.37 -6.80
N GLN A 17 1.36 -3.45 -7.09
CA GLN A 17 1.37 -4.12 -8.41
C GLN A 17 0.80 -3.19 -9.48
N LEU A 18 -0.21 -2.39 -9.09
CA LEU A 18 -0.74 -1.31 -9.94
C LEU A 18 0.27 -0.17 -10.05
N TRP A 19 0.84 0.26 -8.91
CA TRP A 19 1.81 1.39 -8.86
C TRP A 19 3.05 1.18 -9.76
N LYS A 20 3.41 -0.10 -10.02
CA LYS A 20 4.55 -0.44 -10.92
C LYS A 20 4.05 -0.89 -12.33
N ASN A 21 2.74 -1.22 -12.44
CA ASN A 21 2.10 -1.65 -13.71
C ASN A 21 0.55 -1.36 -13.63
N PRO A 22 0.09 -0.13 -14.06
CA PRO A 22 -1.34 0.32 -13.94
C PRO A 22 -2.33 -0.59 -14.68
N THR A 23 -1.81 -1.30 -15.68
CA THR A 23 -2.59 -2.12 -16.59
C THR A 23 -2.95 -3.50 -15.99
N ASP A 24 -2.46 -3.79 -14.75
CA ASP A 24 -2.70 -5.10 -14.09
C ASP A 24 -4.19 -5.25 -13.74
N PRO A 25 -4.91 -6.23 -14.39
CA PRO A 25 -6.37 -6.40 -14.19
C PRO A 25 -6.71 -7.14 -12.88
N GLU A 26 -5.79 -8.00 -12.41
CA GLU A 26 -6.00 -8.85 -11.23
C GLU A 26 -6.01 -8.01 -9.93
N ALA A 27 -5.09 -7.03 -9.88
CA ALA A 27 -4.86 -6.17 -8.71
C ALA A 27 -6.06 -5.24 -8.47
N GLN A 28 -6.47 -4.52 -9.54
CA GLN A 28 -7.61 -3.57 -9.45
C GLN A 28 -8.96 -4.28 -9.24
N GLU A 29 -9.07 -5.55 -9.71
CA GLU A 29 -10.31 -6.34 -9.58
C GLU A 29 -10.55 -6.75 -8.13
N LEU A 30 -9.50 -7.27 -7.44
CA LEU A 30 -9.61 -7.70 -6.03
C LEU A 30 -9.87 -6.47 -5.13
N LEU A 31 -9.29 -5.30 -5.53
CA LEU A 31 -9.48 -4.01 -4.82
C LEU A 31 -10.95 -3.54 -4.89
N ASN A 32 -11.69 -3.92 -5.94
CA ASN A 32 -13.14 -3.65 -6.04
C ASN A 32 -13.90 -4.50 -5.01
N LYS A 33 -13.46 -5.76 -4.91
CA LYS A 33 -14.15 -6.80 -4.13
C LYS A 33 -13.97 -6.61 -2.62
N ILE A 34 -12.91 -5.89 -2.17
CA ILE A 34 -12.63 -5.67 -0.73
C ILE A 34 -12.67 -4.18 -0.33
N LEU A 35 -11.93 -3.33 -1.07
CA LEU A 35 -11.98 -1.86 -0.92
C LEU A 35 -13.18 -1.34 -1.72
N SER A 36 -13.55 -0.07 -1.49
CA SER A 36 -14.56 0.60 -2.31
C SER A 36 -14.08 0.69 -3.78
N PRO A 37 -14.99 0.53 -4.79
CA PRO A 37 -14.61 0.59 -6.24
C PRO A 37 -13.97 1.94 -6.65
N ASP A 38 -14.06 2.95 -5.78
CA ASP A 38 -13.39 4.26 -5.96
C ASP A 38 -11.86 4.13 -5.79
N VAL A 39 -11.45 3.26 -4.84
CA VAL A 39 -10.06 3.11 -4.39
C VAL A 39 -9.15 2.52 -5.49
N LEU A 40 -9.67 1.55 -6.28
CA LEU A 40 -8.89 0.91 -7.36
C LEU A 40 -8.47 1.95 -8.43
N ASP A 41 -9.34 2.98 -8.61
CA ASP A 41 -9.17 4.03 -9.62
C ASP A 41 -7.96 4.90 -9.28
N GLN A 42 -7.97 5.50 -8.07
CA GLN A 42 -6.91 6.43 -7.62
C GLN A 42 -5.52 5.77 -7.63
N VAL A 43 -5.50 4.45 -7.38
CA VAL A 43 -4.26 3.64 -7.29
C VAL A 43 -3.64 3.39 -8.68
N ARG A 44 -4.45 2.91 -9.64
CA ARG A 44 -3.96 2.62 -11.01
C ARG A 44 -3.56 3.91 -11.75
N GLU A 45 -4.16 5.05 -11.34
CA GLU A 45 -3.82 6.37 -11.90
C GLU A 45 -2.61 6.99 -11.15
N HIS A 46 -2.41 6.57 -9.88
CA HIS A 46 -1.23 6.94 -9.06
C HIS A 46 0.03 6.29 -9.66
N ALA A 47 -0.18 5.14 -10.30
CA ALA A 47 0.84 4.35 -10.98
C ALA A 47 1.54 5.13 -12.09
N ARG A 48 0.74 5.94 -12.83
CA ARG A 48 1.20 6.75 -13.97
C ARG A 48 2.31 7.73 -13.54
N GLU A 49 2.23 8.20 -12.27
CA GLU A 49 3.24 9.09 -11.65
C GLU A 49 4.60 8.37 -11.52
N LEU A 50 4.55 7.16 -10.93
CA LEU A 50 5.75 6.35 -10.63
C LEU A 50 6.32 5.73 -11.92
N GLN A 51 5.50 5.69 -12.98
CA GLN A 51 5.89 5.24 -14.32
C GLN A 51 6.80 6.30 -14.98
N LYS A 52 6.41 7.61 -14.83
CA LYS A 52 7.22 8.75 -15.31
C LYS A 52 8.59 8.75 -14.61
N GLN A 53 8.53 8.50 -13.28
CA GLN A 53 9.70 8.46 -12.40
C GLN A 53 10.56 7.21 -12.63
N GLY A 54 9.91 6.12 -13.09
CA GLY A 54 10.57 4.85 -13.36
C GLY A 54 11.10 4.18 -12.10
N ILE A 55 10.32 4.24 -11.00
CA ILE A 55 10.72 3.66 -9.70
C ILE A 55 10.50 2.14 -9.72
N HIS A 56 11.61 1.38 -9.62
CA HIS A 56 11.58 -0.10 -9.58
C HIS A 56 11.49 -0.54 -8.10
N PHE A 57 10.37 -1.15 -7.69
CA PHE A 57 10.17 -1.55 -6.28
C PHE A 57 9.33 -2.82 -6.18
N GLU A 58 9.78 -3.76 -5.34
CA GLU A 58 9.07 -5.02 -5.05
C GLU A 58 8.65 -5.06 -3.57
N VAL A 59 7.56 -5.80 -3.32
CA VAL A 59 7.00 -6.01 -1.97
C VAL A 59 7.86 -7.04 -1.20
N LYS A 60 8.41 -6.62 -0.04
CA LYS A 60 9.39 -7.43 0.73
C LYS A 60 8.74 -8.07 1.95
N ARG A 61 8.11 -7.24 2.79
CA ARG A 61 7.53 -7.65 4.09
C ARG A 61 6.12 -7.09 4.18
N VAL A 62 5.13 -7.94 4.48
CA VAL A 62 3.73 -7.53 4.70
C VAL A 62 3.29 -7.99 6.09
N GLU A 63 3.11 -7.05 7.02
CA GLU A 63 2.68 -7.34 8.40
C GLU A 63 1.36 -6.60 8.66
N VAL A 64 0.29 -7.38 8.74
CA VAL A 64 -1.08 -6.88 8.85
C VAL A 64 -1.60 -7.07 10.30
N THR A 65 -1.75 -5.95 11.02
CA THR A 65 -2.17 -5.94 12.44
C THR A 65 -3.43 -5.07 12.60
N THR A 66 -4.34 -5.49 13.49
CA THR A 66 -5.60 -4.76 13.73
C THR A 66 -5.44 -3.79 14.92
N ASP A 67 -5.72 -2.51 14.66
CA ASP A 67 -5.69 -1.44 15.68
C ASP A 67 -7.13 -0.93 15.88
N GLY A 68 -7.78 -1.44 16.94
CA GLY A 68 -9.21 -1.21 17.17
C GLY A 68 -10.05 -1.93 16.12
N ASN A 69 -10.72 -1.15 15.26
CA ASN A 69 -11.46 -1.69 14.08
C ASN A 69 -10.67 -1.41 12.79
N THR A 70 -9.69 -0.49 12.85
CA THR A 70 -8.92 -0.05 11.68
C THR A 70 -7.64 -0.91 11.54
N VAL A 71 -7.54 -1.64 10.44
CA VAL A 71 -6.42 -2.57 10.19
C VAL A 71 -5.27 -1.83 9.48
N ASN A 72 -4.06 -1.97 10.02
CA ASN A 72 -2.84 -1.28 9.55
C ASN A 72 -1.88 -2.30 8.97
N VAL A 73 -1.64 -2.23 7.66
CA VAL A 73 -0.65 -3.07 6.99
C VAL A 73 0.66 -2.30 6.88
N THR A 74 1.61 -2.69 7.72
CA THR A 74 2.97 -2.18 7.71
C THR A 74 3.79 -3.03 6.70
N VAL A 75 4.06 -2.44 5.53
CA VAL A 75 4.65 -3.16 4.39
C VAL A 75 5.90 -2.43 3.85
N GLU A 76 7.05 -3.10 3.97
CA GLU A 76 8.35 -2.61 3.48
C GLU A 76 8.47 -2.91 1.97
N LEU A 77 8.88 -1.89 1.21
CA LEU A 77 9.17 -2.01 -0.23
C LEU A 77 10.65 -1.67 -0.45
N GLU A 78 11.34 -2.49 -1.26
CA GLU A 78 12.72 -2.20 -1.66
C GLU A 78 12.70 -1.46 -3.00
N GLU A 79 12.89 -0.15 -2.92
CA GLU A 79 12.91 0.77 -4.07
C GLU A 79 14.35 0.98 -4.55
N THR A 80 14.65 0.48 -5.75
CA THR A 80 15.92 0.70 -6.42
C THR A 80 15.79 2.01 -7.24
N THR A 81 16.39 3.07 -6.69
CA THR A 81 16.41 4.40 -7.30
C THR A 81 17.84 4.95 -7.19
N GLY A 82 18.35 5.53 -8.29
CA GLY A 82 19.75 5.95 -8.38
C GLY A 82 20.73 4.76 -8.36
N GLY A 83 20.18 3.55 -8.63
CA GLY A 83 20.95 2.30 -8.56
C GLY A 83 21.06 1.73 -7.14
N THR A 84 20.64 2.51 -6.13
CA THR A 84 20.81 2.18 -4.70
C THR A 84 19.54 1.53 -4.13
N THR A 85 19.74 0.68 -3.12
CA THR A 85 18.65 -0.01 -2.41
C THR A 85 18.14 0.90 -1.29
N THR A 86 16.87 1.31 -1.40
CA THR A 86 16.20 2.13 -0.39
C THR A 86 14.95 1.39 0.11
N ASN A 87 14.98 0.93 1.37
CA ASN A 87 13.86 0.21 2.01
C ASN A 87 12.95 1.24 2.68
N THR A 88 11.82 1.54 2.03
CA THR A 88 10.83 2.50 2.54
C THR A 88 9.55 1.75 2.93
N THR A 89 9.11 1.97 4.16
CA THR A 89 7.93 1.29 4.72
C THR A 89 6.69 2.15 4.45
N TYR A 90 5.71 1.60 3.75
CA TYR A 90 4.42 2.25 3.56
C TYR A 90 3.44 1.55 4.51
N GLU A 91 2.72 2.33 5.32
CA GLU A 91 1.78 1.79 6.29
C GLU A 91 0.36 2.17 5.84
N LEU A 92 -0.34 1.19 5.26
CA LEU A 92 -1.67 1.40 4.67
C LEU A 92 -2.72 1.12 5.75
N ARG A 93 -3.33 2.19 6.23
CA ARG A 93 -4.30 2.18 7.31
C ARG A 93 -5.70 2.05 6.69
N PHE A 94 -6.23 0.83 6.65
CA PHE A 94 -7.53 0.54 6.06
C PHE A 94 -8.62 0.71 7.13
N GLU A 95 -9.39 1.79 6.98
CA GLU A 95 -10.50 2.12 7.89
C GLU A 95 -11.76 1.46 7.31
N VAL A 96 -12.43 0.66 8.14
CA VAL A 96 -13.44 -0.33 7.71
C VAL A 96 -14.87 0.16 8.00
N ASP A 97 -15.82 -0.26 7.15
CA ASP A 97 -17.25 0.07 7.25
C ASP A 97 -18.07 -1.22 6.98
N GLY A 98 -18.41 -1.95 8.06
CA GLY A 98 -19.19 -3.17 7.99
C GLY A 98 -18.38 -4.33 7.43
N ASP A 99 -18.61 -4.65 6.14
CA ASP A 99 -17.93 -5.76 5.42
C ASP A 99 -17.01 -5.23 4.32
N THR A 100 -17.09 -3.92 4.03
CA THR A 100 -16.22 -3.26 3.04
C THR A 100 -15.21 -2.35 3.76
N ILE A 101 -14.21 -1.90 3.02
CA ILE A 101 -13.25 -0.89 3.51
C ILE A 101 -13.40 0.36 2.62
N ARG A 102 -13.75 1.52 3.24
CA ARG A 102 -13.99 2.77 2.49
C ARG A 102 -12.69 3.56 2.29
N ARG A 103 -11.77 3.44 3.25
CA ARG A 103 -10.62 4.36 3.39
C ARG A 103 -9.30 3.59 3.50
N VAL A 104 -8.23 4.19 2.97
CA VAL A 104 -6.86 3.68 3.05
C VAL A 104 -5.88 4.89 3.12
N THR A 105 -5.25 5.07 4.30
CA THR A 105 -4.24 6.09 4.50
C THR A 105 -2.86 5.47 4.30
N VAL A 106 -2.23 5.75 3.16
CA VAL A 106 -0.90 5.24 2.84
C VAL A 106 0.14 6.19 3.46
N THR A 107 0.71 5.78 4.58
CA THR A 107 1.59 6.62 5.40
C THR A 107 3.05 6.27 5.08
N GLN A 108 3.74 7.19 4.39
CA GLN A 108 5.11 6.98 3.89
C GLN A 108 6.14 7.20 5.03
N ASN A 109 6.71 6.08 5.52
CA ASN A 109 7.76 6.06 6.55
C ASN A 109 9.11 5.68 5.88
N GLY A 110 9.97 6.68 5.69
CA GLY A 110 11.28 6.46 5.05
C GLY A 110 12.19 7.68 5.14
N GLY A 111 13.26 7.68 4.32
CA GLY A 111 14.20 8.82 4.26
C GLY A 111 14.96 9.02 5.57
N SER A 112 15.67 7.99 6.02
CA SER A 112 16.39 8.00 7.31
C SER A 112 17.80 8.57 7.12
N LEU A 113 17.96 9.88 7.43
CA LEU A 113 19.26 10.58 7.34
C LEU A 113 20.23 10.04 8.42
N GLU A 114 19.75 10.10 9.67
CA GLU A 114 20.50 9.69 10.87
C GLU A 114 19.51 9.41 12.01
N HIS A 115 20.05 9.27 13.23
CA HIS A 115 19.26 9.09 14.47
C HIS A 115 19.87 9.97 15.57
N HIS A 116 19.05 10.89 16.12
CA HIS A 116 19.46 11.81 17.22
C HIS A 116 19.72 11.05 18.54
N HIS A 117 19.23 9.80 18.63
CA HIS A 117 19.63 8.84 19.66
C HIS A 117 20.01 7.52 18.98
N HIS A 118 21.00 6.81 19.53
CA HIS A 118 21.56 5.56 18.95
C HIS A 118 20.46 4.51 18.64
N HIS A 119 20.63 3.77 17.54
CA HIS A 119 19.62 2.80 17.07
C HIS A 119 19.50 1.61 18.04
N HIS A 120 18.29 1.41 18.58
CA HIS A 120 17.96 0.23 19.39
C HIS A 120 17.59 -0.93 18.41
N MET A 1 -15.34 -11.85 -0.52
CA MET A 1 -14.44 -11.21 0.48
C MET A 1 -14.16 -12.20 1.62
N GLN A 2 -12.94 -12.77 1.61
CA GLN A 2 -12.52 -13.83 2.55
C GLN A 2 -12.64 -13.40 4.02
N ASP A 3 -11.98 -12.30 4.34
CA ASP A 3 -11.86 -11.80 5.73
C ASP A 3 -11.47 -10.31 5.71
N ILE A 4 -11.67 -9.62 6.85
CA ILE A 4 -11.32 -8.18 7.02
C ILE A 4 -9.80 -7.96 6.87
N VAL A 5 -9.03 -8.77 7.61
CA VAL A 5 -7.56 -8.69 7.67
C VAL A 5 -6.94 -9.21 6.34
N GLU A 6 -7.59 -10.25 5.77
CA GLU A 6 -7.21 -10.78 4.44
C GLU A 6 -7.48 -9.75 3.34
N ALA A 7 -8.57 -8.98 3.50
CA ALA A 7 -8.94 -7.92 2.55
C ALA A 7 -7.87 -6.83 2.54
N ALA A 8 -7.38 -6.48 3.73
CA ALA A 8 -6.31 -5.49 3.90
C ALA A 8 -4.99 -5.96 3.28
N LYS A 9 -4.67 -7.23 3.51
CA LYS A 9 -3.40 -7.86 3.07
C LYS A 9 -3.35 -7.98 1.52
N GLN A 10 -4.46 -8.48 0.94
CA GLN A 10 -4.62 -8.60 -0.52
C GLN A 10 -4.61 -7.22 -1.19
N ALA A 11 -5.30 -6.26 -0.55
CA ALA A 11 -5.41 -4.89 -1.06
C ALA A 11 -4.05 -4.21 -1.09
N ALA A 12 -3.26 -4.41 -0.03
CA ALA A 12 -1.92 -3.83 0.09
C ALA A 12 -1.04 -4.24 -1.10
N ILE A 13 -0.95 -5.57 -1.33
CA ILE A 13 -0.15 -6.15 -2.41
C ILE A 13 -0.65 -5.67 -3.79
N ALA A 14 -1.99 -5.66 -3.96
CA ALA A 14 -2.65 -5.29 -5.23
C ALA A 14 -2.40 -3.81 -5.61
N ILE A 15 -2.38 -2.95 -4.59
CA ILE A 15 -2.06 -1.52 -4.73
C ILE A 15 -0.62 -1.37 -5.30
N PHE A 16 0.30 -2.25 -4.86
CA PHE A 16 1.71 -2.24 -5.32
C PHE A 16 1.85 -2.80 -6.75
N GLN A 17 1.01 -3.79 -7.10
CA GLN A 17 0.98 -4.37 -8.46
C GLN A 17 0.55 -3.29 -9.46
N LEU A 18 -0.40 -2.44 -9.03
CA LEU A 18 -0.84 -1.25 -9.79
C LEU A 18 0.26 -0.17 -9.79
N TRP A 19 0.92 0.06 -8.64
CA TRP A 19 1.92 1.15 -8.48
C TRP A 19 3.11 1.02 -9.45
N LYS A 20 3.51 -0.22 -9.76
CA LYS A 20 4.59 -0.50 -10.74
C LYS A 20 4.02 -0.82 -12.13
N ASN A 21 2.71 -1.13 -12.22
CA ASN A 21 2.03 -1.51 -13.47
C ASN A 21 0.50 -1.25 -13.32
N PRO A 22 0.02 0.03 -13.58
CA PRO A 22 -1.41 0.42 -13.39
C PRO A 22 -2.40 -0.37 -14.30
N THR A 23 -1.86 -1.06 -15.30
CA THR A 23 -2.63 -1.86 -16.24
C THR A 23 -2.83 -3.32 -15.75
N ASP A 24 -2.46 -3.62 -14.48
CA ASP A 24 -2.53 -4.99 -13.92
C ASP A 24 -4.01 -5.40 -13.74
N PRO A 25 -4.52 -6.39 -14.57
CA PRO A 25 -5.96 -6.74 -14.59
C PRO A 25 -6.45 -7.39 -13.28
N GLU A 26 -5.59 -8.25 -12.69
CA GLU A 26 -5.91 -9.04 -11.50
C GLU A 26 -5.99 -8.15 -10.24
N ALA A 27 -5.04 -7.21 -10.11
CA ALA A 27 -4.91 -6.36 -8.93
C ALA A 27 -6.13 -5.47 -8.72
N GLN A 28 -6.47 -4.70 -9.77
CA GLN A 28 -7.65 -3.81 -9.75
C GLN A 28 -8.97 -4.60 -9.59
N GLU A 29 -9.00 -5.83 -10.15
CA GLU A 29 -10.22 -6.69 -10.14
C GLU A 29 -10.57 -7.18 -8.72
N LEU A 30 -9.56 -7.66 -7.97
CA LEU A 30 -9.77 -8.16 -6.59
C LEU A 30 -10.10 -6.99 -5.64
N LEU A 31 -9.60 -5.78 -6.00
CA LEU A 31 -9.88 -4.52 -5.27
C LEU A 31 -11.34 -4.05 -5.42
N ASN A 32 -12.06 -4.55 -6.44
CA ASN A 32 -13.53 -4.32 -6.56
C ASN A 32 -14.31 -5.14 -5.52
N LYS A 33 -13.74 -6.30 -5.15
CA LYS A 33 -14.39 -7.28 -4.26
C LYS A 33 -14.22 -6.90 -2.78
N ILE A 34 -13.01 -6.44 -2.41
CA ILE A 34 -12.63 -6.19 -0.99
C ILE A 34 -12.63 -4.68 -0.64
N LEU A 35 -12.30 -3.85 -1.63
CA LEU A 35 -12.27 -2.38 -1.50
C LEU A 35 -13.38 -1.76 -2.37
N SER A 36 -13.47 -0.43 -2.36
CA SER A 36 -14.40 0.30 -3.22
C SER A 36 -13.78 0.52 -4.62
N PRO A 37 -14.59 0.46 -5.73
CA PRO A 37 -14.12 0.83 -7.10
C PRO A 37 -13.44 2.23 -7.17
N ASP A 38 -13.91 3.13 -6.30
CA ASP A 38 -13.33 4.47 -6.11
C ASP A 38 -11.84 4.41 -5.74
N VAL A 39 -11.53 3.53 -4.77
CA VAL A 39 -10.19 3.42 -4.16
C VAL A 39 -9.14 2.98 -5.20
N LEU A 40 -9.44 1.88 -5.90
CA LEU A 40 -8.50 1.28 -6.89
C LEU A 40 -8.22 2.24 -8.06
N ASP A 41 -9.20 3.11 -8.36
CA ASP A 41 -9.11 4.10 -9.44
C ASP A 41 -8.00 5.12 -9.15
N GLN A 42 -8.13 5.81 -8.01
CA GLN A 42 -7.18 6.84 -7.60
C GLN A 42 -5.81 6.22 -7.20
N VAL A 43 -5.80 4.91 -6.86
CA VAL A 43 -4.55 4.14 -6.68
C VAL A 43 -3.80 3.98 -8.02
N ARG A 44 -4.52 3.53 -9.07
CA ARG A 44 -3.90 3.28 -10.40
C ARG A 44 -3.53 4.59 -11.11
N GLU A 45 -4.16 5.71 -10.71
CA GLU A 45 -3.81 7.07 -11.22
C GLU A 45 -2.47 7.55 -10.62
N HIS A 46 -2.33 7.45 -9.29
CA HIS A 46 -1.06 7.81 -8.57
C HIS A 46 0.06 6.80 -8.91
N ALA A 47 -0.36 5.62 -9.37
CA ALA A 47 0.53 4.56 -9.87
C ALA A 47 1.26 4.99 -11.14
N ARG A 48 0.54 5.72 -12.01
CA ARG A 48 1.08 6.27 -13.27
C ARG A 48 2.21 7.27 -12.98
N GLU A 49 2.15 7.91 -11.79
CA GLU A 49 3.17 8.86 -11.34
C GLU A 49 4.49 8.13 -11.01
N LEU A 50 4.38 7.03 -10.25
CA LEU A 50 5.52 6.16 -9.88
C LEU A 50 6.12 5.46 -11.12
N GLN A 51 5.24 5.13 -12.08
CA GLN A 51 5.62 4.56 -13.38
C GLN A 51 6.50 5.56 -14.16
N LYS A 52 6.06 6.84 -14.15
CA LYS A 52 6.74 7.94 -14.83
C LYS A 52 8.08 8.29 -14.14
N GLN A 53 8.12 8.09 -12.81
CA GLN A 53 9.34 8.30 -12.00
C GLN A 53 10.33 7.14 -12.16
N GLY A 54 9.84 6.00 -12.70
CA GLY A 54 10.66 4.82 -12.98
C GLY A 54 11.18 4.13 -11.71
N ILE A 55 10.39 4.23 -10.63
CA ILE A 55 10.75 3.65 -9.33
C ILE A 55 10.42 2.14 -9.33
N HIS A 56 11.45 1.31 -9.56
CA HIS A 56 11.34 -0.14 -9.43
C HIS A 56 11.47 -0.48 -7.94
N PHE A 57 10.37 -0.90 -7.32
CA PHE A 57 10.37 -1.34 -5.91
C PHE A 57 10.10 -2.85 -5.88
N GLU A 58 10.42 -3.47 -4.75
CA GLU A 58 10.19 -4.91 -4.54
C GLU A 58 9.75 -5.17 -3.10
N VAL A 59 8.65 -5.93 -2.94
CA VAL A 59 8.12 -6.32 -1.62
C VAL A 59 9.10 -7.29 -0.94
N LYS A 60 9.34 -7.04 0.35
CA LYS A 60 10.33 -7.76 1.17
C LYS A 60 9.63 -8.50 2.33
N ARG A 61 8.80 -7.75 3.07
CA ARG A 61 8.16 -8.22 4.29
C ARG A 61 6.74 -7.65 4.36
N VAL A 62 5.72 -8.52 4.47
CA VAL A 62 4.31 -8.11 4.61
C VAL A 62 3.80 -8.50 6.00
N GLU A 63 3.51 -7.50 6.83
CA GLU A 63 2.89 -7.69 8.16
C GLU A 63 1.57 -6.94 8.16
N VAL A 64 0.58 -7.47 8.87
CA VAL A 64 -0.76 -6.90 8.94
C VAL A 64 -1.23 -6.89 10.42
N THR A 65 -1.29 -5.69 11.01
CA THR A 65 -1.67 -5.48 12.41
C THR A 65 -2.93 -4.62 12.47
N THR A 66 -3.95 -5.08 13.22
CA THR A 66 -5.21 -4.36 13.40
C THR A 66 -5.12 -3.42 14.61
N ASP A 67 -6.05 -2.46 14.67
CA ASP A 67 -6.11 -1.42 15.71
C ASP A 67 -7.54 -0.83 15.73
N GLY A 68 -8.40 -1.41 16.58
CA GLY A 68 -9.83 -1.08 16.61
C GLY A 68 -10.56 -1.59 15.37
N ASN A 69 -11.18 -0.67 14.60
CA ASN A 69 -11.84 -1.01 13.31
C ASN A 69 -10.86 -0.83 12.13
N THR A 70 -9.71 -0.21 12.39
CA THR A 70 -8.72 0.14 11.37
C THR A 70 -7.56 -0.87 11.38
N VAL A 71 -7.07 -1.24 10.20
CA VAL A 71 -5.97 -2.21 10.04
C VAL A 71 -4.79 -1.58 9.28
N ASN A 72 -3.65 -1.48 9.97
CA ASN A 72 -2.40 -0.91 9.44
C ASN A 72 -1.51 -2.05 8.92
N VAL A 73 -1.37 -2.14 7.59
CA VAL A 73 -0.50 -3.13 6.94
C VAL A 73 0.91 -2.53 6.81
N THR A 74 1.83 -3.03 7.63
CA THR A 74 3.21 -2.54 7.70
C THR A 74 4.08 -3.44 6.80
N VAL A 75 4.46 -2.93 5.63
CA VAL A 75 5.12 -3.71 4.57
C VAL A 75 6.34 -2.96 4.02
N GLU A 76 7.51 -3.62 4.03
CA GLU A 76 8.77 -3.06 3.52
C GLU A 76 8.87 -3.31 2.00
N LEU A 77 9.03 -2.23 1.24
CA LEU A 77 9.37 -2.28 -0.19
C LEU A 77 10.63 -1.43 -0.41
N GLU A 78 11.69 -2.04 -0.96
CA GLU A 78 12.94 -1.33 -1.23
C GLU A 78 12.90 -0.72 -2.64
N GLU A 79 12.95 0.62 -2.68
CA GLU A 79 12.83 1.40 -3.92
C GLU A 79 14.21 1.62 -4.58
N THR A 80 14.43 0.88 -5.67
CA THR A 80 15.57 1.06 -6.56
C THR A 80 15.18 2.05 -7.68
N THR A 81 15.66 3.29 -7.57
CA THR A 81 15.45 4.34 -8.58
C THR A 81 16.75 5.13 -8.78
N GLY A 82 17.08 5.42 -10.05
CA GLY A 82 18.32 6.12 -10.41
C GLY A 82 19.58 5.33 -10.07
N GLY A 83 19.44 3.99 -9.94
CA GLY A 83 20.53 3.10 -9.54
C GLY A 83 20.56 2.83 -8.03
N THR A 84 20.16 3.84 -7.23
CA THR A 84 20.21 3.79 -5.77
C THR A 84 18.95 3.09 -5.18
N THR A 85 19.15 2.18 -4.20
CA THR A 85 18.07 1.48 -3.51
C THR A 85 17.91 2.01 -2.07
N THR A 86 16.67 2.04 -1.56
CA THR A 86 16.37 2.44 -0.17
C THR A 86 15.21 1.59 0.36
N ASN A 87 15.43 0.89 1.49
CA ASN A 87 14.41 0.03 2.11
C ASN A 87 13.39 0.92 2.85
N THR A 88 12.23 1.11 2.22
CA THR A 88 11.16 1.99 2.71
C THR A 88 9.99 1.15 3.24
N THR A 89 9.50 1.49 4.42
CA THR A 89 8.34 0.84 5.04
C THR A 89 7.08 1.68 4.74
N TYR A 90 6.10 1.07 4.07
CA TYR A 90 4.80 1.69 3.78
C TYR A 90 3.76 1.11 4.74
N GLU A 91 3.04 2.01 5.44
CA GLU A 91 1.93 1.63 6.30
C GLU A 91 0.61 2.02 5.61
N LEU A 92 -0.10 1.04 5.06
CA LEU A 92 -1.39 1.25 4.39
C LEU A 92 -2.51 1.07 5.42
N ARG A 93 -3.12 2.20 5.81
CA ARG A 93 -4.11 2.26 6.88
C ARG A 93 -5.52 2.08 6.29
N PHE A 94 -6.04 0.85 6.33
CA PHE A 94 -7.37 0.50 5.79
C PHE A 94 -8.44 0.65 6.87
N GLU A 95 -9.39 1.56 6.64
CA GLU A 95 -10.49 1.83 7.57
C GLU A 95 -11.76 1.14 7.06
N VAL A 96 -12.34 0.23 7.87
CA VAL A 96 -13.57 -0.49 7.49
C VAL A 96 -14.80 0.35 7.87
N ASP A 97 -15.80 0.35 7.00
CA ASP A 97 -17.09 1.01 7.24
C ASP A 97 -18.19 0.03 6.81
N GLY A 98 -19.03 -0.39 7.77
CA GLY A 98 -19.96 -1.49 7.59
C GLY A 98 -19.23 -2.82 7.69
N ASP A 99 -19.18 -3.57 6.57
CA ASP A 99 -18.49 -4.87 6.51
C ASP A 99 -17.26 -4.85 5.58
N THR A 100 -17.19 -3.85 4.69
CA THR A 100 -16.11 -3.73 3.69
C THR A 100 -15.23 -2.52 4.01
N ILE A 101 -14.00 -2.50 3.43
CA ILE A 101 -13.06 -1.40 3.60
C ILE A 101 -13.42 -0.27 2.61
N ARG A 102 -13.56 0.97 3.13
CA ARG A 102 -14.00 2.14 2.35
C ARG A 102 -12.89 3.20 2.23
N ARG A 103 -11.84 3.09 3.06
CA ARG A 103 -10.80 4.13 3.14
C ARG A 103 -9.41 3.49 3.22
N VAL A 104 -8.40 4.19 2.68
CA VAL A 104 -6.97 3.84 2.81
C VAL A 104 -6.15 5.13 2.99
N THR A 105 -5.13 5.09 3.88
CA THR A 105 -4.14 6.16 4.02
C THR A 105 -2.75 5.53 4.12
N VAL A 106 -1.98 5.62 3.02
CA VAL A 106 -0.61 5.05 2.96
C VAL A 106 0.42 6.12 3.41
N THR A 107 1.33 5.73 4.30
CA THR A 107 2.37 6.62 4.84
C THR A 107 3.76 6.05 4.49
N GLN A 108 4.51 6.81 3.69
CA GLN A 108 5.87 6.44 3.26
C GLN A 108 6.87 6.77 4.37
N ASN A 109 7.34 5.72 5.07
CA ASN A 109 8.26 5.83 6.24
C ASN A 109 9.62 5.19 5.92
N GLY A 110 10.67 6.02 5.78
CA GLY A 110 12.05 5.53 5.57
C GLY A 110 12.72 5.17 6.91
N GLY A 111 12.17 4.16 7.61
CA GLY A 111 12.64 3.77 8.95
C GLY A 111 12.19 4.76 10.02
N SER A 112 10.99 5.35 9.80
CA SER A 112 10.40 6.33 10.72
C SER A 112 9.78 5.62 11.93
N LEU A 113 10.33 5.92 13.13
CA LEU A 113 9.90 5.32 14.41
C LEU A 113 10.09 3.79 14.41
N GLU A 114 11.14 3.35 13.69
CA GLU A 114 11.54 1.94 13.57
C GLU A 114 12.00 1.45 14.97
N HIS A 115 11.62 0.22 15.33
CA HIS A 115 11.66 -0.26 16.72
C HIS A 115 13.09 -0.39 17.28
N HIS A 116 14.02 -0.92 16.47
CA HIS A 116 15.41 -1.12 16.92
C HIS A 116 16.32 0.04 16.45
N HIS A 117 16.97 0.69 17.42
CA HIS A 117 17.94 1.76 17.15
C HIS A 117 19.20 1.15 16.50
N HIS A 118 19.21 1.11 15.15
CA HIS A 118 20.22 0.38 14.35
C HIS A 118 21.56 1.15 14.17
N HIS A 119 21.84 2.09 15.11
CA HIS A 119 23.18 2.67 15.29
C HIS A 119 23.28 3.27 16.71
N HIS A 120 24.35 2.89 17.42
CA HIS A 120 24.69 3.42 18.75
C HIS A 120 26.13 2.97 19.13
N MET A 1 -15.29 -9.76 -0.40
CA MET A 1 -14.54 -10.68 0.48
C MET A 1 -14.70 -10.23 1.94
N GLN A 2 -15.39 -11.08 2.74
CA GLN A 2 -15.74 -10.80 4.15
C GLN A 2 -14.50 -10.86 5.07
N ASP A 3 -13.45 -11.52 4.59
CA ASP A 3 -12.19 -11.74 5.32
C ASP A 3 -11.43 -10.42 5.44
N ILE A 4 -11.76 -9.62 6.47
CA ILE A 4 -11.30 -8.22 6.63
C ILE A 4 -9.76 -8.11 6.83
N VAL A 5 -9.19 -9.00 7.67
CA VAL A 5 -7.73 -9.05 7.95
C VAL A 5 -6.96 -9.31 6.63
N GLU A 6 -7.39 -10.39 5.96
CA GLU A 6 -6.81 -10.86 4.70
C GLU A 6 -7.11 -9.90 3.53
N ALA A 7 -8.23 -9.15 3.64
CA ALA A 7 -8.66 -8.17 2.63
C ALA A 7 -7.66 -7.03 2.57
N ALA A 8 -7.44 -6.38 3.72
CA ALA A 8 -6.51 -5.25 3.86
C ALA A 8 -5.06 -5.64 3.51
N LYS A 9 -4.70 -6.89 3.86
CA LYS A 9 -3.38 -7.49 3.54
C LYS A 9 -3.16 -7.51 2.02
N GLN A 10 -4.07 -8.19 1.30
CA GLN A 10 -4.00 -8.36 -0.17
C GLN A 10 -4.28 -7.02 -0.91
N ALA A 11 -4.95 -6.10 -0.22
CA ALA A 11 -5.26 -4.77 -0.74
C ALA A 11 -4.00 -3.92 -0.85
N ALA A 12 -3.18 -3.98 0.21
CA ALA A 12 -1.90 -3.26 0.26
C ALA A 12 -0.98 -3.70 -0.88
N ILE A 13 -0.89 -5.04 -1.05
CA ILE A 13 -0.08 -5.68 -2.09
C ILE A 13 -0.58 -5.26 -3.50
N ALA A 14 -1.92 -5.21 -3.65
CA ALA A 14 -2.59 -4.90 -4.93
C ALA A 14 -2.46 -3.42 -5.33
N ILE A 15 -2.42 -2.53 -4.32
CA ILE A 15 -2.20 -1.09 -4.51
C ILE A 15 -0.80 -0.85 -5.12
N PHE A 16 0.20 -1.60 -4.59
CA PHE A 16 1.58 -1.56 -5.09
C PHE A 16 1.68 -2.21 -6.49
N GLN A 17 0.92 -3.30 -6.70
CA GLN A 17 0.87 -4.01 -7.99
C GLN A 17 0.37 -3.10 -9.11
N LEU A 18 -0.63 -2.24 -8.78
CA LEU A 18 -1.13 -1.24 -9.73
C LEU A 18 -0.08 -0.12 -9.94
N TRP A 19 0.61 0.30 -8.86
CA TRP A 19 1.62 1.39 -8.92
C TRP A 19 2.85 1.01 -9.78
N LYS A 20 3.20 -0.28 -9.82
CA LYS A 20 4.35 -0.80 -10.61
C LYS A 20 3.90 -1.40 -11.95
N ASN A 21 2.60 -1.76 -12.04
CA ASN A 21 1.99 -2.36 -13.24
C ASN A 21 0.47 -2.09 -13.21
N PRO A 22 -0.01 -0.90 -13.71
CA PRO A 22 -1.46 -0.52 -13.62
C PRO A 22 -2.39 -1.46 -14.39
N THR A 23 -1.82 -2.21 -15.34
CA THR A 23 -2.56 -3.18 -16.17
C THR A 23 -2.81 -4.52 -15.46
N ASP A 24 -2.38 -4.66 -14.18
CA ASP A 24 -2.53 -5.91 -13.41
C ASP A 24 -4.03 -6.22 -13.17
N PRO A 25 -4.59 -7.30 -13.81
CA PRO A 25 -6.04 -7.59 -13.76
C PRO A 25 -6.49 -8.14 -12.39
N GLU A 26 -5.58 -8.88 -11.71
CA GLU A 26 -5.88 -9.55 -10.43
C GLU A 26 -5.97 -8.53 -9.29
N ALA A 27 -5.05 -7.53 -9.34
CA ALA A 27 -4.91 -6.49 -8.31
C ALA A 27 -6.19 -5.65 -8.22
N GLN A 28 -6.59 -5.06 -9.37
CA GLN A 28 -7.78 -4.19 -9.46
C GLN A 28 -9.08 -5.00 -9.19
N GLU A 29 -9.09 -6.30 -9.58
CA GLU A 29 -10.26 -7.20 -9.40
C GLU A 29 -10.61 -7.39 -7.92
N LEU A 30 -9.62 -7.85 -7.13
CA LEU A 30 -9.82 -8.13 -5.70
C LEU A 30 -10.16 -6.84 -4.94
N LEU A 31 -9.61 -5.69 -5.43
CA LEU A 31 -9.87 -4.36 -4.87
C LEU A 31 -11.34 -3.92 -5.07
N ASN A 32 -12.03 -4.43 -6.11
CA ASN A 32 -13.50 -4.17 -6.28
C ASN A 32 -14.30 -5.02 -5.27
N LYS A 33 -13.71 -6.15 -4.86
CA LYS A 33 -14.36 -7.14 -3.98
C LYS A 33 -14.09 -6.83 -2.49
N ILE A 34 -13.09 -5.97 -2.19
CA ILE A 34 -12.74 -5.61 -0.78
C ILE A 34 -12.78 -4.08 -0.53
N LEU A 35 -12.19 -3.30 -1.45
CA LEU A 35 -12.17 -1.82 -1.40
C LEU A 35 -13.33 -1.27 -2.24
N SER A 36 -13.52 0.04 -2.14
CA SER A 36 -14.53 0.76 -2.94
C SER A 36 -13.95 1.09 -4.35
N PRO A 37 -14.80 1.03 -5.43
CA PRO A 37 -14.35 1.23 -6.86
C PRO A 37 -13.56 2.54 -7.10
N ASP A 38 -13.90 3.58 -6.32
CA ASP A 38 -13.18 4.88 -6.31
C ASP A 38 -11.73 4.72 -5.82
N VAL A 39 -11.57 4.01 -4.68
CA VAL A 39 -10.29 3.92 -3.96
C VAL A 39 -9.21 3.22 -4.82
N LEU A 40 -9.60 2.18 -5.55
CA LEU A 40 -8.67 1.44 -6.42
C LEU A 40 -8.36 2.23 -7.70
N ASP A 41 -9.33 3.08 -8.11
CA ASP A 41 -9.23 3.84 -9.36
C ASP A 41 -8.22 4.99 -9.22
N GLN A 42 -8.29 5.72 -8.09
CA GLN A 42 -7.32 6.78 -7.76
C GLN A 42 -5.89 6.19 -7.61
N VAL A 43 -5.80 4.94 -7.11
CA VAL A 43 -4.52 4.19 -6.98
C VAL A 43 -3.89 3.94 -8.38
N ARG A 44 -4.67 3.37 -9.32
CA ARG A 44 -4.18 3.02 -10.68
C ARG A 44 -3.88 4.30 -11.53
N GLU A 45 -4.41 5.47 -11.11
CA GLU A 45 -4.07 6.79 -11.71
C GLU A 45 -2.78 7.37 -11.08
N HIS A 46 -2.58 7.13 -9.76
CA HIS A 46 -1.34 7.52 -9.04
C HIS A 46 -0.16 6.60 -9.43
N ALA A 47 -0.51 5.44 -10.02
CA ALA A 47 0.43 4.52 -10.65
C ALA A 47 1.25 5.21 -11.75
N ARG A 48 0.59 6.15 -12.47
CA ARG A 48 1.20 6.94 -13.55
C ARG A 48 2.45 7.69 -13.06
N GLU A 49 2.43 8.15 -11.80
CA GLU A 49 3.52 8.95 -11.22
C GLU A 49 4.83 8.15 -11.13
N LEU A 50 4.76 6.98 -10.47
CA LEU A 50 5.94 6.13 -10.19
C LEU A 50 6.46 5.45 -11.48
N GLN A 51 5.52 5.10 -12.38
CA GLN A 51 5.81 4.46 -13.67
C GLN A 51 6.53 5.45 -14.63
N LYS A 52 5.99 6.69 -14.71
CA LYS A 52 6.53 7.77 -15.58
C LYS A 52 7.95 8.18 -15.15
N GLN A 53 8.15 8.26 -13.83
CA GLN A 53 9.47 8.58 -13.23
C GLN A 53 10.44 7.39 -13.30
N GLY A 54 9.90 6.17 -13.47
CA GLY A 54 10.71 4.95 -13.62
C GLY A 54 11.27 4.44 -12.30
N ILE A 55 10.54 4.70 -11.20
CA ILE A 55 10.93 4.31 -9.84
C ILE A 55 10.56 2.83 -9.61
N HIS A 56 11.57 1.93 -9.63
CA HIS A 56 11.35 0.51 -9.29
C HIS A 56 11.39 0.38 -7.76
N PHE A 57 10.22 0.07 -7.17
CA PHE A 57 10.11 -0.34 -5.78
C PHE A 57 9.76 -1.83 -5.75
N GLU A 58 10.28 -2.56 -4.76
CA GLU A 58 10.11 -4.01 -4.65
C GLU A 58 9.44 -4.32 -3.31
N VAL A 59 8.26 -4.97 -3.35
CA VAL A 59 7.52 -5.37 -2.15
C VAL A 59 8.19 -6.62 -1.53
N LYS A 60 8.98 -6.39 -0.48
CA LYS A 60 9.86 -7.41 0.13
C LYS A 60 9.11 -8.23 1.18
N ARG A 61 8.37 -7.54 2.03
CA ARG A 61 7.65 -8.16 3.16
C ARG A 61 6.32 -7.44 3.38
N VAL A 62 5.27 -8.20 3.72
CA VAL A 62 3.96 -7.66 4.11
C VAL A 62 3.58 -8.22 5.49
N GLU A 63 3.22 -7.33 6.41
CA GLU A 63 2.76 -7.68 7.76
C GLU A 63 1.38 -7.06 7.98
N VAL A 64 0.39 -7.88 8.31
CA VAL A 64 -0.98 -7.42 8.58
C VAL A 64 -1.19 -7.32 10.12
N THR A 65 -1.64 -6.15 10.59
CA THR A 65 -1.87 -5.87 12.02
C THR A 65 -3.25 -5.21 12.21
N THR A 66 -4.13 -5.84 13.01
CA THR A 66 -5.48 -5.34 13.27
C THR A 66 -5.46 -4.37 14.48
N ASP A 67 -5.91 -3.13 14.24
CA ASP A 67 -5.92 -2.06 15.26
C ASP A 67 -7.36 -1.49 15.34
N GLY A 68 -8.17 -2.10 16.22
CA GLY A 68 -9.60 -1.85 16.28
C GLY A 68 -10.33 -2.49 15.09
N ASN A 69 -11.03 -1.66 14.29
CA ASN A 69 -11.60 -2.09 12.99
C ASN A 69 -10.69 -1.66 11.82
N THR A 70 -9.68 -0.83 12.14
CA THR A 70 -8.77 -0.27 11.15
C THR A 70 -7.48 -1.12 11.09
N VAL A 71 -7.28 -1.83 9.97
CA VAL A 71 -6.14 -2.76 9.80
C VAL A 71 -4.92 -2.00 9.23
N ASN A 72 -3.91 -1.83 10.09
CA ASN A 72 -2.64 -1.19 9.76
C ASN A 72 -1.71 -2.25 9.13
N VAL A 73 -1.55 -2.20 7.80
CA VAL A 73 -0.70 -3.15 7.06
C VAL A 73 0.69 -2.55 6.83
N THR A 74 1.67 -3.03 7.59
CA THR A 74 3.06 -2.58 7.54
C THR A 74 3.82 -3.36 6.46
N VAL A 75 4.08 -2.69 5.32
CA VAL A 75 4.74 -3.29 4.16
C VAL A 75 6.16 -2.75 4.01
N GLU A 76 7.15 -3.63 3.99
CA GLU A 76 8.55 -3.27 3.71
C GLU A 76 8.78 -3.26 2.19
N LEU A 77 9.12 -2.09 1.64
CA LEU A 77 9.52 -1.94 0.24
C LEU A 77 11.03 -1.71 0.18
N GLU A 78 11.59 -1.90 -1.00
CA GLU A 78 12.99 -1.64 -1.29
C GLU A 78 13.05 -0.93 -2.65
N GLU A 79 13.25 0.40 -2.60
CA GLU A 79 13.17 1.28 -3.78
C GLU A 79 14.57 1.48 -4.38
N THR A 80 14.80 0.84 -5.54
CA THR A 80 16.00 1.05 -6.37
C THR A 80 15.70 2.12 -7.44
N THR A 81 16.25 3.32 -7.25
CA THR A 81 16.10 4.45 -8.18
C THR A 81 17.48 5.10 -8.44
N GLY A 82 17.79 5.34 -9.73
CA GLY A 82 19.08 5.94 -10.15
C GLY A 82 20.29 5.04 -9.88
N GLY A 83 20.06 3.76 -9.60
CA GLY A 83 21.12 2.80 -9.28
C GLY A 83 21.19 2.45 -7.79
N THR A 84 20.85 3.42 -6.92
CA THR A 84 20.93 3.23 -5.44
C THR A 84 19.66 2.54 -4.92
N THR A 85 19.81 1.78 -3.83
CA THR A 85 18.72 1.02 -3.20
C THR A 85 18.50 1.52 -1.75
N THR A 86 17.23 1.74 -1.38
CA THR A 86 16.82 2.21 -0.05
C THR A 86 15.56 1.44 0.40
N ASN A 87 15.63 0.75 1.56
CA ASN A 87 14.46 0.08 2.16
C ASN A 87 13.57 1.13 2.82
N THR A 88 12.33 1.22 2.34
CA THR A 88 11.34 2.19 2.81
C THR A 88 10.02 1.47 3.14
N THR A 89 9.56 1.63 4.38
CA THR A 89 8.32 1.00 4.84
C THR A 89 7.13 1.91 4.52
N TYR A 90 6.10 1.37 3.88
CA TYR A 90 4.79 2.04 3.72
C TYR A 90 3.79 1.29 4.59
N GLU A 91 3.08 2.00 5.48
CA GLU A 91 2.04 1.41 6.32
C GLU A 91 0.68 1.88 5.80
N LEU A 92 -0.03 0.99 5.11
CA LEU A 92 -1.32 1.29 4.50
C LEU A 92 -2.41 0.95 5.53
N ARG A 93 -2.98 1.99 6.12
CA ARG A 93 -3.93 1.88 7.21
C ARG A 93 -5.36 1.88 6.62
N PHE A 94 -5.94 0.68 6.49
CA PHE A 94 -7.27 0.46 5.89
C PHE A 94 -8.35 0.56 6.97
N GLU A 95 -9.13 1.64 6.94
CA GLU A 95 -10.27 1.83 7.84
C GLU A 95 -11.53 1.28 7.18
N VAL A 96 -12.08 0.21 7.77
CA VAL A 96 -13.24 -0.50 7.24
C VAL A 96 -14.51 0.22 7.68
N ASP A 97 -15.54 0.15 6.83
CA ASP A 97 -16.82 0.83 7.04
C ASP A 97 -17.94 -0.11 6.56
N GLY A 98 -18.53 -0.86 7.51
CA GLY A 98 -19.50 -1.91 7.20
C GLY A 98 -18.82 -3.18 6.70
N ASP A 99 -19.20 -3.65 5.51
CA ASP A 99 -18.67 -4.89 4.90
C ASP A 99 -17.42 -4.61 4.03
N THR A 100 -17.27 -3.35 3.58
CA THR A 100 -16.21 -2.94 2.63
C THR A 100 -15.34 -1.84 3.24
N ILE A 101 -14.10 -1.72 2.70
CA ILE A 101 -13.14 -0.70 3.11
C ILE A 101 -13.33 0.55 2.22
N ARG A 102 -13.75 1.65 2.86
CA ARG A 102 -13.97 2.95 2.17
C ARG A 102 -12.69 3.79 2.14
N ARG A 103 -11.82 3.59 3.15
CA ARG A 103 -10.73 4.55 3.47
C ARG A 103 -9.38 3.81 3.62
N VAL A 104 -8.33 4.40 3.03
CA VAL A 104 -6.93 3.94 3.20
C VAL A 104 -6.02 5.18 3.36
N THR A 105 -4.99 5.06 4.22
CA THR A 105 -3.96 6.10 4.37
C THR A 105 -2.59 5.41 4.23
N VAL A 106 -1.94 5.63 3.06
CA VAL A 106 -0.63 5.03 2.75
C VAL A 106 0.45 5.95 3.34
N THR A 107 1.05 5.53 4.45
CA THR A 107 2.00 6.36 5.20
C THR A 107 3.43 5.86 4.95
N GLN A 108 4.19 6.61 4.13
CA GLN A 108 5.60 6.32 3.87
C GLN A 108 6.43 6.70 5.12
N ASN A 109 6.74 5.68 5.93
CA ASN A 109 7.42 5.82 7.24
C ASN A 109 8.82 6.46 7.09
N GLY A 110 9.08 7.44 7.97
CA GLY A 110 10.28 8.29 7.94
C GLY A 110 10.05 9.50 8.82
N GLY A 111 10.51 10.69 8.36
CA GLY A 111 10.31 11.95 9.10
C GLY A 111 11.36 12.15 10.19
N SER A 112 11.36 11.25 11.17
CA SER A 112 12.30 11.26 12.30
C SER A 112 12.79 9.83 12.57
N LEU A 113 14.07 9.73 12.96
CA LEU A 113 14.72 8.46 13.36
C LEU A 113 14.58 8.25 14.89
N GLU A 114 14.16 9.30 15.61
CA GLU A 114 13.99 9.26 17.07
C GLU A 114 12.48 9.35 17.39
N HIS A 115 12.05 8.65 18.44
CA HIS A 115 10.65 8.62 18.89
C HIS A 115 10.56 9.36 20.23
N HIS A 116 9.74 10.43 20.28
CA HIS A 116 9.60 11.31 21.47
C HIS A 116 8.98 10.53 22.66
N HIS A 117 9.87 9.91 23.46
CA HIS A 117 9.51 9.24 24.69
C HIS A 117 9.10 10.28 25.74
N HIS A 118 7.84 10.20 26.19
CA HIS A 118 7.27 11.15 27.15
C HIS A 118 7.67 10.76 28.58
N HIS A 119 8.23 11.74 29.32
CA HIS A 119 8.63 11.58 30.74
C HIS A 119 7.40 11.21 31.58
N HIS A 120 7.36 9.94 32.02
CA HIS A 120 6.29 9.41 32.88
C HIS A 120 6.64 9.70 34.35
N MET A 1 -16.62 -7.11 2.58
CA MET A 1 -15.74 -8.31 2.60
C MET A 1 -15.72 -8.85 4.05
N GLN A 2 -16.08 -10.13 4.21
CA GLN A 2 -16.26 -10.79 5.53
C GLN A 2 -14.97 -10.71 6.38
N ASP A 3 -13.85 -11.12 5.78
CA ASP A 3 -12.55 -11.19 6.46
C ASP A 3 -11.71 -9.95 6.14
N ILE A 4 -11.63 -9.03 7.11
CA ILE A 4 -10.98 -7.71 6.95
C ILE A 4 -9.43 -7.83 6.95
N VAL A 5 -8.90 -8.82 7.70
CA VAL A 5 -7.44 -9.02 7.86
C VAL A 5 -6.77 -9.28 6.48
N GLU A 6 -7.22 -10.33 5.79
CA GLU A 6 -6.64 -10.72 4.48
C GLU A 6 -7.21 -9.84 3.35
N ALA A 7 -8.36 -9.16 3.59
CA ALA A 7 -8.86 -8.12 2.67
C ALA A 7 -7.83 -7.00 2.54
N ALA A 8 -7.34 -6.55 3.71
CA ALA A 8 -6.36 -5.46 3.82
C ALA A 8 -4.97 -5.89 3.31
N LYS A 9 -4.60 -7.15 3.61
CA LYS A 9 -3.30 -7.73 3.21
C LYS A 9 -3.17 -7.79 1.68
N GLN A 10 -4.18 -8.40 1.03
CA GLN A 10 -4.24 -8.55 -0.44
C GLN A 10 -4.44 -7.19 -1.11
N ALA A 11 -5.13 -6.27 -0.41
CA ALA A 11 -5.34 -4.89 -0.88
C ALA A 11 -4.01 -4.17 -1.04
N ALA A 12 -3.19 -4.23 0.02
CA ALA A 12 -1.86 -3.58 0.05
C ALA A 12 -0.98 -4.08 -1.11
N ILE A 13 -0.85 -5.42 -1.20
CA ILE A 13 -0.03 -6.10 -2.22
C ILE A 13 -0.49 -5.71 -3.65
N ALA A 14 -1.82 -5.67 -3.87
CA ALA A 14 -2.41 -5.36 -5.20
C ALA A 14 -2.21 -3.90 -5.59
N ILE A 15 -2.21 -3.00 -4.59
CA ILE A 15 -1.91 -1.57 -4.76
C ILE A 15 -0.48 -1.39 -5.31
N PHE A 16 0.47 -2.18 -4.78
CA PHE A 16 1.89 -2.14 -5.21
C PHE A 16 2.11 -2.89 -6.54
N GLN A 17 1.24 -3.89 -6.83
CA GLN A 17 1.25 -4.62 -8.12
C GLN A 17 0.80 -3.67 -9.25
N LEU A 18 -0.12 -2.74 -8.92
CA LEU A 18 -0.52 -1.66 -9.83
C LEU A 18 0.58 -0.59 -9.89
N TRP A 19 1.11 -0.18 -8.73
CA TRP A 19 2.14 0.87 -8.63
C TRP A 19 3.46 0.51 -9.38
N LYS A 20 3.66 -0.79 -9.68
CA LYS A 20 4.76 -1.27 -10.54
C LYS A 20 4.26 -1.60 -11.98
N ASN A 21 2.96 -1.93 -12.13
CA ASN A 21 2.34 -2.29 -13.42
C ASN A 21 0.81 -2.05 -13.35
N PRO A 22 0.33 -0.79 -13.66
CA PRO A 22 -1.11 -0.41 -13.55
C PRO A 22 -2.02 -1.15 -14.53
N THR A 23 -1.40 -1.72 -15.58
CA THR A 23 -2.11 -2.38 -16.68
C THR A 23 -2.57 -3.81 -16.32
N ASP A 24 -2.19 -4.30 -15.11
CA ASP A 24 -2.61 -5.63 -14.62
C ASP A 24 -4.12 -5.61 -14.28
N PRO A 25 -4.96 -6.47 -14.94
CA PRO A 25 -6.43 -6.46 -14.72
C PRO A 25 -6.86 -7.09 -13.38
N GLU A 26 -6.08 -8.08 -12.90
CA GLU A 26 -6.47 -8.92 -11.74
C GLU A 26 -6.11 -8.26 -10.38
N ALA A 27 -5.09 -7.40 -10.40
CA ALA A 27 -4.64 -6.68 -9.20
C ALA A 27 -5.68 -5.61 -8.82
N GLN A 28 -6.12 -4.84 -9.83
CA GLN A 28 -7.21 -3.85 -9.66
C GLN A 28 -8.58 -4.53 -9.49
N GLU A 29 -8.74 -5.76 -10.05
CA GLU A 29 -9.99 -6.55 -9.95
C GLU A 29 -10.38 -6.83 -8.50
N LEU A 30 -9.44 -7.42 -7.75
CA LEU A 30 -9.69 -7.84 -6.36
C LEU A 30 -9.97 -6.62 -5.45
N LEU A 31 -9.39 -5.46 -5.84
CA LEU A 31 -9.59 -4.17 -5.12
C LEU A 31 -11.04 -3.64 -5.24
N ASN A 32 -11.74 -4.00 -6.35
CA ASN A 32 -13.19 -3.68 -6.52
C ASN A 32 -14.04 -4.44 -5.49
N LYS A 33 -13.62 -5.69 -5.23
CA LYS A 33 -14.37 -6.67 -4.45
C LYS A 33 -14.25 -6.38 -2.93
N ILE A 34 -13.04 -5.97 -2.50
CA ILE A 34 -12.71 -5.82 -1.07
C ILE A 34 -12.73 -4.34 -0.60
N LEU A 35 -12.37 -3.41 -1.51
CA LEU A 35 -12.28 -1.95 -1.22
C LEU A 35 -13.31 -1.18 -2.08
N SER A 36 -13.30 0.15 -1.91
CA SER A 36 -14.09 1.08 -2.74
C SER A 36 -13.44 1.25 -4.14
N PRO A 37 -14.26 1.58 -5.19
CA PRO A 37 -13.75 1.92 -6.55
C PRO A 37 -12.78 3.11 -6.54
N ASP A 38 -13.01 4.04 -5.58
CA ASP A 38 -12.21 5.27 -5.39
C ASP A 38 -10.73 4.97 -5.10
N VAL A 39 -10.49 3.90 -4.33
CA VAL A 39 -9.15 3.52 -3.85
C VAL A 39 -8.28 3.07 -5.02
N LEU A 40 -8.75 2.06 -5.77
CA LEU A 40 -8.01 1.50 -6.93
C LEU A 40 -7.89 2.54 -8.07
N ASP A 41 -8.84 3.49 -8.09
CA ASP A 41 -8.94 4.56 -9.10
C ASP A 41 -7.74 5.52 -8.97
N GLN A 42 -7.49 5.98 -7.74
CA GLN A 42 -6.36 6.89 -7.45
C GLN A 42 -5.01 6.15 -7.51
N VAL A 43 -5.03 4.86 -7.13
CA VAL A 43 -3.85 3.98 -7.14
C VAL A 43 -3.31 3.78 -8.57
N ARG A 44 -4.20 3.49 -9.53
CA ARG A 44 -3.79 3.16 -10.92
C ARG A 44 -3.24 4.40 -11.68
N GLU A 45 -3.65 5.61 -11.24
CA GLU A 45 -3.14 6.89 -11.80
C GLU A 45 -1.71 7.18 -11.29
N HIS A 46 -1.55 7.11 -9.95
CA HIS A 46 -0.27 7.30 -9.25
C HIS A 46 0.76 6.22 -9.66
N ALA A 47 0.22 5.06 -10.04
CA ALA A 47 1.00 3.92 -10.54
C ALA A 47 1.74 4.27 -11.83
N ARG A 48 1.01 4.93 -12.75
CA ARG A 48 1.57 5.45 -14.01
C ARG A 48 2.67 6.48 -13.73
N GLU A 49 2.46 7.32 -12.71
CA GLU A 49 3.43 8.36 -12.32
C GLU A 49 4.78 7.77 -11.88
N LEU A 50 4.71 6.72 -11.03
CA LEU A 50 5.92 6.02 -10.53
C LEU A 50 6.66 5.33 -11.69
N GLN A 51 5.87 4.83 -12.65
CA GLN A 51 6.37 4.20 -13.88
C GLN A 51 7.18 5.22 -14.72
N LYS A 52 6.61 6.44 -14.89
CA LYS A 52 7.25 7.54 -15.65
C LYS A 52 8.58 7.95 -15.00
N GLN A 53 8.56 8.01 -13.65
CA GLN A 53 9.72 8.41 -12.83
C GLN A 53 10.78 7.30 -12.77
N GLY A 54 10.37 6.04 -13.06
CA GLY A 54 11.29 4.90 -13.08
C GLY A 54 11.60 4.34 -11.69
N ILE A 55 10.56 4.33 -10.84
CA ILE A 55 10.64 3.83 -9.46
C ILE A 55 10.28 2.33 -9.47
N HIS A 56 11.31 1.49 -9.64
CA HIS A 56 11.17 0.02 -9.68
C HIS A 56 11.38 -0.54 -8.27
N PHE A 57 10.32 -1.07 -7.65
CA PHE A 57 10.34 -1.49 -6.24
C PHE A 57 9.68 -2.87 -6.10
N GLU A 58 10.11 -3.61 -5.08
CA GLU A 58 9.55 -4.92 -4.76
C GLU A 58 9.12 -4.96 -3.29
N VAL A 59 7.99 -5.64 -3.05
CA VAL A 59 7.43 -5.89 -1.71
C VAL A 59 8.32 -6.90 -0.98
N LYS A 60 9.04 -6.44 0.07
CA LYS A 60 10.01 -7.28 0.81
C LYS A 60 9.42 -7.82 2.13
N ARG A 61 8.48 -7.06 2.72
CA ARG A 61 7.83 -7.43 3.99
C ARG A 61 6.32 -7.16 3.91
N VAL A 62 5.50 -8.14 4.30
CA VAL A 62 4.04 -7.93 4.52
C VAL A 62 3.72 -8.36 5.96
N GLU A 63 3.24 -7.41 6.80
CA GLU A 63 2.77 -7.70 8.16
C GLU A 63 1.43 -7.01 8.37
N VAL A 64 0.35 -7.80 8.42
CA VAL A 64 -1.02 -7.30 8.65
C VAL A 64 -1.39 -7.45 10.14
N THR A 65 -1.60 -6.32 10.83
CA THR A 65 -1.94 -6.29 12.26
C THR A 65 -3.16 -5.39 12.46
N THR A 66 -4.19 -5.90 13.15
CA THR A 66 -5.44 -5.16 13.38
C THR A 66 -5.31 -4.32 14.67
N ASP A 67 -5.93 -3.14 14.67
CA ASP A 67 -5.98 -2.23 15.83
C ASP A 67 -7.43 -1.79 16.00
N GLY A 68 -8.18 -2.58 16.80
CA GLY A 68 -9.62 -2.45 16.92
C GLY A 68 -10.32 -2.81 15.62
N ASN A 69 -11.10 -1.87 15.07
CA ASN A 69 -11.81 -2.05 13.79
C ASN A 69 -10.97 -1.56 12.59
N THR A 70 -9.83 -0.91 12.87
CA THR A 70 -8.96 -0.33 11.83
C THR A 70 -7.64 -1.11 11.74
N VAL A 71 -7.41 -1.74 10.60
CA VAL A 71 -6.26 -2.62 10.36
C VAL A 71 -5.08 -1.84 9.74
N ASN A 72 -3.89 -2.01 10.32
CA ASN A 72 -2.62 -1.43 9.85
C ASN A 72 -1.79 -2.51 9.15
N VAL A 73 -1.64 -2.41 7.83
CA VAL A 73 -0.72 -3.27 7.08
C VAL A 73 0.63 -2.54 6.95
N THR A 74 1.60 -2.99 7.75
CA THR A 74 2.98 -2.51 7.69
C THR A 74 3.74 -3.32 6.63
N VAL A 75 3.98 -2.68 5.49
CA VAL A 75 4.69 -3.27 4.35
C VAL A 75 6.01 -2.50 4.14
N GLU A 76 7.11 -3.22 3.94
CA GLU A 76 8.43 -2.62 3.71
C GLU A 76 8.94 -3.04 2.32
N LEU A 77 9.25 -2.06 1.48
CA LEU A 77 9.67 -2.26 0.09
C LEU A 77 11.03 -1.61 -0.16
N GLU A 78 11.69 -2.03 -1.24
CA GLU A 78 12.96 -1.42 -1.69
C GLU A 78 12.75 -0.70 -3.02
N GLU A 79 12.65 0.65 -2.96
CA GLU A 79 12.39 1.49 -4.13
C GLU A 79 13.70 1.87 -4.84
N THR A 80 13.95 1.20 -5.97
CA THR A 80 15.12 1.48 -6.81
C THR A 80 14.75 2.58 -7.82
N THR A 81 15.22 3.80 -7.53
CA THR A 81 14.97 5.00 -8.33
C THR A 81 16.25 5.85 -8.38
N GLY A 82 16.57 6.37 -9.58
CA GLY A 82 17.85 7.04 -9.84
C GLY A 82 19.01 6.05 -9.92
N GLY A 83 18.67 4.74 -10.00
CA GLY A 83 19.63 3.64 -9.95
C GLY A 83 19.87 3.12 -8.54
N THR A 84 19.58 3.97 -7.53
CA THR A 84 19.85 3.66 -6.11
C THR A 84 18.61 3.07 -5.43
N THR A 85 18.82 2.00 -4.66
CA THR A 85 17.77 1.31 -3.89
C THR A 85 17.61 1.96 -2.50
N THR A 86 16.37 2.39 -2.19
CA THR A 86 16.02 3.04 -0.91
C THR A 86 14.93 2.21 -0.23
N ASN A 87 15.24 1.65 0.95
CA ASN A 87 14.30 0.85 1.74
C ASN A 87 13.32 1.79 2.47
N THR A 88 12.02 1.69 2.13
CA THR A 88 10.96 2.58 2.63
C THR A 88 9.76 1.74 3.13
N THR A 89 9.23 2.09 4.30
CA THR A 89 8.01 1.46 4.86
C THR A 89 6.77 2.31 4.54
N TYR A 90 5.65 1.65 4.31
CA TYR A 90 4.33 2.27 4.14
C TYR A 90 3.36 1.59 5.13
N GLU A 91 2.64 2.39 5.92
CA GLU A 91 1.51 1.91 6.75
C GLU A 91 0.22 2.20 5.99
N LEU A 92 -0.38 1.16 5.39
CA LEU A 92 -1.70 1.28 4.76
C LEU A 92 -2.75 0.94 5.82
N ARG A 93 -3.43 1.97 6.30
CA ARG A 93 -4.35 1.87 7.43
C ARG A 93 -5.79 1.85 6.91
N PHE A 94 -6.34 0.63 6.81
CA PHE A 94 -7.67 0.39 6.24
C PHE A 94 -8.73 0.46 7.35
N GLU A 95 -9.58 1.51 7.29
CA GLU A 95 -10.70 1.67 8.23
C GLU A 95 -11.98 1.11 7.59
N VAL A 96 -12.71 0.31 8.37
CA VAL A 96 -13.92 -0.40 7.91
C VAL A 96 -15.16 0.49 8.04
N ASP A 97 -16.13 0.25 7.14
CA ASP A 97 -17.47 0.84 7.20
C ASP A 97 -18.48 -0.30 6.99
N GLY A 98 -19.07 -0.76 8.10
CA GLY A 98 -19.98 -1.90 8.08
C GLY A 98 -19.22 -3.20 7.88
N ASP A 99 -19.21 -3.69 6.64
CA ASP A 99 -18.51 -4.95 6.25
C ASP A 99 -17.43 -4.68 5.20
N THR A 100 -17.51 -3.52 4.54
CA THR A 100 -16.60 -3.16 3.43
C THR A 100 -15.71 -1.97 3.83
N ILE A 101 -14.41 -2.08 3.55
CA ILE A 101 -13.42 -1.03 3.80
C ILE A 101 -13.61 0.11 2.76
N ARG A 102 -13.97 1.30 3.25
CA ARG A 102 -14.19 2.49 2.40
C ARG A 102 -13.03 3.50 2.52
N ARG A 103 -12.11 3.24 3.45
CA ARG A 103 -11.05 4.21 3.80
C ARG A 103 -9.70 3.51 3.93
N VAL A 104 -8.65 4.17 3.43
CA VAL A 104 -7.26 3.75 3.58
C VAL A 104 -6.37 5.00 3.70
N THR A 105 -5.49 5.02 4.71
CA THR A 105 -4.47 6.05 4.87
C THR A 105 -3.11 5.41 4.61
N VAL A 106 -2.53 5.70 3.42
CA VAL A 106 -1.21 5.19 3.04
C VAL A 106 -0.15 6.21 3.48
N THR A 107 0.57 5.91 4.55
CA THR A 107 1.58 6.80 5.13
C THR A 107 2.99 6.30 4.75
N GLN A 108 3.70 7.08 3.93
CA GLN A 108 5.11 6.82 3.64
C GLN A 108 5.93 7.21 4.87
N ASN A 109 6.36 6.20 5.63
CA ASN A 109 7.11 6.38 6.88
C ASN A 109 8.52 6.95 6.61
N GLY A 110 8.88 8.00 7.36
CA GLY A 110 10.18 8.66 7.23
C GLY A 110 10.50 9.48 8.48
N GLY A 111 9.68 10.53 8.72
CA GLY A 111 9.80 11.38 9.92
C GLY A 111 9.91 12.86 9.57
N SER A 112 9.66 13.70 10.58
CA SER A 112 9.75 15.17 10.48
C SER A 112 11.23 15.60 10.50
N LEU A 113 11.60 16.50 9.57
CA LEU A 113 12.98 17.01 9.43
C LEU A 113 13.27 18.08 10.49
N GLU A 114 12.19 18.75 10.94
CA GLU A 114 12.22 19.78 11.98
C GLU A 114 12.22 19.13 13.37
N HIS A 115 12.51 19.94 14.40
CA HIS A 115 12.48 19.54 15.81
C HIS A 115 11.73 20.62 16.62
N HIS A 116 10.68 20.20 17.34
CA HIS A 116 9.78 21.12 18.08
C HIS A 116 9.43 20.55 19.46
N HIS A 117 10.06 19.42 19.84
CA HIS A 117 9.78 18.73 21.13
C HIS A 117 10.32 19.54 22.32
N HIS A 118 11.28 20.43 22.04
CA HIS A 118 11.84 21.38 23.01
C HIS A 118 11.53 22.79 22.52
N HIS A 119 11.08 23.66 23.45
CA HIS A 119 10.80 25.08 23.15
C HIS A 119 12.12 25.82 22.84
N HIS A 120 12.42 26.01 21.55
CA HIS A 120 13.60 26.76 21.09
C HIS A 120 13.20 28.21 20.73
N MET A 1 -16.55 -10.09 1.52
CA MET A 1 -16.21 -11.01 2.63
C MET A 1 -15.92 -10.22 3.91
N GLN A 2 -16.25 -10.83 5.06
CA GLN A 2 -16.05 -10.22 6.40
C GLN A 2 -14.59 -10.40 6.88
N ASP A 3 -13.80 -11.17 6.10
CA ASP A 3 -12.39 -11.48 6.41
C ASP A 3 -11.52 -10.29 5.98
N ILE A 4 -11.62 -9.20 6.74
CA ILE A 4 -10.98 -7.90 6.43
C ILE A 4 -9.46 -7.94 6.70
N VAL A 5 -9.00 -8.86 7.56
CA VAL A 5 -7.55 -9.05 7.85
C VAL A 5 -6.82 -9.44 6.56
N GLU A 6 -7.30 -10.53 5.94
CA GLU A 6 -6.74 -11.07 4.69
C GLU A 6 -7.09 -10.19 3.48
N ALA A 7 -8.28 -9.55 3.53
CA ALA A 7 -8.75 -8.67 2.46
C ALA A 7 -7.81 -7.47 2.30
N ALA A 8 -7.56 -6.78 3.41
CA ALA A 8 -6.70 -5.60 3.46
C ALA A 8 -5.23 -5.95 3.22
N LYS A 9 -4.83 -7.17 3.62
CA LYS A 9 -3.46 -7.69 3.40
C LYS A 9 -3.17 -7.81 1.89
N GLN A 10 -4.05 -8.57 1.19
CA GLN A 10 -3.98 -8.78 -0.27
C GLN A 10 -4.18 -7.46 -1.03
N ALA A 11 -5.00 -6.58 -0.45
CA ALA A 11 -5.31 -5.27 -1.02
C ALA A 11 -4.07 -4.37 -1.03
N ALA A 12 -3.31 -4.38 0.08
CA ALA A 12 -2.09 -3.57 0.22
C ALA A 12 -1.04 -3.93 -0.84
N ILE A 13 -0.86 -5.25 -1.02
CA ILE A 13 0.05 -5.82 -2.03
C ILE A 13 -0.43 -5.40 -3.44
N ALA A 14 -1.76 -5.54 -3.68
CA ALA A 14 -2.39 -5.23 -4.99
C ALA A 14 -2.28 -3.75 -5.36
N ILE A 15 -2.24 -2.87 -4.35
CA ILE A 15 -2.03 -1.43 -4.53
C ILE A 15 -0.63 -1.17 -5.11
N PHE A 16 0.38 -1.91 -4.63
CA PHE A 16 1.76 -1.84 -5.17
C PHE A 16 1.86 -2.50 -6.55
N GLN A 17 1.08 -3.58 -6.75
CA GLN A 17 1.05 -4.33 -8.03
C GLN A 17 0.56 -3.41 -9.15
N LEU A 18 -0.41 -2.53 -8.83
CA LEU A 18 -0.89 -1.51 -9.76
C LEU A 18 0.10 -0.35 -9.86
N TRP A 19 0.62 0.13 -8.71
CA TRP A 19 1.55 1.29 -8.64
C TRP A 19 2.79 1.12 -9.56
N LYS A 20 3.25 -0.13 -9.76
CA LYS A 20 4.36 -0.45 -10.67
C LYS A 20 3.86 -1.02 -12.02
N ASN A 21 2.62 -1.53 -12.05
CA ASN A 21 2.04 -2.16 -13.25
C ASN A 21 0.49 -1.95 -13.23
N PRO A 22 -0.01 -0.75 -13.69
CA PRO A 22 -1.47 -0.41 -13.67
C PRO A 22 -2.32 -1.29 -14.60
N THR A 23 -1.61 -2.03 -15.47
CA THR A 23 -2.21 -2.91 -16.47
C THR A 23 -2.64 -4.27 -15.89
N ASP A 24 -2.39 -4.51 -14.58
CA ASP A 24 -2.70 -5.80 -13.92
C ASP A 24 -4.22 -5.89 -13.64
N PRO A 25 -4.99 -6.75 -14.39
CA PRO A 25 -6.47 -6.85 -14.26
C PRO A 25 -6.91 -7.49 -12.92
N GLU A 26 -6.08 -8.41 -12.38
CA GLU A 26 -6.43 -9.22 -11.18
C GLU A 26 -6.28 -8.40 -9.89
N ALA A 27 -5.27 -7.50 -9.86
CA ALA A 27 -4.97 -6.66 -8.69
C ALA A 27 -6.10 -5.64 -8.46
N GLN A 28 -6.53 -4.99 -9.56
CA GLN A 28 -7.63 -4.02 -9.54
C GLN A 28 -9.01 -4.71 -9.42
N GLU A 29 -9.07 -6.01 -9.78
CA GLU A 29 -10.28 -6.84 -9.64
C GLU A 29 -10.60 -7.10 -8.16
N LEU A 30 -9.58 -7.59 -7.40
CA LEU A 30 -9.78 -7.93 -5.98
C LEU A 30 -10.09 -6.65 -5.18
N LEU A 31 -9.42 -5.54 -5.55
CA LEU A 31 -9.70 -4.19 -4.99
C LEU A 31 -11.14 -3.73 -5.30
N ASN A 32 -11.70 -4.21 -6.42
CA ASN A 32 -13.09 -3.87 -6.84
C ASN A 32 -14.12 -4.59 -5.96
N LYS A 33 -13.70 -5.71 -5.36
CA LYS A 33 -14.59 -6.63 -4.60
C LYS A 33 -14.53 -6.37 -3.08
N ILE A 34 -13.42 -5.79 -2.57
CA ILE A 34 -13.22 -5.57 -1.10
C ILE A 34 -13.01 -4.07 -0.74
N LEU A 35 -12.46 -3.29 -1.69
CA LEU A 35 -12.28 -1.82 -1.52
C LEU A 35 -13.36 -1.06 -2.29
N SER A 36 -13.38 0.27 -2.09
CA SER A 36 -14.27 1.19 -2.79
C SER A 36 -13.70 1.50 -4.20
N PRO A 37 -14.58 1.66 -5.26
CA PRO A 37 -14.17 2.09 -6.62
C PRO A 37 -13.25 3.34 -6.65
N ASP A 38 -13.42 4.25 -5.68
CA ASP A 38 -12.58 5.48 -5.53
C ASP A 38 -11.12 5.12 -5.18
N VAL A 39 -10.95 4.07 -4.35
CA VAL A 39 -9.63 3.63 -3.84
C VAL A 39 -8.78 3.07 -4.99
N LEU A 40 -9.30 2.03 -5.67
CA LEU A 40 -8.59 1.36 -6.78
C LEU A 40 -8.25 2.36 -7.91
N ASP A 41 -9.10 3.40 -8.01
CA ASP A 41 -9.01 4.44 -9.05
C ASP A 41 -7.78 5.33 -8.79
N GLN A 42 -7.68 5.92 -7.59
CA GLN A 42 -6.53 6.78 -7.22
C GLN A 42 -5.20 5.99 -7.25
N VAL A 43 -5.30 4.65 -7.05
CA VAL A 43 -4.15 3.73 -7.13
C VAL A 43 -3.66 3.58 -8.59
N ARG A 44 -4.56 3.24 -9.53
CA ARG A 44 -4.20 3.04 -10.97
C ARG A 44 -3.77 4.36 -11.65
N GLU A 45 -4.21 5.50 -11.08
CA GLU A 45 -3.84 6.84 -11.59
C GLU A 45 -2.44 7.24 -11.08
N HIS A 46 -2.19 7.02 -9.77
CA HIS A 46 -0.86 7.25 -9.13
C HIS A 46 0.20 6.31 -9.72
N ALA A 47 -0.28 5.17 -10.22
CA ALA A 47 0.53 4.14 -10.85
C ALA A 47 1.23 4.65 -12.11
N ARG A 48 0.51 5.44 -12.91
CA ARG A 48 1.02 6.01 -14.17
C ARG A 48 2.18 6.99 -13.93
N GLU A 49 2.15 7.64 -12.75
CA GLU A 49 3.17 8.61 -12.31
C GLU A 49 4.50 7.91 -11.97
N LEU A 50 4.39 6.75 -11.27
CA LEU A 50 5.56 5.92 -10.89
C LEU A 50 6.09 5.12 -12.10
N GLN A 51 5.18 4.81 -13.03
CA GLN A 51 5.47 4.10 -14.29
C GLN A 51 6.23 5.02 -15.27
N LYS A 52 5.88 6.31 -15.24
CA LYS A 52 6.57 7.37 -16.01
C LYS A 52 8.03 7.49 -15.53
N GLN A 53 8.20 7.41 -14.20
CA GLN A 53 9.52 7.47 -13.54
C GLN A 53 10.17 6.07 -13.52
N GLY A 54 11.40 6.00 -12.97
CA GLY A 54 12.15 4.76 -12.83
C GLY A 54 12.14 4.26 -11.39
N ILE A 55 11.02 4.52 -10.69
CA ILE A 55 10.84 4.11 -9.29
C ILE A 55 10.39 2.64 -9.25
N HIS A 56 11.40 1.76 -9.17
CA HIS A 56 11.19 0.32 -8.95
C HIS A 56 11.05 0.09 -7.44
N PHE A 57 10.09 -0.74 -7.01
CA PHE A 57 9.89 -1.10 -5.60
C PHE A 57 9.36 -2.52 -5.50
N GLU A 58 9.87 -3.27 -4.51
CA GLU A 58 9.56 -4.70 -4.31
C GLU A 58 9.22 -4.96 -2.84
N VAL A 59 8.10 -5.66 -2.59
CA VAL A 59 7.67 -6.08 -1.25
C VAL A 59 8.71 -7.05 -0.65
N LYS A 60 9.54 -6.53 0.26
CA LYS A 60 10.60 -7.30 0.94
C LYS A 60 10.04 -8.04 2.15
N ARG A 61 9.07 -7.41 2.83
CA ARG A 61 8.53 -7.91 4.08
C ARG A 61 7.12 -7.36 4.27
N VAL A 62 6.13 -8.24 4.49
CA VAL A 62 4.72 -7.84 4.70
C VAL A 62 4.20 -8.45 6.02
N GLU A 63 3.66 -7.59 6.90
CA GLU A 63 3.08 -7.98 8.20
C GLU A 63 1.77 -7.22 8.41
N VAL A 64 0.67 -7.95 8.67
CA VAL A 64 -0.67 -7.35 8.87
C VAL A 64 -1.13 -7.53 10.33
N THR A 65 -1.68 -6.45 10.91
CA THR A 65 -2.26 -6.44 12.27
C THR A 65 -3.46 -5.48 12.30
N THR A 66 -4.61 -5.93 12.82
CA THR A 66 -5.81 -5.09 12.93
C THR A 66 -5.80 -4.33 14.26
N ASP A 67 -6.41 -3.13 14.25
CA ASP A 67 -6.55 -2.25 15.42
C ASP A 67 -8.02 -1.85 15.52
N GLY A 68 -8.78 -2.57 16.34
CA GLY A 68 -10.23 -2.47 16.40
C GLY A 68 -10.87 -3.05 15.14
N ASN A 69 -11.29 -2.16 14.24
CA ASN A 69 -11.86 -2.51 12.93
C ASN A 69 -10.95 -2.02 11.78
N THR A 70 -9.99 -1.14 12.12
CA THR A 70 -9.11 -0.47 11.15
C THR A 70 -7.78 -1.23 11.06
N VAL A 71 -7.46 -1.73 9.86
CA VAL A 71 -6.33 -2.65 9.62
C VAL A 71 -5.05 -1.85 9.33
N ASN A 72 -3.90 -2.36 9.81
CA ASN A 72 -2.57 -1.74 9.64
C ASN A 72 -1.64 -2.75 8.97
N VAL A 73 -1.39 -2.59 7.67
CA VAL A 73 -0.45 -3.45 6.94
C VAL A 73 0.92 -2.75 6.85
N THR A 74 1.85 -3.21 7.69
CA THR A 74 3.22 -2.71 7.75
C THR A 74 4.10 -3.52 6.77
N VAL A 75 4.57 -2.86 5.71
CA VAL A 75 5.27 -3.51 4.61
C VAL A 75 6.57 -2.74 4.25
N GLU A 76 7.71 -3.42 4.38
CA GLU A 76 9.01 -2.92 3.95
C GLU A 76 9.16 -3.14 2.43
N LEU A 77 9.55 -2.09 1.69
CA LEU A 77 9.85 -2.19 0.25
C LEU A 77 11.26 -1.65 -0.02
N GLU A 78 11.97 -2.30 -0.94
CA GLU A 78 13.29 -1.86 -1.42
C GLU A 78 13.06 -1.09 -2.73
N GLU A 79 13.23 0.25 -2.69
CA GLU A 79 12.93 1.13 -3.83
C GLU A 79 14.22 1.59 -4.54
N THR A 80 14.48 1.03 -5.71
CA THR A 80 15.60 1.45 -6.58
C THR A 80 15.09 2.49 -7.58
N THR A 81 15.55 3.74 -7.42
CA THR A 81 15.18 4.88 -8.28
C THR A 81 16.44 5.69 -8.64
N GLY A 82 16.68 5.85 -9.95
CA GLY A 82 17.85 6.60 -10.46
C GLY A 82 19.18 5.89 -10.23
N GLY A 83 19.11 4.59 -9.88
CA GLY A 83 20.28 3.80 -9.49
C GLY A 83 20.43 3.71 -7.97
N THR A 84 19.94 4.74 -7.25
CA THR A 84 20.02 4.82 -5.78
C THR A 84 18.86 4.04 -5.13
N THR A 85 19.19 3.04 -4.33
CA THR A 85 18.21 2.19 -3.63
C THR A 85 17.96 2.73 -2.20
N THR A 86 16.69 2.67 -1.73
CA THR A 86 16.27 3.08 -0.38
C THR A 86 15.15 2.15 0.11
N ASN A 87 15.37 1.51 1.26
CA ASN A 87 14.33 0.70 1.93
C ASN A 87 13.36 1.65 2.65
N THR A 88 12.14 1.73 2.12
CA THR A 88 11.07 2.59 2.63
C THR A 88 9.92 1.71 3.14
N THR A 89 9.57 1.87 4.42
CA THR A 89 8.47 1.13 5.03
C THR A 89 7.16 1.93 4.85
N TYR A 90 6.18 1.34 4.17
CA TYR A 90 4.84 1.91 4.03
C TYR A 90 3.87 1.16 4.95
N GLU A 91 3.01 1.91 5.65
CA GLU A 91 1.93 1.31 6.47
C GLU A 91 0.60 1.73 5.86
N LEU A 92 -0.03 0.80 5.14
CA LEU A 92 -1.31 1.03 4.49
C LEU A 92 -2.39 0.69 5.51
N ARG A 93 -3.01 1.74 6.07
CA ARG A 93 -4.02 1.62 7.12
C ARG A 93 -5.41 1.70 6.47
N PHE A 94 -6.09 0.55 6.44
CA PHE A 94 -7.40 0.40 5.79
C PHE A 94 -8.53 0.72 6.78
N GLU A 95 -9.19 1.87 6.55
CA GLU A 95 -10.29 2.35 7.38
C GLU A 95 -11.62 1.82 6.83
N VAL A 96 -12.30 0.97 7.62
CA VAL A 96 -13.55 0.30 7.22
C VAL A 96 -14.76 1.02 7.85
N ASP A 97 -15.90 0.98 7.15
CA ASP A 97 -17.19 1.47 7.65
C ASP A 97 -18.26 0.44 7.27
N GLY A 98 -18.94 -0.12 8.29
CA GLY A 98 -19.97 -1.12 8.07
C GLY A 98 -19.37 -2.50 7.80
N ASP A 99 -19.33 -2.89 6.52
CA ASP A 99 -18.84 -4.23 6.10
C ASP A 99 -17.67 -4.14 5.10
N THR A 100 -17.53 -2.99 4.40
CA THR A 100 -16.50 -2.83 3.36
C THR A 100 -15.46 -1.77 3.77
N ILE A 101 -14.28 -1.85 3.14
CA ILE A 101 -13.19 -0.92 3.38
C ILE A 101 -13.38 0.32 2.50
N ARG A 102 -13.39 1.51 3.13
CA ARG A 102 -13.72 2.78 2.46
C ARG A 102 -12.47 3.51 2.01
N ARG A 103 -11.47 3.53 2.89
CA ARG A 103 -10.25 4.34 2.72
C ARG A 103 -9.01 3.50 3.00
N VAL A 104 -7.86 3.99 2.50
CA VAL A 104 -6.53 3.48 2.86
C VAL A 104 -5.58 4.69 2.98
N THR A 105 -5.00 4.85 4.18
CA THR A 105 -4.04 5.89 4.47
C THR A 105 -2.64 5.28 4.43
N VAL A 106 -1.90 5.58 3.35
CA VAL A 106 -0.55 5.01 3.12
C VAL A 106 0.48 5.93 3.80
N THR A 107 0.99 5.45 4.95
CA THR A 107 1.91 6.21 5.79
C THR A 107 3.35 5.82 5.44
N GLN A 108 4.04 6.74 4.75
CA GLN A 108 5.41 6.53 4.27
C GLN A 108 6.41 6.81 5.41
N ASN A 109 6.84 5.74 6.09
CA ASN A 109 7.94 5.80 7.06
C ASN A 109 9.26 5.94 6.26
N GLY A 110 9.65 7.20 6.02
CA GLY A 110 10.80 7.52 5.18
C GLY A 110 11.13 9.01 5.26
N GLY A 111 11.00 9.57 6.47
CA GLY A 111 11.20 11.00 6.72
C GLY A 111 12.11 11.23 7.92
N SER A 112 13.40 10.84 7.73
CA SER A 112 14.52 11.07 8.68
C SER A 112 14.50 10.14 9.92
N LEU A 113 13.33 9.53 10.23
CA LEU A 113 13.16 8.69 11.42
C LEU A 113 13.55 7.23 11.10
N GLU A 114 14.85 6.96 11.15
CA GLU A 114 15.38 5.58 11.07
C GLU A 114 15.19 4.93 12.46
N HIS A 115 14.03 4.26 12.63
CA HIS A 115 13.69 3.54 13.87
C HIS A 115 14.66 2.35 14.03
N HIS A 116 15.84 2.66 14.59
CA HIS A 116 16.98 1.73 14.67
C HIS A 116 16.89 0.86 15.92
N HIS A 117 15.90 -0.04 15.92
CA HIS A 117 15.68 -1.00 17.00
C HIS A 117 16.77 -2.09 16.94
N HIS A 118 17.47 -2.27 18.06
CA HIS A 118 18.48 -3.33 18.22
C HIS A 118 17.80 -4.71 18.17
N HIS A 119 17.89 -5.33 16.99
CA HIS A 119 17.44 -6.71 16.76
C HIS A 119 18.66 -7.65 16.86
N HIS A 120 18.71 -8.43 17.96
CA HIS A 120 19.78 -9.42 18.21
C HIS A 120 19.17 -10.62 19.00
N MET A 1 -13.85 -10.40 0.93
CA MET A 1 -14.17 -11.73 0.38
C MET A 1 -14.45 -12.73 1.54
N GLN A 2 -13.58 -12.72 2.57
CA GLN A 2 -13.72 -13.56 3.78
C GLN A 2 -13.51 -12.68 5.03
N ASP A 3 -12.24 -12.51 5.43
CA ASP A 3 -11.85 -11.76 6.63
C ASP A 3 -11.28 -10.39 6.21
N ILE A 4 -11.56 -9.38 7.03
CA ILE A 4 -11.25 -7.96 6.76
C ILE A 4 -9.74 -7.66 6.89
N VAL A 5 -9.07 -8.37 7.82
CA VAL A 5 -7.64 -8.17 8.11
C VAL A 5 -6.79 -8.61 6.90
N GLU A 6 -7.05 -9.84 6.43
CA GLU A 6 -6.39 -10.40 5.25
C GLU A 6 -6.82 -9.69 3.95
N ALA A 7 -8.06 -9.15 3.95
CA ALA A 7 -8.56 -8.33 2.83
C ALA A 7 -7.65 -7.10 2.62
N ALA A 8 -7.36 -6.41 3.73
CA ALA A 8 -6.48 -5.24 3.76
C ALA A 8 -5.05 -5.61 3.30
N LYS A 9 -4.59 -6.80 3.70
CA LYS A 9 -3.28 -7.35 3.32
C LYS A 9 -3.15 -7.53 1.79
N GLN A 10 -4.15 -8.23 1.21
CA GLN A 10 -4.22 -8.50 -0.25
C GLN A 10 -4.33 -7.19 -1.04
N ALA A 11 -5.07 -6.25 -0.44
CA ALA A 11 -5.32 -4.94 -1.02
C ALA A 11 -4.04 -4.11 -1.11
N ALA A 12 -3.25 -4.11 -0.03
CA ALA A 12 -2.00 -3.33 0.07
C ALA A 12 -1.01 -3.72 -1.04
N ILE A 13 -0.84 -5.04 -1.21
CA ILE A 13 0.07 -5.63 -2.21
C ILE A 13 -0.43 -5.29 -3.63
N ALA A 14 -1.76 -5.35 -3.82
CA ALA A 14 -2.43 -5.08 -5.12
C ALA A 14 -2.31 -3.60 -5.55
N ILE A 15 -2.28 -2.70 -4.57
CA ILE A 15 -2.07 -1.25 -4.79
C ILE A 15 -0.67 -1.01 -5.40
N PHE A 16 0.34 -1.75 -4.91
CA PHE A 16 1.74 -1.67 -5.41
C PHE A 16 1.87 -2.29 -6.82
N GLN A 17 1.06 -3.34 -7.08
CA GLN A 17 0.97 -4.00 -8.40
C GLN A 17 0.45 -3.03 -9.47
N LEU A 18 -0.54 -2.21 -9.09
CA LEU A 18 -1.08 -1.16 -9.97
C LEU A 18 -0.09 0.02 -10.10
N TRP A 19 0.61 0.36 -9.00
CA TRP A 19 1.58 1.49 -8.97
C TRP A 19 2.77 1.26 -9.93
N LYS A 20 3.18 0.00 -10.10
CA LYS A 20 4.24 -0.38 -11.05
C LYS A 20 3.66 -0.68 -12.45
N ASN A 21 2.36 -1.06 -12.51
CA ASN A 21 1.69 -1.49 -13.75
C ASN A 21 0.15 -1.30 -13.58
N PRO A 22 -0.39 -0.09 -13.92
CA PRO A 22 -1.82 0.27 -13.68
C PRO A 22 -2.84 -0.65 -14.40
N THR A 23 -2.38 -1.31 -15.47
CA THR A 23 -3.24 -2.12 -16.34
C THR A 23 -3.36 -3.59 -15.87
N ASP A 24 -2.89 -3.88 -14.64
CA ASP A 24 -2.98 -5.24 -14.06
C ASP A 24 -4.44 -5.56 -13.70
N PRO A 25 -5.10 -6.55 -14.39
CA PRO A 25 -6.55 -6.83 -14.18
C PRO A 25 -6.86 -7.45 -12.80
N GLU A 26 -5.92 -8.25 -12.27
CA GLU A 26 -6.13 -9.07 -11.07
C GLU A 26 -6.09 -8.21 -9.79
N ALA A 27 -5.16 -7.26 -9.78
CA ALA A 27 -4.93 -6.36 -8.64
C ALA A 27 -6.16 -5.47 -8.38
N GLN A 28 -6.63 -4.81 -9.44
CA GLN A 28 -7.79 -3.92 -9.36
C GLN A 28 -9.11 -4.70 -9.13
N GLU A 29 -9.15 -5.97 -9.56
CA GLU A 29 -10.36 -6.83 -9.44
C GLU A 29 -10.64 -7.20 -7.98
N LEU A 30 -9.59 -7.56 -7.23
CA LEU A 30 -9.73 -7.89 -5.80
C LEU A 30 -10.02 -6.61 -4.99
N LEU A 31 -9.40 -5.48 -5.43
CA LEU A 31 -9.65 -4.13 -4.87
C LEU A 31 -11.11 -3.66 -5.11
N ASN A 32 -11.78 -4.24 -6.10
CA ASN A 32 -13.19 -3.96 -6.41
C ASN A 32 -14.12 -4.60 -5.37
N LYS A 33 -13.66 -5.74 -4.82
CA LYS A 33 -14.46 -6.59 -3.93
C LYS A 33 -14.34 -6.14 -2.46
N ILE A 34 -13.09 -5.89 -2.03
CA ILE A 34 -12.76 -5.68 -0.60
C ILE A 34 -12.58 -4.19 -0.28
N LEU A 35 -12.15 -3.43 -1.28
CA LEU A 35 -12.02 -1.96 -1.23
C LEU A 35 -13.10 -1.33 -2.12
N SER A 36 -13.04 0.00 -2.27
CA SER A 36 -13.94 0.75 -3.15
C SER A 36 -13.52 0.60 -4.63
N PRO A 37 -14.50 0.65 -5.58
CA PRO A 37 -14.20 0.84 -7.03
C PRO A 37 -13.49 2.19 -7.30
N ASP A 38 -13.73 3.13 -6.39
CA ASP A 38 -13.09 4.44 -6.34
C ASP A 38 -11.57 4.30 -6.09
N VAL A 39 -11.21 3.41 -5.13
CA VAL A 39 -9.82 3.20 -4.69
C VAL A 39 -8.96 2.65 -5.82
N LEU A 40 -9.40 1.55 -6.47
CA LEU A 40 -8.63 0.91 -7.56
C LEU A 40 -8.38 1.89 -8.72
N ASP A 41 -9.40 2.75 -8.98
CA ASP A 41 -9.40 3.71 -10.08
C ASP A 41 -8.41 4.87 -9.82
N GLN A 42 -8.38 5.39 -8.59
CA GLN A 42 -7.45 6.47 -8.21
C GLN A 42 -6.02 5.94 -8.06
N VAL A 43 -5.89 4.65 -7.72
CA VAL A 43 -4.57 3.98 -7.57
C VAL A 43 -3.93 3.76 -8.94
N ARG A 44 -4.72 3.33 -9.96
CA ARG A 44 -4.20 3.11 -11.34
C ARG A 44 -3.91 4.45 -12.05
N GLU A 45 -4.53 5.54 -11.58
CA GLU A 45 -4.26 6.90 -12.09
C GLU A 45 -2.95 7.44 -11.45
N HIS A 46 -2.87 7.34 -10.10
CA HIS A 46 -1.71 7.80 -9.30
C HIS A 46 -0.44 6.99 -9.65
N ALA A 47 -0.68 5.77 -10.16
CA ALA A 47 0.35 4.84 -10.64
C ALA A 47 1.23 5.45 -11.73
N ARG A 48 0.57 6.20 -12.64
CA ARG A 48 1.21 6.81 -13.82
C ARG A 48 2.31 7.82 -13.43
N GLU A 49 2.21 8.37 -12.21
CA GLU A 49 3.23 9.28 -11.64
C GLU A 49 4.55 8.52 -11.36
N LEU A 50 4.41 7.34 -10.71
CA LEU A 50 5.56 6.48 -10.33
C LEU A 50 6.12 5.73 -11.56
N GLN A 51 5.23 5.42 -12.51
CA GLN A 51 5.57 4.79 -13.80
C GLN A 51 6.36 5.76 -14.69
N LYS A 52 5.96 7.05 -14.66
CA LYS A 52 6.66 8.14 -15.36
C LYS A 52 8.11 8.26 -14.87
N GLN A 53 8.28 8.16 -13.54
CA GLN A 53 9.58 8.27 -12.87
C GLN A 53 10.42 6.99 -13.05
N GLY A 54 9.72 5.84 -13.18
CA GLY A 54 10.38 4.53 -13.31
C GLY A 54 11.07 4.08 -12.01
N ILE A 55 10.46 4.41 -10.87
CA ILE A 55 10.94 3.97 -9.55
C ILE A 55 10.49 2.52 -9.32
N HIS A 56 11.43 1.57 -9.38
CA HIS A 56 11.14 0.16 -9.06
C HIS A 56 11.24 -0.02 -7.54
N PHE A 57 10.10 -0.25 -6.91
CA PHE A 57 10.00 -0.68 -5.51
C PHE A 57 9.50 -2.13 -5.52
N GLU A 58 10.02 -2.95 -4.61
CA GLU A 58 9.69 -4.38 -4.57
C GLU A 58 9.38 -4.82 -3.14
N VAL A 59 8.21 -5.45 -2.97
CA VAL A 59 7.72 -5.96 -1.68
C VAL A 59 8.68 -7.03 -1.15
N LYS A 60 9.00 -6.93 0.14
CA LYS A 60 9.97 -7.78 0.82
C LYS A 60 9.27 -8.58 1.93
N ARG A 61 8.59 -7.83 2.79
CA ARG A 61 7.99 -8.36 4.02
C ARG A 61 6.64 -7.70 4.22
N VAL A 62 5.57 -8.50 4.33
CA VAL A 62 4.22 -8.00 4.63
C VAL A 62 3.87 -8.41 6.07
N GLU A 63 3.51 -7.44 6.91
CA GLU A 63 3.11 -7.68 8.30
C GLU A 63 1.79 -6.93 8.55
N VAL A 64 0.68 -7.67 8.66
CA VAL A 64 -0.65 -7.08 8.84
C VAL A 64 -1.05 -7.12 10.34
N THR A 65 -1.69 -6.04 10.82
CA THR A 65 -2.16 -5.92 12.22
C THR A 65 -3.48 -5.14 12.26
N THR A 66 -4.15 -5.11 13.43
CA THR A 66 -5.42 -4.38 13.62
C THR A 66 -5.34 -3.41 14.80
N ASP A 67 -6.09 -2.31 14.71
CA ASP A 67 -6.17 -1.28 15.75
C ASP A 67 -7.65 -0.91 15.92
N GLY A 68 -8.30 -1.55 16.91
CA GLY A 68 -9.75 -1.52 17.03
C GLY A 68 -10.38 -2.40 15.95
N ASN A 69 -10.89 -1.75 14.89
CA ASN A 69 -11.35 -2.43 13.65
C ASN A 69 -10.54 -1.97 12.44
N THR A 70 -9.69 -0.96 12.63
CA THR A 70 -8.95 -0.33 11.54
C THR A 70 -7.63 -1.09 11.32
N VAL A 71 -7.50 -1.71 10.15
CA VAL A 71 -6.40 -2.62 9.83
C VAL A 71 -5.22 -1.81 9.27
N ASN A 72 -4.01 -2.07 9.78
CA ASN A 72 -2.78 -1.39 9.36
C ASN A 72 -1.82 -2.43 8.80
N VAL A 73 -1.47 -2.30 7.51
CA VAL A 73 -0.53 -3.21 6.83
C VAL A 73 0.86 -2.54 6.76
N THR A 74 1.77 -2.99 7.62
CA THR A 74 3.15 -2.52 7.67
C THR A 74 4.00 -3.44 6.76
N VAL A 75 4.37 -2.92 5.60
CA VAL A 75 5.08 -3.68 4.54
C VAL A 75 6.38 -2.98 4.13
N GLU A 76 7.49 -3.72 4.18
CA GLU A 76 8.81 -3.28 3.72
C GLU A 76 8.89 -3.37 2.19
N LEU A 77 9.14 -2.23 1.53
CA LEU A 77 9.39 -2.16 0.08
C LEU A 77 10.82 -1.66 -0.15
N GLU A 78 11.63 -2.49 -0.80
CA GLU A 78 13.03 -2.14 -1.11
C GLU A 78 13.04 -1.43 -2.47
N GLU A 79 13.18 -0.09 -2.41
CA GLU A 79 13.17 0.79 -3.59
C GLU A 79 14.59 0.92 -4.16
N THR A 80 14.74 0.65 -5.46
CA THR A 80 15.99 0.85 -6.20
C THR A 80 15.73 1.92 -7.27
N THR A 81 16.30 3.11 -7.06
CA THR A 81 16.13 4.28 -7.94
C THR A 81 17.42 5.13 -7.92
N GLY A 82 17.83 5.61 -9.12
CA GLY A 82 19.06 6.41 -9.27
C GLY A 82 20.34 5.60 -9.05
N GLY A 83 20.23 4.25 -9.00
CA GLY A 83 21.35 3.37 -8.66
C GLY A 83 21.33 2.92 -7.20
N THR A 84 20.83 3.79 -6.31
CA THR A 84 20.79 3.54 -4.85
C THR A 84 19.56 2.71 -4.44
N THR A 85 19.74 1.85 -3.43
CA THR A 85 18.68 0.95 -2.91
C THR A 85 18.45 1.21 -1.39
N THR A 86 17.18 1.40 -1.00
CA THR A 86 16.78 1.69 0.39
C THR A 86 15.45 1.00 0.73
N ASN A 87 15.39 0.32 1.89
CA ASN A 87 14.16 -0.31 2.39
C ASN A 87 13.26 0.75 3.05
N THR A 88 12.24 1.19 2.32
CA THR A 88 11.23 2.13 2.80
C THR A 88 9.95 1.36 3.16
N THR A 89 9.52 1.49 4.41
CA THR A 89 8.34 0.82 4.91
C THR A 89 7.10 1.68 4.65
N TYR A 90 6.09 1.12 3.99
CA TYR A 90 4.79 1.75 3.77
C TYR A 90 3.78 1.11 4.73
N GLU A 91 3.11 1.94 5.53
CA GLU A 91 2.07 1.47 6.46
C GLU A 91 0.71 1.98 5.94
N LEU A 92 -0.07 1.07 5.34
CA LEU A 92 -1.35 1.40 4.71
C LEU A 92 -2.48 1.13 5.70
N ARG A 93 -3.10 2.21 6.17
CA ARG A 93 -4.18 2.16 7.15
C ARG A 93 -5.51 2.02 6.41
N PHE A 94 -6.00 0.79 6.37
CA PHE A 94 -7.28 0.48 5.77
C PHE A 94 -8.39 0.68 6.80
N GLU A 95 -9.15 1.76 6.58
CA GLU A 95 -10.24 2.19 7.46
C GLU A 95 -11.52 1.52 6.98
N VAL A 96 -12.08 0.68 7.85
CA VAL A 96 -13.18 -0.23 7.50
C VAL A 96 -14.53 0.49 7.64
N ASP A 97 -15.46 0.13 6.74
CA ASP A 97 -16.82 0.67 6.72
C ASP A 97 -17.80 -0.52 6.70
N GLY A 98 -18.01 -1.10 7.88
CA GLY A 98 -18.81 -2.33 8.03
C GLY A 98 -18.10 -3.53 7.43
N ASP A 99 -18.77 -4.27 6.54
CA ASP A 99 -18.25 -5.51 5.91
C ASP A 99 -17.28 -5.22 4.74
N THR A 100 -17.12 -3.94 4.36
CA THR A 100 -16.23 -3.55 3.25
C THR A 100 -15.36 -2.34 3.66
N ILE A 101 -14.07 -2.42 3.34
CA ILE A 101 -13.13 -1.30 3.54
C ILE A 101 -13.35 -0.29 2.42
N ARG A 102 -13.48 1.01 2.75
CA ARG A 102 -13.72 2.06 1.73
C ARG A 102 -12.59 3.10 1.69
N ARG A 103 -11.68 3.05 2.69
CA ARG A 103 -10.57 4.03 2.82
C ARG A 103 -9.21 3.33 3.00
N VAL A 104 -8.15 4.00 2.52
CA VAL A 104 -6.74 3.59 2.70
C VAL A 104 -5.84 4.83 2.83
N THR A 105 -5.07 4.91 3.92
CA THR A 105 -4.10 5.99 4.16
C THR A 105 -2.68 5.41 4.08
N VAL A 106 -1.98 5.68 2.98
CA VAL A 106 -0.63 5.14 2.75
C VAL A 106 0.38 6.09 3.42
N THR A 107 0.94 5.65 4.56
CA THR A 107 1.90 6.42 5.33
C THR A 107 3.32 5.92 5.04
N GLN A 108 4.08 6.71 4.26
CA GLN A 108 5.44 6.33 3.85
C GLN A 108 6.44 6.72 4.95
N ASN A 109 7.21 5.73 5.43
CA ASN A 109 8.23 5.93 6.49
C ASN A 109 9.53 6.51 5.91
N GLY A 110 9.57 6.72 4.59
CA GLY A 110 10.61 7.53 3.95
C GLY A 110 10.24 9.00 3.98
N GLY A 111 10.11 9.51 5.22
CA GLY A 111 9.69 10.88 5.49
C GLY A 111 9.52 11.08 6.99
N SER A 112 10.58 11.59 7.64
CA SER A 112 10.62 11.79 9.09
C SER A 112 9.64 12.92 9.52
N LEU A 113 8.56 12.52 10.21
CA LEU A 113 7.50 13.43 10.71
C LEU A 113 8.05 14.32 11.83
N GLU A 114 8.79 13.68 12.77
CA GLU A 114 9.50 14.36 13.86
C GLU A 114 10.82 14.97 13.35
N HIS A 115 11.35 15.95 14.10
CA HIS A 115 12.52 16.77 13.68
C HIS A 115 13.09 17.55 14.88
N HIS A 116 13.01 16.96 16.10
CA HIS A 116 13.61 17.52 17.31
C HIS A 116 15.15 17.49 17.17
N HIS A 117 15.76 18.67 16.97
CA HIS A 117 17.20 18.83 16.74
C HIS A 117 17.73 19.96 17.62
N HIS A 118 18.97 19.83 18.11
CA HIS A 118 19.59 20.78 19.03
C HIS A 118 21.09 20.88 18.76
N HIS A 119 21.57 22.12 18.55
CA HIS A 119 23.00 22.42 18.35
C HIS A 119 23.73 22.42 19.71
N HIS A 120 25.08 22.44 19.64
CA HIS A 120 25.94 22.40 20.84
C HIS A 120 26.04 23.81 21.49
N MET A 1 -18.75 -8.86 4.01
CA MET A 1 -17.39 -9.45 4.04
C MET A 1 -16.74 -9.25 5.42
N GLN A 2 -16.58 -10.35 6.16
CA GLN A 2 -15.77 -10.41 7.39
C GLN A 2 -14.39 -11.01 7.06
N ASP A 3 -13.92 -10.68 5.84
CA ASP A 3 -12.58 -11.06 5.33
C ASP A 3 -11.58 -9.90 5.55
N ILE A 4 -11.95 -8.97 6.46
CA ILE A 4 -11.31 -7.64 6.64
C ILE A 4 -9.76 -7.68 6.75
N VAL A 5 -9.21 -8.69 7.46
CA VAL A 5 -7.75 -8.85 7.63
C VAL A 5 -7.09 -9.28 6.30
N GLU A 6 -7.62 -10.38 5.73
CA GLU A 6 -7.10 -10.97 4.46
C GLU A 6 -7.23 -9.98 3.29
N ALA A 7 -8.35 -9.24 3.29
CA ALA A 7 -8.70 -8.29 2.23
C ALA A 7 -7.72 -7.12 2.22
N ALA A 8 -7.45 -6.56 3.41
CA ALA A 8 -6.49 -5.46 3.58
C ALA A 8 -5.06 -5.87 3.22
N LYS A 9 -4.74 -7.14 3.52
CA LYS A 9 -3.44 -7.76 3.23
C LYS A 9 -3.19 -7.85 1.70
N GLN A 10 -4.22 -8.36 0.97
CA GLN A 10 -4.18 -8.49 -0.50
C GLN A 10 -4.20 -7.10 -1.15
N ALA A 11 -4.98 -6.18 -0.54
CA ALA A 11 -5.20 -4.82 -1.04
C ALA A 11 -3.90 -4.03 -1.04
N ALA A 12 -3.13 -4.17 0.05
CA ALA A 12 -1.84 -3.49 0.20
C ALA A 12 -0.91 -3.82 -0.97
N ILE A 13 -0.67 -5.13 -1.17
CA ILE A 13 0.22 -5.66 -2.23
C ILE A 13 -0.30 -5.25 -3.62
N ALA A 14 -1.64 -5.29 -3.80
CA ALA A 14 -2.31 -4.98 -5.09
C ALA A 14 -2.08 -3.53 -5.54
N ILE A 15 -2.10 -2.60 -4.56
CA ILE A 15 -1.85 -1.16 -4.77
C ILE A 15 -0.42 -0.95 -5.33
N PHE A 16 0.58 -1.63 -4.72
CA PHE A 16 2.00 -1.53 -5.14
C PHE A 16 2.24 -2.19 -6.51
N GLN A 17 1.49 -3.28 -6.78
CA GLN A 17 1.55 -3.98 -8.08
C GLN A 17 1.05 -3.07 -9.20
N LEU A 18 0.00 -2.26 -8.90
CA LEU A 18 -0.54 -1.26 -9.84
C LEU A 18 0.46 -0.09 -10.00
N TRP A 19 1.13 0.31 -8.90
CA TRP A 19 2.07 1.47 -8.88
C TRP A 19 3.23 1.30 -9.88
N LYS A 20 3.72 0.07 -10.03
CA LYS A 20 4.78 -0.26 -11.00
C LYS A 20 4.22 -0.93 -12.27
N ASN A 21 2.97 -1.44 -12.21
CA ASN A 21 2.35 -2.22 -13.31
C ASN A 21 0.80 -2.08 -13.22
N PRO A 22 0.21 -0.93 -13.70
CA PRO A 22 -1.26 -0.67 -13.61
C PRO A 22 -2.08 -1.50 -14.62
N THR A 23 -1.35 -2.23 -15.47
CA THR A 23 -1.90 -3.08 -16.52
C THR A 23 -2.45 -4.41 -15.97
N ASP A 24 -2.13 -4.74 -14.69
CA ASP A 24 -2.53 -6.02 -14.05
C ASP A 24 -4.04 -6.02 -13.71
N PRO A 25 -4.86 -6.89 -14.41
CA PRO A 25 -6.34 -6.92 -14.21
C PRO A 25 -6.77 -7.61 -12.89
N GLU A 26 -5.86 -8.39 -12.27
CA GLU A 26 -6.17 -9.19 -11.07
C GLU A 26 -6.15 -8.30 -9.82
N ALA A 27 -5.11 -7.44 -9.74
CA ALA A 27 -4.89 -6.53 -8.61
C ALA A 27 -6.08 -5.57 -8.45
N GLN A 28 -6.46 -4.92 -9.57
CA GLN A 28 -7.56 -3.94 -9.59
C GLN A 28 -8.96 -4.61 -9.45
N GLU A 29 -9.07 -5.92 -9.81
CA GLU A 29 -10.34 -6.68 -9.69
C GLU A 29 -10.64 -7.04 -8.22
N LEU A 30 -9.62 -7.50 -7.47
CA LEU A 30 -9.81 -7.87 -6.05
C LEU A 30 -10.11 -6.61 -5.23
N LEU A 31 -9.53 -5.47 -5.65
CA LEU A 31 -9.82 -4.13 -5.07
C LEU A 31 -11.28 -3.69 -5.34
N ASN A 32 -11.85 -4.15 -6.47
CA ASN A 32 -13.26 -3.88 -6.84
C ASN A 32 -14.23 -4.61 -5.89
N LYS A 33 -13.78 -5.77 -5.40
CA LYS A 33 -14.58 -6.65 -4.54
C LYS A 33 -14.49 -6.21 -3.06
N ILE A 34 -13.26 -5.88 -2.61
CA ILE A 34 -12.95 -5.68 -1.16
C ILE A 34 -13.00 -4.20 -0.74
N LEU A 35 -12.54 -3.31 -1.64
CA LEU A 35 -12.61 -1.83 -1.45
C LEU A 35 -13.71 -1.27 -2.35
N SER A 36 -14.00 0.04 -2.22
CA SER A 36 -14.87 0.74 -3.16
C SER A 36 -14.15 0.84 -4.53
N PRO A 37 -14.87 0.60 -5.68
CA PRO A 37 -14.30 0.77 -7.05
C PRO A 37 -13.67 2.17 -7.32
N ASP A 38 -14.10 3.18 -6.54
CA ASP A 38 -13.55 4.55 -6.58
C ASP A 38 -12.04 4.56 -6.24
N VAL A 39 -11.65 3.74 -5.24
CA VAL A 39 -10.26 3.63 -4.74
C VAL A 39 -9.31 3.16 -5.85
N LEU A 40 -9.61 2.01 -6.48
CA LEU A 40 -8.72 1.42 -7.52
C LEU A 40 -8.61 2.35 -8.75
N ASP A 41 -9.73 3.07 -9.03
CA ASP A 41 -9.88 3.91 -10.22
C ASP A 41 -8.95 5.14 -10.18
N GLN A 42 -8.71 5.67 -8.98
CA GLN A 42 -7.75 6.77 -8.78
C GLN A 42 -6.31 6.23 -8.60
N VAL A 43 -6.16 5.06 -7.93
CA VAL A 43 -4.83 4.44 -7.64
C VAL A 43 -4.08 4.08 -8.94
N ARG A 44 -4.82 3.57 -9.95
CA ARG A 44 -4.24 3.13 -11.24
C ARG A 44 -3.68 4.34 -12.06
N GLU A 45 -4.19 5.55 -11.76
CA GLU A 45 -3.78 6.81 -12.42
C GLU A 45 -2.54 7.42 -11.72
N HIS A 46 -2.58 7.44 -10.36
CA HIS A 46 -1.45 7.93 -9.53
C HIS A 46 -0.24 6.97 -9.62
N ALA A 47 -0.55 5.70 -9.95
CA ALA A 47 0.42 4.64 -10.21
C ALA A 47 1.38 5.02 -11.34
N ARG A 48 0.80 5.63 -12.37
CA ARG A 48 1.49 6.04 -13.60
C ARG A 48 2.60 7.05 -13.32
N GLU A 49 2.45 7.85 -12.24
CA GLU A 49 3.41 8.90 -11.86
C GLU A 49 4.74 8.27 -11.35
N LEU A 50 4.61 7.19 -10.56
CA LEU A 50 5.77 6.43 -10.01
C LEU A 50 6.42 5.57 -11.11
N GLN A 51 5.59 5.11 -12.05
CA GLN A 51 6.02 4.36 -13.24
C GLN A 51 6.87 5.26 -14.19
N LYS A 52 6.46 6.53 -14.34
CA LYS A 52 7.21 7.54 -15.15
C LYS A 52 8.65 7.73 -14.61
N GLN A 53 8.74 7.76 -13.27
CA GLN A 53 10.01 7.95 -12.55
C GLN A 53 10.90 6.70 -12.63
N GLY A 54 10.30 5.58 -13.11
CA GLY A 54 11.03 4.33 -13.37
C GLY A 54 11.60 3.69 -12.13
N ILE A 55 10.90 3.89 -10.99
CA ILE A 55 11.31 3.35 -9.70
C ILE A 55 10.99 1.85 -9.68
N HIS A 56 12.05 1.02 -9.72
CA HIS A 56 11.91 -0.44 -9.56
C HIS A 56 11.88 -0.75 -8.05
N PHE A 57 10.71 -1.15 -7.53
CA PHE A 57 10.52 -1.45 -6.10
C PHE A 57 9.72 -2.75 -5.97
N GLU A 58 10.09 -3.59 -5.01
CA GLU A 58 9.46 -4.89 -4.78
C GLU A 58 9.17 -5.05 -3.28
N VAL A 59 8.05 -5.75 -3.00
CA VAL A 59 7.60 -6.09 -1.66
C VAL A 59 8.66 -6.95 -0.95
N LYS A 60 9.22 -6.40 0.14
CA LYS A 60 10.20 -7.11 0.99
C LYS A 60 9.44 -7.88 2.09
N ARG A 61 8.62 -7.13 2.83
CA ARG A 61 8.04 -7.59 4.10
C ARG A 61 6.57 -7.13 4.16
N VAL A 62 5.63 -8.07 4.42
CA VAL A 62 4.22 -7.76 4.74
C VAL A 62 3.90 -8.39 6.10
N GLU A 63 3.58 -7.53 7.08
CA GLU A 63 3.13 -7.97 8.41
C GLU A 63 1.86 -7.18 8.77
N VAL A 64 0.72 -7.89 8.74
CA VAL A 64 -0.61 -7.33 8.96
C VAL A 64 -1.04 -7.55 10.44
N THR A 65 -1.33 -6.44 11.14
CA THR A 65 -1.82 -6.46 12.52
C THR A 65 -3.06 -5.56 12.62
N THR A 66 -4.14 -6.10 13.17
CA THR A 66 -5.41 -5.40 13.30
C THR A 66 -5.47 -4.60 14.61
N ASP A 67 -6.30 -3.55 14.58
CA ASP A 67 -6.54 -2.66 15.72
C ASP A 67 -8.05 -2.38 15.77
N GLY A 68 -8.78 -3.28 16.45
CA GLY A 68 -10.24 -3.25 16.52
C GLY A 68 -10.87 -3.59 15.18
N ASN A 69 -11.32 -2.55 14.46
CA ASN A 69 -11.93 -2.67 13.11
C ASN A 69 -11.02 -2.08 12.03
N THR A 70 -9.96 -1.35 12.43
CA THR A 70 -9.02 -0.73 11.49
C THR A 70 -7.74 -1.58 11.41
N VAL A 71 -7.46 -2.07 10.21
CA VAL A 71 -6.30 -2.94 9.93
C VAL A 71 -5.07 -2.07 9.60
N ASN A 72 -3.89 -2.50 10.09
CA ASN A 72 -2.62 -1.79 9.89
C ASN A 72 -1.62 -2.76 9.26
N VAL A 73 -1.43 -2.63 7.93
CA VAL A 73 -0.50 -3.45 7.16
C VAL A 73 0.86 -2.73 7.06
N THR A 74 1.85 -3.22 7.80
CA THR A 74 3.23 -2.72 7.73
C THR A 74 3.97 -3.47 6.61
N VAL A 75 4.20 -2.77 5.49
CA VAL A 75 4.82 -3.32 4.28
C VAL A 75 5.99 -2.43 3.81
N GLU A 76 7.19 -3.01 3.83
CA GLU A 76 8.43 -2.37 3.36
C GLU A 76 8.72 -2.82 1.93
N LEU A 77 9.18 -1.88 1.07
CA LEU A 77 9.60 -2.18 -0.32
C LEU A 77 10.93 -1.46 -0.60
N GLU A 78 11.84 -2.09 -1.37
CA GLU A 78 13.16 -1.47 -1.67
C GLU A 78 13.07 -0.69 -3.01
N GLU A 79 13.03 0.65 -2.89
CA GLU A 79 12.89 1.56 -4.03
C GLU A 79 14.27 1.85 -4.64
N THR A 80 14.52 1.23 -5.80
CA THR A 80 15.76 1.32 -6.54
C THR A 80 15.54 2.30 -7.73
N THR A 81 16.11 3.50 -7.61
CA THR A 81 16.03 4.55 -8.63
C THR A 81 17.32 5.40 -8.60
N GLY A 82 17.81 5.78 -9.80
CA GLY A 82 19.01 6.64 -9.93
C GLY A 82 20.30 5.96 -9.47
N GLY A 83 20.34 4.63 -9.52
CA GLY A 83 21.51 3.84 -9.12
C GLY A 83 21.56 3.51 -7.63
N THR A 84 20.62 4.07 -6.84
CA THR A 84 20.57 3.87 -5.38
C THR A 84 19.26 3.14 -4.96
N THR A 85 19.41 2.20 -4.02
CA THR A 85 18.29 1.47 -3.41
C THR A 85 17.96 2.08 -2.03
N THR A 86 16.67 2.11 -1.66
CA THR A 86 16.20 2.63 -0.35
C THR A 86 15.00 1.79 0.14
N ASN A 87 15.19 1.06 1.25
CA ASN A 87 14.10 0.27 1.85
C ASN A 87 13.15 1.22 2.61
N THR A 88 12.02 1.53 1.96
CA THR A 88 11.02 2.49 2.43
C THR A 88 9.81 1.75 3.01
N THR A 89 9.46 2.06 4.27
CA THR A 89 8.36 1.41 5.00
C THR A 89 7.06 2.21 4.84
N TYR A 90 6.07 1.57 4.20
CA TYR A 90 4.72 2.11 4.03
C TYR A 90 3.79 1.38 4.99
N GLU A 91 3.03 2.14 5.79
CA GLU A 91 2.04 1.57 6.71
C GLU A 91 0.65 1.94 6.17
N LEU A 92 0.01 0.98 5.49
CA LEU A 92 -1.31 1.17 4.88
C LEU A 92 -2.37 0.85 5.92
N ARG A 93 -2.99 1.91 6.43
CA ARG A 93 -4.00 1.82 7.47
C ARG A 93 -5.37 1.73 6.78
N PHE A 94 -5.89 0.50 6.68
CA PHE A 94 -7.17 0.22 6.04
C PHE A 94 -8.29 0.37 7.09
N GLU A 95 -9.06 1.45 6.95
CA GLU A 95 -10.16 1.77 7.86
C GLU A 95 -11.46 1.30 7.22
N VAL A 96 -12.30 0.61 8.00
CA VAL A 96 -13.62 0.16 7.53
C VAL A 96 -14.64 1.29 7.69
N ASP A 97 -15.55 1.39 6.72
CA ASP A 97 -16.75 2.21 6.81
C ASP A 97 -17.90 1.25 7.06
N GLY A 98 -18.38 1.23 8.31
CA GLY A 98 -19.36 0.27 8.77
C GLY A 98 -18.73 -1.09 9.02
N ASP A 99 -18.91 -2.01 8.06
CA ASP A 99 -18.54 -3.43 8.20
C ASP A 99 -17.57 -3.91 7.09
N THR A 100 -17.21 -2.99 6.17
CA THR A 100 -16.33 -3.29 5.02
C THR A 100 -15.35 -2.13 4.78
N ILE A 101 -14.15 -2.46 4.25
CA ILE A 101 -13.05 -1.49 4.10
C ILE A 101 -13.33 -0.54 2.92
N ARG A 102 -13.42 0.77 3.20
CA ARG A 102 -13.72 1.82 2.20
C ARG A 102 -12.72 2.98 2.32
N ARG A 103 -11.61 2.75 3.04
CA ARG A 103 -10.61 3.78 3.31
C ARG A 103 -9.22 3.16 3.46
N VAL A 104 -8.22 3.81 2.86
CA VAL A 104 -6.80 3.44 2.99
C VAL A 104 -5.97 4.73 3.19
N THR A 105 -5.28 4.83 4.33
CA THR A 105 -4.38 5.93 4.63
C THR A 105 -2.93 5.39 4.64
N VAL A 106 -2.17 5.68 3.58
CA VAL A 106 -0.79 5.20 3.43
C VAL A 106 0.16 6.22 4.12
N THR A 107 0.70 5.80 5.27
CA THR A 107 1.64 6.59 6.06
C THR A 107 3.07 6.20 5.66
N GLN A 108 3.71 7.07 4.88
CA GLN A 108 5.08 6.89 4.43
C GLN A 108 6.01 7.49 5.50
N ASN A 109 6.94 6.66 6.01
CA ASN A 109 7.86 7.03 7.10
C ASN A 109 8.88 8.10 6.62
N GLY A 110 9.49 8.80 7.58
CA GLY A 110 10.48 9.85 7.29
C GLY A 110 9.85 11.22 7.07
N GLY A 111 10.19 12.18 7.96
CA GLY A 111 9.68 13.56 7.88
C GLY A 111 8.34 13.76 8.60
N SER A 112 8.18 13.08 9.75
CA SER A 112 6.94 13.17 10.56
C SER A 112 7.03 14.34 11.57
N LEU A 113 6.85 15.58 11.04
CA LEU A 113 6.86 16.81 11.85
C LEU A 113 5.57 16.89 12.69
N GLU A 114 5.68 16.57 13.99
CA GLU A 114 4.57 16.69 14.95
C GLU A 114 4.49 18.13 15.46
N HIS A 115 3.27 18.70 15.44
CA HIS A 115 3.02 20.11 15.81
C HIS A 115 2.78 20.19 17.32
N HIS A 116 3.89 20.26 18.07
CA HIS A 116 3.89 20.37 19.54
C HIS A 116 4.32 21.80 19.93
N HIS A 117 3.36 22.59 20.43
CA HIS A 117 3.59 23.98 20.90
C HIS A 117 2.88 24.21 22.24
N HIS A 118 3.32 25.23 22.98
CA HIS A 118 2.70 25.65 24.25
C HIS A 118 1.37 26.40 23.98
N HIS A 119 1.28 27.07 22.82
CA HIS A 119 0.06 27.83 22.42
C HIS A 119 -0.29 27.55 20.94
N HIS A 120 -1.60 27.39 20.66
CA HIS A 120 -2.13 27.23 19.30
C HIS A 120 -2.31 28.61 18.62
N MET A 1 -14.08 -7.95 3.67
CA MET A 1 -15.10 -8.62 2.83
C MET A 1 -15.73 -9.79 3.63
N GLN A 2 -15.14 -11.00 3.57
CA GLN A 2 -15.50 -12.10 4.49
C GLN A 2 -14.70 -11.95 5.80
N ASP A 3 -13.57 -11.24 5.69
CA ASP A 3 -12.62 -11.03 6.79
C ASP A 3 -11.95 -9.64 6.65
N ILE A 4 -11.38 -9.15 7.78
CA ILE A 4 -10.71 -7.85 7.88
C ILE A 4 -9.24 -7.94 7.47
N VAL A 5 -8.51 -8.91 8.08
CA VAL A 5 -7.04 -9.06 7.92
C VAL A 5 -6.68 -9.43 6.46
N GLU A 6 -7.51 -10.32 5.89
CA GLU A 6 -7.40 -10.78 4.49
C GLU A 6 -7.56 -9.60 3.52
N ALA A 7 -8.71 -8.89 3.64
CA ALA A 7 -9.10 -7.81 2.73
C ALA A 7 -8.09 -6.64 2.80
N ALA A 8 -7.45 -6.47 3.96
CA ALA A 8 -6.41 -5.45 4.17
C ALA A 8 -5.10 -5.80 3.44
N LYS A 9 -4.66 -7.06 3.62
CA LYS A 9 -3.38 -7.55 3.09
C LYS A 9 -3.40 -7.63 1.55
N GLN A 10 -4.50 -8.21 1.01
CA GLN A 10 -4.74 -8.32 -0.43
C GLN A 10 -4.84 -6.93 -1.08
N ALA A 11 -5.49 -5.99 -0.37
CA ALA A 11 -5.60 -4.59 -0.79
C ALA A 11 -4.20 -3.96 -0.94
N ALA A 12 -3.37 -4.12 0.11
CA ALA A 12 -2.03 -3.51 0.18
C ALA A 12 -1.14 -3.91 -1.01
N ILE A 13 -1.00 -5.24 -1.22
CA ILE A 13 -0.12 -5.82 -2.25
C ILE A 13 -0.60 -5.41 -3.68
N ALA A 14 -1.94 -5.39 -3.88
CA ALA A 14 -2.56 -5.06 -5.19
C ALA A 14 -2.37 -3.58 -5.58
N ILE A 15 -2.31 -2.69 -4.56
CA ILE A 15 -2.00 -1.26 -4.74
C ILE A 15 -0.59 -1.08 -5.36
N PHE A 16 0.37 -1.93 -4.92
CA PHE A 16 1.74 -1.93 -5.46
C PHE A 16 1.80 -2.58 -6.86
N GLN A 17 0.95 -3.59 -7.07
CA GLN A 17 0.82 -4.30 -8.38
C GLN A 17 0.21 -3.38 -9.46
N LEU A 18 -0.52 -2.33 -9.02
CA LEU A 18 -0.98 -1.26 -9.93
C LEU A 18 0.12 -0.19 -10.11
N TRP A 19 0.88 0.11 -9.03
CA TRP A 19 1.96 1.14 -9.09
C TRP A 19 3.09 0.77 -10.08
N LYS A 20 3.29 -0.54 -10.29
CA LYS A 20 4.24 -1.06 -11.30
C LYS A 20 3.56 -1.22 -12.68
N ASN A 21 2.22 -1.45 -12.70
CA ASN A 21 1.44 -1.68 -13.94
C ASN A 21 -0.06 -1.36 -13.68
N PRO A 22 -0.54 -0.09 -13.97
CA PRO A 22 -1.94 0.37 -13.65
C PRO A 22 -3.03 -0.38 -14.44
N THR A 23 -2.61 -1.06 -15.52
CA THR A 23 -3.51 -1.81 -16.40
C THR A 23 -3.53 -3.31 -16.04
N ASP A 24 -2.95 -3.69 -14.87
CA ASP A 24 -3.01 -5.10 -14.38
C ASP A 24 -4.44 -5.42 -13.93
N PRO A 25 -5.14 -6.37 -14.64
CA PRO A 25 -6.60 -6.58 -14.44
C PRO A 25 -6.92 -7.24 -13.08
N GLU A 26 -6.01 -8.11 -12.62
CA GLU A 26 -6.21 -8.91 -11.39
C GLU A 26 -6.16 -8.02 -10.14
N ALA A 27 -5.12 -7.16 -10.07
CA ALA A 27 -4.86 -6.29 -8.91
C ALA A 27 -6.04 -5.35 -8.64
N GLN A 28 -6.50 -4.65 -9.68
CA GLN A 28 -7.60 -3.67 -9.57
C GLN A 28 -8.98 -4.36 -9.39
N GLU A 29 -9.16 -5.58 -9.96
CA GLU A 29 -10.45 -6.31 -9.89
C GLU A 29 -10.72 -6.83 -8.46
N LEU A 30 -9.67 -7.27 -7.75
CA LEU A 30 -9.81 -7.70 -6.33
C LEU A 30 -10.07 -6.47 -5.44
N LEU A 31 -9.46 -5.31 -5.81
CA LEU A 31 -9.69 -4.00 -5.14
C LEU A 31 -11.13 -3.49 -5.36
N ASN A 32 -11.78 -3.97 -6.43
CA ASN A 32 -13.18 -3.62 -6.75
C ASN A 32 -14.16 -4.34 -5.79
N LYS A 33 -13.73 -5.53 -5.32
CA LYS A 33 -14.58 -6.43 -4.54
C LYS A 33 -14.39 -6.21 -3.02
N ILE A 34 -13.13 -6.05 -2.58
CA ILE A 34 -12.78 -5.92 -1.14
C ILE A 34 -12.69 -4.44 -0.71
N LEU A 35 -12.49 -3.54 -1.68
CA LEU A 35 -12.48 -2.08 -1.45
C LEU A 35 -13.54 -1.42 -2.35
N SER A 36 -13.60 -0.09 -2.30
CA SER A 36 -14.44 0.71 -3.19
C SER A 36 -13.80 0.79 -4.62
N PRO A 37 -14.63 0.88 -5.71
CA PRO A 37 -14.13 1.14 -7.10
C PRO A 37 -13.34 2.48 -7.21
N ASP A 38 -13.58 3.38 -6.23
CA ASP A 38 -12.88 4.66 -6.08
C ASP A 38 -11.38 4.44 -5.74
N VAL A 39 -11.11 3.45 -4.87
CA VAL A 39 -9.75 3.21 -4.33
C VAL A 39 -8.77 2.81 -5.45
N LEU A 40 -9.16 1.80 -6.26
CA LEU A 40 -8.32 1.31 -7.38
C LEU A 40 -8.11 2.42 -8.44
N ASP A 41 -9.10 3.35 -8.51
CA ASP A 41 -9.14 4.42 -9.51
C ASP A 41 -8.18 5.57 -9.17
N GLN A 42 -7.89 5.80 -7.88
CA GLN A 42 -6.89 6.79 -7.44
C GLN A 42 -5.48 6.17 -7.45
N VAL A 43 -5.40 4.86 -7.14
CA VAL A 43 -4.14 4.09 -7.13
C VAL A 43 -3.53 3.98 -8.56
N ARG A 44 -4.40 3.74 -9.57
CA ARG A 44 -3.96 3.57 -10.98
C ARG A 44 -3.33 4.88 -11.54
N GLU A 45 -3.68 6.04 -10.92
CA GLU A 45 -3.11 7.36 -11.29
C GLU A 45 -1.73 7.54 -10.66
N HIS A 46 -1.63 7.24 -9.33
CA HIS A 46 -0.36 7.30 -8.55
C HIS A 46 0.68 6.30 -9.08
N ALA A 47 0.19 5.30 -9.82
CA ALA A 47 1.00 4.33 -10.54
C ALA A 47 2.02 4.98 -11.46
N ARG A 48 1.54 5.82 -12.40
CA ARG A 48 2.38 6.41 -13.46
C ARG A 48 3.43 7.37 -12.90
N GLU A 49 3.25 7.86 -11.65
CA GLU A 49 4.22 8.75 -10.99
C GLU A 49 5.54 7.99 -10.73
N LEU A 50 5.42 6.82 -10.08
CA LEU A 50 6.57 5.97 -9.70
C LEU A 50 7.09 5.16 -10.91
N GLN A 51 6.15 4.79 -11.80
CA GLN A 51 6.44 4.02 -13.03
C GLN A 51 7.26 4.87 -14.03
N LYS A 52 6.94 6.18 -14.11
CA LYS A 52 7.65 7.14 -14.98
C LYS A 52 9.10 7.30 -14.51
N GLN A 53 9.27 7.37 -13.18
CA GLN A 53 10.60 7.43 -12.53
C GLN A 53 11.37 6.11 -12.75
N GLY A 54 10.62 5.02 -12.99
CA GLY A 54 11.18 3.69 -13.22
C GLY A 54 11.64 3.05 -11.93
N ILE A 55 10.89 3.34 -10.84
CA ILE A 55 11.17 2.83 -9.51
C ILE A 55 10.78 1.34 -9.43
N HIS A 56 11.79 0.46 -9.32
CA HIS A 56 11.56 -0.97 -9.09
C HIS A 56 11.52 -1.20 -7.57
N PHE A 57 10.32 -1.45 -7.03
CA PHE A 57 10.09 -1.64 -5.59
C PHE A 57 9.70 -3.10 -5.35
N GLU A 58 10.46 -3.78 -4.48
CA GLU A 58 10.26 -5.20 -4.19
C GLU A 58 9.75 -5.35 -2.75
N VAL A 59 8.67 -6.13 -2.59
CA VAL A 59 8.07 -6.40 -1.27
C VAL A 59 9.05 -7.25 -0.44
N LYS A 60 9.64 -6.62 0.58
CA LYS A 60 10.60 -7.25 1.50
C LYS A 60 9.84 -8.10 2.53
N ARG A 61 8.77 -7.51 3.09
CA ARG A 61 7.94 -8.13 4.15
C ARG A 61 6.63 -7.34 4.32
N VAL A 62 5.49 -8.04 4.23
CA VAL A 62 4.14 -7.45 4.46
C VAL A 62 3.57 -7.98 5.79
N GLU A 63 3.49 -7.09 6.79
CA GLU A 63 2.87 -7.36 8.11
C GLU A 63 1.51 -6.67 8.16
N VAL A 64 0.54 -7.34 8.81
CA VAL A 64 -0.84 -6.86 8.93
C VAL A 64 -1.39 -7.17 10.34
N THR A 65 -1.88 -6.13 11.04
CA THR A 65 -2.40 -6.24 12.42
C THR A 65 -3.66 -5.35 12.56
N THR A 66 -4.68 -5.87 13.27
CA THR A 66 -5.99 -5.17 13.44
C THR A 66 -5.97 -4.25 14.69
N ASP A 67 -6.88 -3.25 14.67
CA ASP A 67 -7.02 -2.26 15.76
C ASP A 67 -8.43 -1.60 15.65
N GLY A 68 -9.44 -2.26 16.25
CA GLY A 68 -10.82 -1.77 16.27
C GLY A 68 -11.47 -1.71 14.89
N ASN A 69 -11.82 -0.49 14.43
CA ASN A 69 -12.45 -0.26 13.10
C ASN A 69 -11.39 0.03 12.02
N THR A 70 -10.11 -0.19 12.36
CA THR A 70 -8.99 0.08 11.45
C THR A 70 -8.00 -1.12 11.49
N VAL A 71 -7.23 -1.29 10.41
CA VAL A 71 -6.21 -2.35 10.29
C VAL A 71 -4.93 -1.78 9.66
N ASN A 72 -3.83 -1.86 10.41
CA ASN A 72 -2.53 -1.29 10.03
C ASN A 72 -1.69 -2.34 9.31
N VAL A 73 -1.48 -2.14 7.99
CA VAL A 73 -0.58 -2.98 7.19
C VAL A 73 0.77 -2.27 7.05
N THR A 74 1.78 -2.75 7.77
CA THR A 74 3.15 -2.25 7.68
C THR A 74 3.92 -3.17 6.72
N VAL A 75 4.12 -2.70 5.50
CA VAL A 75 4.80 -3.45 4.43
C VAL A 75 6.07 -2.69 4.02
N GLU A 76 7.21 -3.31 4.31
CA GLU A 76 8.53 -2.83 3.90
C GLU A 76 8.75 -3.17 2.42
N LEU A 77 9.07 -2.17 1.60
CA LEU A 77 9.49 -2.34 0.21
C LEU A 77 10.93 -1.84 0.06
N GLU A 78 11.58 -2.23 -1.03
CA GLU A 78 12.91 -1.72 -1.39
C GLU A 78 12.82 -1.10 -2.79
N GLU A 79 12.75 0.24 -2.81
CA GLU A 79 12.57 1.03 -4.04
C GLU A 79 13.93 1.30 -4.70
N THR A 80 13.99 1.22 -6.04
CA THR A 80 15.22 1.50 -6.80
C THR A 80 14.95 2.68 -7.75
N THR A 81 15.45 3.85 -7.37
CA THR A 81 15.20 5.12 -8.06
C THR A 81 16.53 5.70 -8.59
N GLY A 82 16.60 5.89 -9.93
CA GLY A 82 17.78 6.43 -10.62
C GLY A 82 18.96 5.46 -10.61
N GLY A 83 19.83 5.59 -9.61
CA GLY A 83 20.98 4.71 -9.41
C GLY A 83 21.23 4.41 -7.94
N THR A 84 20.20 4.63 -7.12
CA THR A 84 20.21 4.32 -5.68
C THR A 84 19.04 3.39 -5.35
N THR A 85 19.25 2.49 -4.39
CA THR A 85 18.22 1.56 -3.93
C THR A 85 17.93 1.86 -2.45
N THR A 86 16.79 2.52 -2.21
CA THR A 86 16.35 2.96 -0.88
C THR A 86 15.27 1.99 -0.36
N ASN A 87 15.54 1.34 0.78
CA ASN A 87 14.56 0.45 1.41
C ASN A 87 13.53 1.33 2.17
N THR A 88 12.36 1.51 1.54
CA THR A 88 11.31 2.43 2.01
C THR A 88 10.08 1.63 2.47
N THR A 89 9.65 1.86 3.71
CA THR A 89 8.47 1.22 4.29
C THR A 89 7.23 2.04 3.94
N TYR A 90 6.13 1.35 3.63
CA TYR A 90 4.81 1.93 3.39
C TYR A 90 3.83 1.36 4.44
N GLU A 91 3.14 2.26 5.12
CA GLU A 91 2.10 1.92 6.10
C GLU A 91 0.73 2.25 5.47
N LEU A 92 0.01 1.20 5.02
CA LEU A 92 -1.32 1.34 4.43
C LEU A 92 -2.35 1.00 5.52
N ARG A 93 -2.99 2.07 6.03
CA ARG A 93 -3.93 1.98 7.14
C ARG A 93 -5.36 1.99 6.59
N PHE A 94 -6.02 0.83 6.68
CA PHE A 94 -7.35 0.60 6.11
C PHE A 94 -8.45 0.71 7.17
N GLU A 95 -9.27 1.76 7.07
CA GLU A 95 -10.43 1.93 7.95
C GLU A 95 -11.58 1.05 7.46
N VAL A 96 -11.93 0.02 8.24
CA VAL A 96 -12.99 -0.94 7.93
C VAL A 96 -14.36 -0.36 8.33
N ASP A 97 -15.38 -0.61 7.51
CA ASP A 97 -16.75 -0.10 7.74
C ASP A 97 -17.75 -1.20 7.36
N GLY A 98 -18.53 -1.65 8.34
CA GLY A 98 -19.44 -2.77 8.17
C GLY A 98 -18.70 -4.10 8.19
N ASP A 99 -18.45 -4.64 6.98
CA ASP A 99 -17.85 -5.98 6.77
C ASP A 99 -16.55 -5.88 5.95
N THR A 100 -16.35 -4.73 5.27
CA THR A 100 -15.22 -4.54 4.35
C THR A 100 -14.65 -3.11 4.48
N ILE A 101 -13.44 -2.89 3.95
CA ILE A 101 -12.73 -1.61 4.06
C ILE A 101 -13.34 -0.58 3.07
N ARG A 102 -13.59 0.65 3.58
CA ARG A 102 -14.20 1.76 2.81
C ARG A 102 -13.30 3.01 2.80
N ARG A 103 -12.08 2.90 3.35
CA ARG A 103 -11.12 4.01 3.39
C ARG A 103 -9.68 3.46 3.48
N VAL A 104 -8.81 3.96 2.60
CA VAL A 104 -7.36 3.65 2.60
C VAL A 104 -6.56 4.89 3.04
N THR A 105 -5.40 4.66 3.69
CA THR A 105 -4.43 5.72 4.02
C THR A 105 -3.04 5.26 3.59
N VAL A 106 -2.52 5.84 2.51
CA VAL A 106 -1.15 5.56 2.04
C VAL A 106 -0.19 6.53 2.73
N THR A 107 0.58 6.00 3.72
CA THR A 107 1.57 6.78 4.47
C THR A 107 2.96 6.20 4.20
N GLN A 108 3.76 6.92 3.39
CA GLN A 108 5.15 6.51 3.11
C GLN A 108 6.00 6.79 4.38
N ASN A 109 6.36 5.70 5.10
CA ASN A 109 7.11 5.78 6.37
C ASN A 109 8.50 6.43 6.13
N GLY A 110 8.56 7.72 6.43
CA GLY A 110 9.73 8.57 6.20
C GLY A 110 9.32 10.04 6.16
N GLY A 111 9.31 10.65 4.95
CA GLY A 111 8.93 12.06 4.78
C GLY A 111 10.06 13.04 5.11
N SER A 112 10.67 12.85 6.28
CA SER A 112 11.84 13.61 6.73
C SER A 112 13.07 13.29 5.86
N LEU A 113 13.69 14.36 5.33
CA LEU A 113 14.90 14.27 4.48
C LEU A 113 16.13 13.83 5.31
N GLU A 114 16.06 14.09 6.63
CA GLU A 114 17.05 13.60 7.59
C GLU A 114 16.92 12.07 7.74
N HIS A 115 17.81 11.34 7.03
CA HIS A 115 17.77 9.87 6.91
C HIS A 115 18.59 9.17 8.04
N HIS A 116 18.97 9.94 9.08
CA HIS A 116 19.64 9.40 10.28
C HIS A 116 18.77 9.65 11.52
N HIS A 117 18.30 8.55 12.15
CA HIS A 117 17.66 8.61 13.48
C HIS A 117 18.75 8.48 14.56
N HIS A 118 19.78 7.67 14.24
CA HIS A 118 20.96 7.44 15.10
C HIS A 118 21.76 8.74 15.27
N HIS A 119 21.73 9.28 16.50
CA HIS A 119 22.44 10.52 16.88
C HIS A 119 23.93 10.23 17.14
N HIS A 120 24.74 11.29 17.17
CA HIS A 120 26.18 11.21 17.47
C HIS A 120 26.38 11.41 19.00
N MET A 1 -17.60 -13.31 2.83
CA MET A 1 -16.36 -13.89 3.40
C MET A 1 -15.91 -13.11 4.64
N GLN A 2 -16.12 -11.76 4.60
CA GLN A 2 -15.77 -10.76 5.65
C GLN A 2 -14.34 -10.94 6.23
N ASP A 3 -13.43 -11.52 5.42
CA ASP A 3 -12.01 -11.68 5.78
C ASP A 3 -11.28 -10.36 5.52
N ILE A 4 -11.51 -9.39 6.42
CA ILE A 4 -11.11 -7.98 6.23
C ILE A 4 -9.59 -7.78 6.41
N VAL A 5 -8.99 -8.56 7.32
CA VAL A 5 -7.55 -8.49 7.63
C VAL A 5 -6.73 -9.00 6.43
N GLU A 6 -7.22 -10.12 5.84
CA GLU A 6 -6.65 -10.70 4.61
C GLU A 6 -6.96 -9.81 3.39
N ALA A 7 -8.16 -9.19 3.39
CA ALA A 7 -8.60 -8.28 2.32
C ALA A 7 -7.71 -7.04 2.28
N ALA A 8 -7.36 -6.53 3.46
CA ALA A 8 -6.52 -5.33 3.62
C ALA A 8 -5.07 -5.63 3.19
N LYS A 9 -4.62 -6.85 3.49
CA LYS A 9 -3.29 -7.33 3.11
C LYS A 9 -3.15 -7.38 1.59
N GLN A 10 -4.06 -8.14 0.92
CA GLN A 10 -4.05 -8.32 -0.54
C GLN A 10 -4.38 -7.01 -1.26
N ALA A 11 -5.08 -6.09 -0.55
CA ALA A 11 -5.39 -4.75 -1.06
C ALA A 11 -4.10 -3.94 -1.20
N ALA A 12 -3.29 -3.93 -0.13
CA ALA A 12 -1.99 -3.23 -0.10
C ALA A 12 -1.07 -3.75 -1.23
N ILE A 13 -1.00 -5.09 -1.34
CA ILE A 13 -0.19 -5.80 -2.35
C ILE A 13 -0.66 -5.45 -3.79
N ALA A 14 -2.00 -5.35 -3.97
CA ALA A 14 -2.61 -5.06 -5.30
C ALA A 14 -2.46 -3.58 -5.68
N ILE A 15 -2.40 -2.69 -4.67
CA ILE A 15 -2.11 -1.26 -4.86
C ILE A 15 -0.68 -1.10 -5.41
N PHE A 16 0.24 -1.97 -4.92
CA PHE A 16 1.65 -1.99 -5.39
C PHE A 16 1.75 -2.61 -6.80
N GLN A 17 0.89 -3.61 -7.08
CA GLN A 17 0.78 -4.23 -8.43
C GLN A 17 0.34 -3.18 -9.46
N LEU A 18 -0.55 -2.27 -9.05
CA LEU A 18 -0.99 -1.15 -9.87
C LEU A 18 0.12 -0.10 -9.98
N TRP A 19 0.83 0.19 -8.87
CA TRP A 19 1.94 1.19 -8.84
C TRP A 19 3.08 0.83 -9.83
N LYS A 20 3.25 -0.48 -10.10
CA LYS A 20 4.23 -0.98 -11.08
C LYS A 20 3.56 -1.37 -12.42
N ASN A 21 2.21 -1.51 -12.43
CA ASN A 21 1.41 -1.78 -13.66
C ASN A 21 -0.07 -1.37 -13.43
N PRO A 22 -0.47 -0.09 -13.75
CA PRO A 22 -1.86 0.43 -13.53
C PRO A 22 -2.93 -0.33 -14.36
N THR A 23 -2.47 -0.97 -15.44
CA THR A 23 -3.33 -1.70 -16.38
C THR A 23 -3.46 -3.20 -15.99
N ASP A 24 -2.98 -3.58 -14.78
CA ASP A 24 -3.08 -4.96 -14.28
C ASP A 24 -4.55 -5.26 -13.92
N PRO A 25 -5.26 -6.16 -14.69
CA PRO A 25 -6.71 -6.38 -14.52
C PRO A 25 -7.07 -7.02 -13.17
N GLU A 26 -6.23 -7.96 -12.70
CA GLU A 26 -6.50 -8.77 -11.50
C GLU A 26 -6.42 -7.94 -10.21
N ALA A 27 -5.41 -7.04 -10.16
CA ALA A 27 -5.13 -6.19 -8.99
C ALA A 27 -6.32 -5.26 -8.70
N GLN A 28 -6.71 -4.47 -9.72
CA GLN A 28 -7.82 -3.50 -9.62
C GLN A 28 -9.19 -4.22 -9.46
N GLU A 29 -9.28 -5.50 -9.94
CA GLU A 29 -10.51 -6.29 -9.86
C GLU A 29 -10.84 -6.68 -8.41
N LEU A 30 -9.83 -7.17 -7.66
CA LEU A 30 -10.01 -7.58 -6.26
C LEU A 30 -10.24 -6.34 -5.38
N LEU A 31 -9.64 -5.19 -5.78
CA LEU A 31 -9.82 -3.89 -5.11
C LEU A 31 -11.26 -3.37 -5.26
N ASN A 32 -11.94 -3.74 -6.37
CA ASN A 32 -13.35 -3.35 -6.62
C ASN A 32 -14.29 -4.11 -5.65
N LYS A 33 -13.84 -5.28 -5.18
CA LYS A 33 -14.61 -6.16 -4.30
C LYS A 33 -14.46 -5.77 -2.82
N ILE A 34 -13.23 -5.42 -2.42
CA ILE A 34 -12.87 -5.22 -0.98
C ILE A 34 -12.75 -3.72 -0.62
N LEU A 35 -12.63 -2.86 -1.63
CA LEU A 35 -12.61 -1.40 -1.49
C LEU A 35 -13.72 -0.80 -2.35
N SER A 36 -13.92 0.52 -2.25
CA SER A 36 -14.78 1.26 -3.17
C SER A 36 -14.13 1.31 -4.59
N PRO A 37 -14.94 1.20 -5.70
CA PRO A 37 -14.43 1.37 -7.11
C PRO A 37 -13.66 2.70 -7.36
N ASP A 38 -13.88 3.70 -6.48
CA ASP A 38 -13.20 5.01 -6.49
C ASP A 38 -11.73 4.89 -6.02
N VAL A 39 -11.51 4.02 -5.01
CA VAL A 39 -10.20 3.85 -4.35
C VAL A 39 -9.14 3.31 -5.33
N LEU A 40 -9.52 2.35 -6.18
CA LEU A 40 -8.60 1.77 -7.19
C LEU A 40 -8.36 2.74 -8.36
N ASP A 41 -9.37 3.60 -8.61
CA ASP A 41 -9.43 4.51 -9.77
C ASP A 41 -8.43 5.66 -9.62
N GLN A 42 -8.12 6.04 -8.38
CA GLN A 42 -7.07 7.04 -8.07
C GLN A 42 -5.67 6.40 -8.04
N VAL A 43 -5.60 5.12 -7.59
CA VAL A 43 -4.35 4.36 -7.47
C VAL A 43 -3.72 4.15 -8.86
N ARG A 44 -4.56 3.85 -9.88
CA ARG A 44 -4.09 3.60 -11.26
C ARG A 44 -3.51 4.89 -11.91
N GLU A 45 -3.95 6.07 -11.43
CA GLU A 45 -3.48 7.38 -11.93
C GLU A 45 -2.12 7.72 -11.33
N HIS A 46 -2.03 7.57 -9.99
CA HIS A 46 -0.79 7.78 -9.20
C HIS A 46 0.32 6.78 -9.62
N ALA A 47 -0.15 5.63 -10.11
CA ALA A 47 0.69 4.52 -10.58
C ALA A 47 1.50 4.90 -11.82
N ARG A 48 0.91 5.72 -12.70
CA ARG A 48 1.51 6.10 -14.00
C ARG A 48 2.79 6.92 -13.83
N GLU A 49 2.87 7.64 -12.70
CA GLU A 49 4.03 8.48 -12.33
C GLU A 49 5.20 7.58 -11.92
N LEU A 50 4.92 6.62 -11.02
CA LEU A 50 5.92 5.65 -10.50
C LEU A 50 6.39 4.68 -11.61
N GLN A 51 5.46 4.42 -12.55
CA GLN A 51 5.69 3.62 -13.77
C GLN A 51 6.68 4.36 -14.69
N LYS A 52 6.41 5.66 -14.90
CA LYS A 52 7.20 6.54 -15.78
C LYS A 52 8.63 6.72 -15.21
N GLN A 53 8.75 6.69 -13.87
CA GLN A 53 10.05 6.75 -13.16
C GLN A 53 10.72 5.37 -13.15
N GLY A 54 9.92 4.29 -13.26
CA GLY A 54 10.42 2.91 -13.26
C GLY A 54 10.97 2.47 -11.91
N ILE A 55 10.28 2.88 -10.84
CA ILE A 55 10.67 2.57 -9.45
C ILE A 55 10.38 1.09 -9.15
N HIS A 56 11.45 0.28 -9.01
CA HIS A 56 11.33 -1.16 -8.74
C HIS A 56 11.42 -1.40 -7.23
N PHE A 57 10.28 -1.71 -6.62
CA PHE A 57 10.18 -1.95 -5.16
C PHE A 57 9.87 -3.42 -4.90
N GLU A 58 10.45 -3.97 -3.83
CA GLU A 58 10.25 -5.36 -3.44
C GLU A 58 9.88 -5.43 -1.96
N VAL A 59 8.79 -6.15 -1.66
CA VAL A 59 8.32 -6.38 -0.30
C VAL A 59 9.29 -7.34 0.42
N LYS A 60 10.15 -6.78 1.26
CA LYS A 60 11.16 -7.52 2.04
C LYS A 60 10.59 -7.92 3.41
N ARG A 61 9.62 -7.12 3.88
CA ARG A 61 8.89 -7.38 5.12
C ARG A 61 7.45 -6.89 4.93
N VAL A 62 6.51 -7.58 5.58
CA VAL A 62 5.10 -7.18 5.61
C VAL A 62 4.47 -7.66 6.94
N GLU A 63 3.99 -6.69 7.73
CA GLU A 63 3.33 -6.93 9.01
C GLU A 63 1.93 -6.33 8.95
N VAL A 64 0.93 -7.19 8.83
CA VAL A 64 -0.47 -6.80 8.78
C VAL A 64 -1.07 -7.03 10.18
N THR A 65 -1.35 -5.92 10.89
CA THR A 65 -1.76 -5.97 12.30
C THR A 65 -3.11 -5.25 12.46
N THR A 66 -4.07 -5.95 13.05
CA THR A 66 -5.41 -5.43 13.24
C THR A 66 -5.47 -4.70 14.59
N ASP A 67 -5.65 -3.39 14.52
CA ASP A 67 -5.64 -2.49 15.67
C ASP A 67 -7.07 -1.99 15.88
N GLY A 68 -7.81 -2.73 16.74
CA GLY A 68 -9.23 -2.47 17.00
C GLY A 68 -10.11 -2.79 15.80
N ASN A 69 -10.66 -1.75 15.17
CA ASN A 69 -11.51 -1.87 13.96
C ASN A 69 -10.81 -1.26 12.74
N THR A 70 -9.47 -1.19 12.78
CA THR A 70 -8.65 -0.70 11.68
C THR A 70 -7.44 -1.63 11.44
N VAL A 71 -7.31 -2.17 10.22
CA VAL A 71 -6.17 -3.01 9.83
C VAL A 71 -5.03 -2.12 9.29
N ASN A 72 -3.94 -2.05 10.06
CA ASN A 72 -2.75 -1.26 9.70
C ASN A 72 -1.69 -2.17 9.07
N VAL A 73 -1.54 -2.08 7.73
CA VAL A 73 -0.55 -2.86 6.98
C VAL A 73 0.77 -2.06 6.92
N THR A 74 1.74 -2.47 7.74
CA THR A 74 3.08 -1.89 7.79
C THR A 74 4.01 -2.77 6.96
N VAL A 75 4.35 -2.30 5.76
CA VAL A 75 5.05 -3.10 4.76
C VAL A 75 6.33 -2.36 4.30
N GLU A 76 7.45 -3.08 4.34
CA GLU A 76 8.78 -2.58 3.97
C GLU A 76 9.05 -2.90 2.48
N LEU A 77 9.11 -1.86 1.65
CA LEU A 77 9.42 -1.98 0.21
C LEU A 77 10.82 -1.41 -0.04
N GLU A 78 11.75 -2.26 -0.53
CA GLU A 78 13.11 -1.83 -0.86
C GLU A 78 13.08 -1.34 -2.32
N GLU A 79 13.06 -0.01 -2.49
CA GLU A 79 12.83 0.66 -3.77
C GLU A 79 14.17 0.94 -4.46
N THR A 80 14.18 0.76 -5.78
CA THR A 80 15.35 0.97 -6.64
C THR A 80 14.94 1.94 -7.75
N THR A 81 15.49 3.16 -7.70
CA THR A 81 15.23 4.22 -8.68
C THR A 81 16.58 4.81 -9.12
N GLY A 82 16.78 4.95 -10.45
CA GLY A 82 18.05 5.36 -11.04
C GLY A 82 19.12 4.27 -10.89
N GLY A 83 19.67 4.18 -9.67
CA GLY A 83 20.56 3.09 -9.27
C GLY A 83 20.69 2.99 -7.75
N THR A 84 19.83 3.73 -7.04
CA THR A 84 19.84 3.82 -5.57
C THR A 84 18.78 2.86 -4.98
N THR A 85 19.19 2.00 -4.05
CA THR A 85 18.33 0.98 -3.43
C THR A 85 18.19 1.26 -1.91
N THR A 86 16.99 1.72 -1.49
CA THR A 86 16.70 2.08 -0.08
C THR A 86 15.37 1.45 0.36
N ASN A 87 15.33 0.94 1.61
CA ASN A 87 14.11 0.42 2.23
C ASN A 87 13.23 1.60 2.71
N THR A 88 12.05 1.73 2.10
CA THR A 88 11.04 2.74 2.44
C THR A 88 9.78 2.03 2.96
N THR A 89 9.37 2.35 4.19
CA THR A 89 8.24 1.70 4.84
C THR A 89 6.94 2.44 4.51
N TYR A 90 5.97 1.74 3.93
CA TYR A 90 4.63 2.28 3.67
C TYR A 90 3.64 1.65 4.65
N GLU A 91 2.88 2.49 5.39
CA GLU A 91 1.83 2.03 6.31
C GLU A 91 0.48 2.38 5.67
N LEU A 92 -0.19 1.37 5.10
CA LEU A 92 -1.51 1.53 4.49
C LEU A 92 -2.56 1.15 5.54
N ARG A 93 -3.24 2.17 6.06
CA ARG A 93 -4.22 2.04 7.15
C ARG A 93 -5.64 1.86 6.58
N PHE A 94 -6.11 0.62 6.54
CA PHE A 94 -7.43 0.26 6.04
C PHE A 94 -8.46 0.26 7.18
N GLU A 95 -9.38 1.24 7.17
CA GLU A 95 -10.47 1.32 8.15
C GLU A 95 -11.66 0.50 7.65
N VAL A 96 -12.24 -0.31 8.54
CA VAL A 96 -13.33 -1.26 8.20
C VAL A 96 -14.70 -0.53 8.25
N ASP A 97 -15.64 -0.99 7.40
CA ASP A 97 -17.03 -0.49 7.37
C ASP A 97 -17.93 -1.60 6.80
N GLY A 98 -18.68 -2.28 7.68
CA GLY A 98 -19.53 -3.40 7.29
C GLY A 98 -18.72 -4.68 7.05
N ASP A 99 -18.77 -5.19 5.81
CA ASP A 99 -17.96 -6.36 5.37
C ASP A 99 -17.00 -5.93 4.24
N THR A 100 -16.74 -4.62 4.16
CA THR A 100 -15.84 -4.01 3.16
C THR A 100 -15.01 -2.92 3.84
N ILE A 101 -13.98 -2.44 3.13
CA ILE A 101 -13.09 -1.36 3.59
C ILE A 101 -13.40 -0.09 2.77
N ARG A 102 -13.66 1.03 3.46
CA ARG A 102 -14.09 2.31 2.83
C ARG A 102 -13.05 3.43 2.99
N ARG A 103 -11.89 3.11 3.57
CA ARG A 103 -10.81 4.09 3.75
C ARG A 103 -9.44 3.40 3.79
N VAL A 104 -8.48 3.98 3.07
CA VAL A 104 -7.06 3.59 3.12
C VAL A 104 -6.19 4.86 3.23
N THR A 105 -5.27 4.87 4.21
CA THR A 105 -4.32 5.98 4.39
C THR A 105 -2.90 5.45 4.17
N VAL A 106 -2.31 5.77 3.01
CA VAL A 106 -0.96 5.31 2.62
C VAL A 106 0.07 6.31 3.17
N THR A 107 0.94 5.82 4.07
CA THR A 107 1.86 6.68 4.82
C THR A 107 3.32 6.31 4.48
N GLN A 108 3.98 7.17 3.70
CA GLN A 108 5.40 6.98 3.32
C GLN A 108 6.31 7.39 4.51
N ASN A 109 7.14 6.46 4.97
CA ASN A 109 8.05 6.66 6.13
C ASN A 109 9.50 6.65 5.64
N GLY A 110 10.34 7.49 6.26
CA GLY A 110 11.75 7.62 5.90
C GLY A 110 12.47 8.60 6.80
N GLY A 111 13.12 9.62 6.20
CA GLY A 111 13.89 10.62 6.94
C GLY A 111 15.18 10.03 7.53
N SER A 112 15.16 9.76 8.84
CA SER A 112 16.28 9.11 9.57
C SER A 112 15.78 7.88 10.35
N LEU A 113 14.48 7.54 10.13
CA LEU A 113 13.79 6.43 10.80
C LEU A 113 13.84 6.61 12.33
N GLU A 114 13.19 7.68 12.81
CA GLU A 114 13.06 7.99 14.25
C GLU A 114 12.13 6.99 14.95
N HIS A 115 12.69 5.82 15.33
CA HIS A 115 11.96 4.76 16.04
C HIS A 115 12.87 4.09 17.08
N HIS A 116 12.26 3.53 18.12
CA HIS A 116 12.93 2.71 19.14
C HIS A 116 11.90 1.76 19.78
N HIS A 117 10.86 1.41 18.98
CA HIS A 117 9.75 0.56 19.42
C HIS A 117 10.26 -0.87 19.65
N HIS A 118 10.54 -1.18 20.91
CA HIS A 118 11.04 -2.50 21.33
C HIS A 118 9.86 -3.36 21.84
N HIS A 119 9.66 -4.50 21.18
CA HIS A 119 8.58 -5.44 21.51
C HIS A 119 8.98 -6.84 21.08
N HIS A 120 9.34 -7.70 22.06
CA HIS A 120 9.57 -9.13 21.82
C HIS A 120 8.21 -9.84 21.59
#